data_2DMD
#
_entry.id   2DMD
#
loop_
_entity.id
_entity.type
_entity.pdbx_description
1 polymer 'Zinc finger protein 64, isoforms 1 and 2'
2 non-polymer 'ZINC ION'
#
_entity_poly.entity_id   1
_entity_poly.type   'polypeptide(L)'
_entity_poly.pdbx_seq_one_letter_code
;GSSGSSGPHKCEVCGKCFSRKDKLKTHMRCHTGVKPYKCKTCDYAAADSSSLNKHLRIHSDERPFKCQICPYASRNSSQL
TVHLRSHTGDSGPSSG
;
_entity_poly.pdbx_strand_id   A
#
# COMPACT_ATOMS: atom_id res chain seq x y z
N GLY A 1 -7.96 -15.30 33.51
CA GLY A 1 -8.37 -13.93 33.80
C GLY A 1 -7.76 -12.92 32.85
N SER A 2 -8.30 -11.71 32.86
CA SER A 2 -7.80 -10.64 31.99
C SER A 2 -7.63 -9.34 32.76
N SER A 3 -6.50 -8.68 32.55
CA SER A 3 -6.21 -7.42 33.23
C SER A 3 -6.72 -6.24 32.42
N GLY A 4 -6.46 -6.26 31.12
CA GLY A 4 -6.90 -5.19 30.25
C GLY A 4 -5.77 -4.28 29.83
N SER A 5 -5.94 -3.61 28.69
CA SER A 5 -4.92 -2.71 28.17
C SER A 5 -5.54 -1.43 27.64
N SER A 6 -4.81 -0.32 27.77
CA SER A 6 -5.30 0.98 27.32
C SER A 6 -4.13 1.91 27.03
N GLY A 7 -4.44 3.07 26.44
CA GLY A 7 -3.41 4.04 26.12
C GLY A 7 -3.85 5.05 25.09
N PRO A 8 -2.96 6.00 24.75
CA PRO A 8 -3.26 7.04 23.77
C PRO A 8 -3.34 6.49 22.34
N HIS A 9 -4.27 7.03 21.56
CA HIS A 9 -4.45 6.59 20.18
C HIS A 9 -4.40 7.77 19.22
N LYS A 10 -3.23 8.01 18.65
CA LYS A 10 -3.05 9.12 17.71
C LYS A 10 -3.35 8.67 16.28
N CYS A 11 -3.93 9.58 15.50
CA CYS A 11 -4.27 9.28 14.11
C CYS A 11 -3.03 9.30 13.23
N GLU A 12 -2.02 8.53 13.62
CA GLU A 12 -0.77 8.47 12.87
C GLU A 12 -1.04 8.55 11.37
N VAL A 13 -2.09 7.87 10.92
CA VAL A 13 -2.45 7.86 9.51
C VAL A 13 -2.25 9.23 8.88
N CYS A 14 -2.72 10.28 9.57
CA CYS A 14 -2.58 11.64 9.08
C CYS A 14 -1.68 12.46 9.99
N GLY A 15 -1.81 12.25 11.30
CA GLY A 15 -1.00 12.97 12.25
C GLY A 15 -1.82 13.85 13.17
N LYS A 16 -3.03 13.40 13.51
CA LYS A 16 -3.92 14.14 14.38
C LYS A 16 -4.02 13.49 15.75
N CYS A 17 -3.52 14.18 16.78
CA CYS A 17 -3.56 13.66 18.13
C CYS A 17 -4.97 13.75 18.71
N PHE A 18 -5.48 12.61 19.19
CA PHE A 18 -6.81 12.56 19.77
C PHE A 18 -6.82 11.76 21.07
N SER A 19 -7.17 12.43 22.16
CA SER A 19 -7.21 11.79 23.47
C SER A 19 -8.55 11.12 23.71
N ARG A 20 -9.63 11.81 23.34
CA ARG A 20 -10.97 11.29 23.52
C ARG A 20 -11.26 10.19 22.50
N LYS A 21 -11.33 8.95 22.97
CA LYS A 21 -11.59 7.81 22.10
C LYS A 21 -12.83 8.06 21.25
N ASP A 22 -13.83 8.73 21.83
CA ASP A 22 -15.06 9.04 21.12
C ASP A 22 -14.77 9.86 19.87
N LYS A 23 -13.86 10.81 19.99
CA LYS A 23 -13.50 11.67 18.87
C LYS A 23 -12.87 10.85 17.74
N LEU A 24 -11.75 10.19 18.04
CA LEU A 24 -11.06 9.38 17.05
C LEU A 24 -12.01 8.39 16.40
N LYS A 25 -12.66 7.57 17.23
CA LYS A 25 -13.60 6.57 16.73
C LYS A 25 -14.36 7.11 15.51
N THR A 26 -14.69 8.39 15.53
CA THR A 26 -15.41 9.01 14.42
C THR A 26 -14.44 9.63 13.41
N HIS A 27 -13.34 10.18 13.92
CA HIS A 27 -12.34 10.79 13.07
C HIS A 27 -12.01 9.90 11.87
N MET A 28 -11.93 8.59 12.12
CA MET A 28 -11.63 7.63 11.07
C MET A 28 -12.61 7.77 9.91
N ARG A 29 -13.85 8.13 10.22
CA ARG A 29 -14.88 8.28 9.21
C ARG A 29 -14.29 8.86 7.92
N CYS A 30 -13.31 9.76 8.07
CA CYS A 30 -12.66 10.39 6.93
C CYS A 30 -11.76 9.39 6.20
N HIS A 31 -10.90 8.73 6.97
CA HIS A 31 -9.97 7.75 6.40
C HIS A 31 -10.65 6.39 6.24
N THR A 32 -11.53 6.28 5.25
CA THR A 32 -12.25 5.04 5.00
C THR A 32 -11.95 4.51 3.58
N GLY A 33 -10.80 3.87 3.43
CA GLY A 33 -10.42 3.34 2.14
C GLY A 33 -9.56 2.10 2.25
N VAL A 34 -10.19 0.94 2.29
CA VAL A 34 -9.48 -0.33 2.41
C VAL A 34 -9.27 -0.96 1.04
N LYS A 35 -8.62 -0.24 0.14
CA LYS A 35 -8.34 -0.73 -1.21
C LYS A 35 -6.88 -1.14 -1.35
N PRO A 36 -6.65 -2.42 -1.66
CA PRO A 36 -5.30 -2.96 -1.83
C PRO A 36 -4.64 -2.44 -3.10
N TYR A 37 -5.36 -1.61 -3.85
CA TYR A 37 -4.83 -1.04 -5.08
C TYR A 37 -4.47 0.44 -4.90
N LYS A 38 -3.22 0.69 -4.54
CA LYS A 38 -2.75 2.06 -4.32
C LYS A 38 -1.47 2.32 -5.11
N CYS A 39 -1.33 3.55 -5.60
CA CYS A 39 -0.14 3.93 -6.37
C CYS A 39 1.13 3.71 -5.56
N LYS A 40 2.27 3.70 -6.25
CA LYS A 40 3.55 3.51 -5.60
C LYS A 40 3.99 4.76 -4.86
N THR A 41 3.72 5.93 -5.46
CA THR A 41 4.09 7.20 -4.84
C THR A 41 2.85 7.98 -4.42
N CYS A 42 1.91 8.13 -5.36
CA CYS A 42 0.67 8.85 -5.08
C CYS A 42 -0.14 8.16 -4.01
N ASP A 43 -1.10 8.87 -3.43
CA ASP A 43 -1.96 8.32 -2.40
C ASP A 43 -3.35 8.02 -2.93
N TYR A 44 -3.41 7.55 -4.17
CA TYR A 44 -4.68 7.22 -4.81
C TYR A 44 -5.04 5.75 -4.60
N ALA A 45 -6.31 5.50 -4.28
CA ALA A 45 -6.78 4.15 -4.05
C ALA A 45 -7.90 3.78 -5.02
N ALA A 46 -7.74 2.66 -5.72
CA ALA A 46 -8.73 2.21 -6.68
C ALA A 46 -9.37 0.90 -6.21
N ALA A 47 -10.62 0.68 -6.62
CA ALA A 47 -11.35 -0.52 -6.26
C ALA A 47 -10.97 -1.69 -7.16
N ASP A 48 -10.96 -1.45 -8.46
CA ASP A 48 -10.61 -2.49 -9.43
C ASP A 48 -9.13 -2.40 -9.81
N SER A 49 -8.44 -3.53 -9.71
CA SER A 49 -7.01 -3.58 -10.03
C SER A 49 -6.71 -2.74 -11.27
N SER A 50 -7.29 -3.13 -12.40
CA SER A 50 -7.08 -2.42 -13.66
C SER A 50 -6.96 -0.92 -13.42
N SER A 51 -7.93 -0.37 -12.69
CA SER A 51 -7.93 1.06 -12.39
C SER A 51 -6.54 1.54 -12.00
N LEU A 52 -5.93 0.84 -11.05
CA LEU A 52 -4.60 1.19 -10.58
C LEU A 52 -3.55 0.95 -11.67
N ASN A 53 -3.72 -0.13 -12.41
CA ASN A 53 -2.80 -0.48 -13.48
C ASN A 53 -2.70 0.66 -14.50
N LYS A 54 -3.84 1.21 -14.86
CA LYS A 54 -3.89 2.31 -15.82
C LYS A 54 -3.26 3.58 -15.25
N HIS A 55 -3.54 3.84 -13.97
CA HIS A 55 -2.99 5.01 -13.29
C HIS A 55 -1.47 5.04 -13.41
N LEU A 56 -0.85 3.86 -13.36
CA LEU A 56 0.60 3.76 -13.46
C LEU A 56 1.09 4.19 -14.84
N ARG A 57 0.20 4.13 -15.82
CA ARG A 57 0.53 4.51 -17.19
C ARG A 57 1.09 5.94 -17.23
N ILE A 58 0.31 6.88 -16.71
CA ILE A 58 0.72 8.28 -16.69
C ILE A 58 2.15 8.43 -16.19
N HIS A 59 2.54 7.57 -15.24
CA HIS A 59 3.88 7.61 -14.68
C HIS A 59 4.89 7.03 -15.66
N SER A 60 5.81 7.87 -16.14
CA SER A 60 6.82 7.44 -17.08
C SER A 60 7.87 6.56 -16.39
N ASP A 61 7.77 5.26 -16.59
CA ASP A 61 8.71 4.31 -16.00
C ASP A 61 9.03 3.19 -16.97
N GLU A 62 10.33 3.03 -17.27
CA GLU A 62 10.77 1.99 -18.19
C GLU A 62 11.23 0.75 -17.43
N ARG A 63 10.33 -0.22 -17.30
CA ARG A 63 10.65 -1.46 -16.58
C ARG A 63 10.33 -2.68 -17.45
N PRO A 64 11.18 -2.93 -18.44
CA PRO A 64 11.01 -4.07 -19.36
C PRO A 64 11.25 -5.42 -18.68
N PHE A 65 12.13 -5.41 -17.67
CA PHE A 65 12.45 -6.62 -16.93
C PHE A 65 11.37 -6.94 -15.91
N LYS A 66 11.10 -8.23 -15.72
CA LYS A 66 10.08 -8.66 -14.77
C LYS A 66 10.45 -10.02 -14.16
N CYS A 67 10.45 -10.09 -12.84
CA CYS A 67 10.80 -11.32 -12.13
C CYS A 67 9.70 -12.37 -12.33
N GLN A 68 10.06 -13.63 -12.11
CA GLN A 68 9.12 -14.73 -12.26
C GLN A 68 8.38 -15.00 -10.95
N ILE A 69 9.14 -15.32 -9.90
CA ILE A 69 8.56 -15.60 -8.60
C ILE A 69 7.63 -14.47 -8.16
N CYS A 70 8.12 -13.24 -8.24
CA CYS A 70 7.33 -12.08 -7.85
C CYS A 70 7.12 -11.14 -9.04
N PRO A 71 6.02 -10.38 -9.00
CA PRO A 71 5.68 -9.43 -10.06
C PRO A 71 6.62 -8.23 -10.10
N TYR A 72 7.63 -8.26 -9.24
CA TYR A 72 8.60 -7.18 -9.17
C TYR A 72 9.15 -6.85 -10.55
N ALA A 73 9.78 -5.68 -10.67
CA ALA A 73 10.36 -5.25 -11.93
C ALA A 73 11.55 -4.32 -11.71
N SER A 74 12.42 -4.24 -12.71
CA SER A 74 13.61 -3.39 -12.61
C SER A 74 13.91 -2.73 -13.96
N ARG A 75 14.49 -1.54 -13.90
CA ARG A 75 14.83 -0.80 -15.11
C ARG A 75 16.06 -1.40 -15.79
N ASN A 76 16.88 -2.10 -15.00
CA ASN A 76 18.09 -2.73 -15.53
C ASN A 76 18.17 -4.18 -15.11
N SER A 77 18.83 -5.00 -15.92
CA SER A 77 18.98 -6.42 -15.63
C SER A 77 19.82 -6.64 -14.38
N SER A 78 20.94 -5.91 -14.29
CA SER A 78 21.83 -6.03 -13.15
C SER A 78 21.05 -6.05 -11.84
N GLN A 79 20.26 -5.00 -11.62
CA GLN A 79 19.44 -4.90 -10.41
C GLN A 79 18.68 -6.19 -10.15
N LEU A 80 18.05 -6.71 -11.19
CA LEU A 80 17.28 -7.95 -11.08
C LEU A 80 18.16 -9.09 -10.57
N THR A 81 19.38 -9.16 -11.06
CA THR A 81 20.32 -10.20 -10.65
C THR A 81 20.44 -10.26 -9.14
N VAL A 82 20.67 -9.12 -8.52
CA VAL A 82 20.82 -9.04 -7.07
C VAL A 82 19.48 -9.32 -6.38
N HIS A 83 18.40 -8.85 -6.99
CA HIS A 83 17.07 -9.04 -6.43
C HIS A 83 16.76 -10.53 -6.25
N LEU A 84 16.90 -11.29 -7.34
CA LEU A 84 16.64 -12.73 -7.31
C LEU A 84 17.17 -13.34 -6.01
N ARG A 85 18.40 -13.00 -5.66
CA ARG A 85 19.03 -13.52 -4.44
C ARG A 85 17.99 -13.68 -3.34
N SER A 86 17.11 -12.69 -3.20
CA SER A 86 16.07 -12.73 -2.18
C SER A 86 15.42 -14.11 -2.11
N HIS A 87 14.97 -14.59 -3.27
CA HIS A 87 14.32 -15.90 -3.34
C HIS A 87 15.29 -17.01 -2.97
N THR A 88 15.39 -17.29 -1.67
CA THR A 88 16.29 -18.33 -1.18
C THR A 88 15.63 -19.70 -1.26
N GLY A 89 14.40 -19.80 -0.77
CA GLY A 89 13.68 -21.06 -0.80
C GLY A 89 12.76 -21.17 -1.99
N ASP A 90 13.30 -21.00 -3.18
CA ASP A 90 12.50 -21.07 -4.40
C ASP A 90 12.14 -22.52 -4.74
N SER A 91 11.05 -23.00 -4.15
CA SER A 91 10.61 -24.37 -4.38
C SER A 91 10.10 -24.55 -5.81
N GLY A 92 10.82 -25.34 -6.59
CA GLY A 92 10.43 -25.57 -7.97
C GLY A 92 10.99 -26.87 -8.52
N PRO A 93 11.07 -26.97 -9.85
CA PRO A 93 11.59 -28.16 -10.53
C PRO A 93 13.09 -28.34 -10.32
N SER A 94 13.54 -29.59 -10.34
CA SER A 94 14.95 -29.91 -10.15
C SER A 94 15.23 -31.37 -10.44
N SER A 95 16.02 -31.63 -11.47
CA SER A 95 16.36 -32.99 -11.86
C SER A 95 17.75 -33.37 -11.36
N GLY A 96 18.06 -34.66 -11.40
CA GLY A 96 19.36 -35.13 -10.95
C GLY A 96 19.25 -36.23 -9.91
N GLY A 1 -3.69 37.47 33.40
CA GLY A 1 -4.80 36.52 33.43
C GLY A 1 -4.35 35.11 33.10
N SER A 2 -5.32 34.23 32.87
CA SER A 2 -5.03 32.83 32.56
C SER A 2 -6.27 32.11 32.06
N SER A 3 -6.10 31.26 31.05
CA SER A 3 -7.21 30.51 30.49
C SER A 3 -6.71 29.30 29.70
N GLY A 4 -7.63 28.42 29.32
CA GLY A 4 -7.26 27.24 28.56
C GLY A 4 -8.46 26.52 27.98
N SER A 5 -8.29 25.93 26.81
CA SER A 5 -9.37 25.22 26.15
C SER A 5 -8.81 24.15 25.19
N SER A 6 -9.52 23.03 25.09
CA SER A 6 -9.11 21.94 24.21
C SER A 6 -9.64 22.15 22.80
N GLY A 7 -8.72 22.23 21.83
CA GLY A 7 -9.12 22.42 20.45
C GLY A 7 -8.49 21.41 19.52
N PRO A 8 -8.93 20.15 19.63
CA PRO A 8 -8.41 19.06 18.80
C PRO A 8 -8.85 19.18 17.34
N HIS A 9 -8.70 18.10 16.59
CA HIS A 9 -9.07 18.09 15.18
C HIS A 9 -10.48 17.55 14.98
N LYS A 10 -11.20 18.09 14.01
CA LYS A 10 -12.56 17.66 13.72
C LYS A 10 -12.74 17.39 12.23
N CYS A 11 -13.49 16.35 11.91
CA CYS A 11 -13.76 15.99 10.52
C CYS A 11 -14.37 17.16 9.76
N GLU A 12 -14.33 17.07 8.43
CA GLU A 12 -14.89 18.12 7.59
C GLU A 12 -15.93 17.56 6.63
N VAL A 13 -16.02 16.23 6.57
CA VAL A 13 -16.98 15.56 5.70
C VAL A 13 -18.25 15.20 6.45
N CYS A 14 -18.10 14.76 7.70
CA CYS A 14 -19.23 14.38 8.53
C CYS A 14 -19.41 15.36 9.69
N GLY A 15 -18.29 15.92 10.15
CA GLY A 15 -18.34 16.86 11.25
C GLY A 15 -18.24 16.18 12.61
N LYS A 16 -17.50 15.06 12.65
CA LYS A 16 -17.33 14.31 13.88
C LYS A 16 -16.13 14.82 14.66
N CYS A 17 -16.04 14.44 15.93
CA CYS A 17 -14.93 14.85 16.79
C CYS A 17 -14.00 13.69 17.08
N PHE A 18 -12.74 14.00 17.39
CA PHE A 18 -11.75 12.98 17.70
C PHE A 18 -10.87 13.40 18.86
N SER A 19 -10.00 12.50 19.30
CA SER A 19 -9.10 12.77 20.42
C SER A 19 -7.69 13.06 19.92
N ARG A 20 -7.28 12.33 18.89
CA ARG A 20 -5.95 12.50 18.32
C ARG A 20 -6.02 12.69 16.81
N LYS A 21 -4.87 12.93 16.19
CA LYS A 21 -4.80 13.13 14.74
C LYS A 21 -4.87 11.80 14.01
N ASP A 22 -4.44 10.73 14.69
CA ASP A 22 -4.45 9.40 14.09
C ASP A 22 -5.87 8.84 14.04
N LYS A 23 -6.68 9.19 15.04
CA LYS A 23 -8.05 8.71 15.11
C LYS A 23 -8.83 9.15 13.86
N LEU A 24 -8.31 10.15 13.16
CA LEU A 24 -8.95 10.65 11.95
C LEU A 24 -8.42 9.92 10.72
N LYS A 25 -7.10 9.82 10.61
CA LYS A 25 -6.47 9.16 9.48
C LYS A 25 -7.26 7.90 9.08
N THR A 26 -7.70 7.16 10.09
CA THR A 26 -8.46 5.93 9.84
C THR A 26 -9.96 6.22 9.77
N HIS A 27 -10.38 7.30 10.42
CA HIS A 27 -11.78 7.69 10.43
C HIS A 27 -12.33 7.76 9.01
N MET A 28 -11.52 8.25 8.09
CA MET A 28 -11.93 8.37 6.68
C MET A 28 -12.44 7.03 6.15
N ARG A 29 -12.12 5.95 6.86
CA ARG A 29 -12.56 4.62 6.47
C ARG A 29 -14.08 4.52 6.43
N CYS A 30 -14.72 5.14 7.41
CA CYS A 30 -16.18 5.12 7.49
C CYS A 30 -16.80 5.85 6.31
N HIS A 31 -16.01 6.72 5.67
CA HIS A 31 -16.49 7.48 4.52
C HIS A 31 -16.04 6.83 3.21
N THR A 32 -16.83 5.87 2.75
CA THR A 32 -16.51 5.16 1.52
C THR A 32 -17.70 5.19 0.56
N GLY A 33 -17.42 4.97 -0.73
CA GLY A 33 -18.47 4.97 -1.72
C GLY A 33 -19.12 3.61 -1.88
N VAL A 34 -19.38 3.22 -3.13
CA VAL A 34 -20.01 1.93 -3.41
C VAL A 34 -19.08 1.03 -4.22
N LYS A 35 -18.06 1.63 -4.81
CA LYS A 35 -17.09 0.89 -5.61
C LYS A 35 -16.28 -0.07 -4.74
N PRO A 36 -16.33 -1.36 -5.07
CA PRO A 36 -15.59 -2.39 -4.34
C PRO A 36 -14.09 -2.30 -4.53
N TYR A 37 -13.68 -1.41 -5.44
CA TYR A 37 -12.26 -1.23 -5.72
C TYR A 37 -11.76 0.09 -5.16
N LYS A 38 -11.19 0.04 -3.96
CA LYS A 38 -10.66 1.23 -3.30
C LYS A 38 -9.21 1.03 -2.88
N CYS A 39 -8.41 2.07 -3.02
CA CYS A 39 -7.00 2.01 -2.65
C CYS A 39 -6.83 1.56 -1.20
N LYS A 40 -5.61 1.16 -0.85
CA LYS A 40 -5.33 0.70 0.50
C LYS A 40 -5.17 1.89 1.46
N THR A 41 -4.42 2.90 1.01
CA THR A 41 -4.19 4.08 1.82
C THR A 41 -5.01 5.26 1.30
N CYS A 42 -4.97 5.49 0.00
CA CYS A 42 -5.72 6.58 -0.61
C CYS A 42 -7.22 6.34 -0.49
N ASP A 43 -8.01 7.33 -0.92
CA ASP A 43 -9.46 7.23 -0.87
C ASP A 43 -10.06 7.22 -2.27
N TYR A 44 -9.28 6.77 -3.24
CA TYR A 44 -9.73 6.71 -4.63
C TYR A 44 -10.60 5.49 -4.87
N ALA A 45 -11.64 5.65 -5.69
CA ALA A 45 -12.54 4.56 -6.02
C ALA A 45 -12.57 4.30 -7.52
N ALA A 46 -12.41 3.03 -7.90
CA ALA A 46 -12.42 2.65 -9.30
C ALA A 46 -13.56 1.67 -9.60
N ALA A 47 -14.09 1.74 -10.82
CA ALA A 47 -15.18 0.87 -11.22
C ALA A 47 -14.66 -0.53 -11.54
N ASP A 48 -13.74 -0.61 -12.49
CA ASP A 48 -13.16 -1.89 -12.89
C ASP A 48 -11.90 -2.20 -12.10
N SER A 49 -11.43 -3.44 -12.20
CA SER A 49 -10.24 -3.87 -11.49
C SER A 49 -8.98 -3.28 -12.12
N SER A 50 -8.91 -3.35 -13.44
CA SER A 50 -7.75 -2.84 -14.18
C SER A 50 -7.63 -1.33 -13.99
N SER A 51 -8.70 -0.71 -13.48
CA SER A 51 -8.71 0.73 -13.26
C SER A 51 -7.94 1.09 -11.99
N LEU A 52 -8.05 0.24 -10.98
CA LEU A 52 -7.37 0.46 -9.71
C LEU A 52 -5.91 0.03 -9.79
N ASN A 53 -5.62 -0.89 -10.70
CA ASN A 53 -4.27 -1.39 -10.88
C ASN A 53 -3.34 -0.29 -11.38
N LYS A 54 -3.88 0.58 -12.22
CA LYS A 54 -3.09 1.68 -12.78
C LYS A 54 -2.78 2.72 -11.70
N HIS A 55 -3.73 2.93 -10.81
CA HIS A 55 -3.55 3.89 -9.72
C HIS A 55 -2.37 3.50 -8.82
N LEU A 56 -2.14 2.19 -8.72
CA LEU A 56 -1.05 1.68 -7.90
C LEU A 56 0.31 2.10 -8.46
N ARG A 57 0.36 2.30 -9.77
CA ARG A 57 1.59 2.72 -10.43
C ARG A 57 2.00 4.12 -10.01
N ILE A 58 1.07 5.06 -10.14
CA ILE A 58 1.33 6.45 -9.76
C ILE A 58 2.14 6.52 -8.46
N HIS A 59 1.99 5.50 -7.63
CA HIS A 59 2.71 5.45 -6.35
C HIS A 59 4.19 5.16 -6.57
N SER A 60 4.91 6.13 -7.11
CA SER A 60 6.33 5.98 -7.38
C SER A 60 7.11 5.85 -6.08
N ASP A 61 6.81 6.71 -5.12
CA ASP A 61 7.49 6.70 -3.83
C ASP A 61 7.81 5.27 -3.40
N GLU A 62 6.90 4.34 -3.71
CA GLU A 62 7.09 2.95 -3.35
C GLU A 62 8.54 2.52 -3.57
N ARG A 63 8.92 2.34 -4.83
CA ARG A 63 10.28 1.94 -5.18
C ARG A 63 10.77 2.68 -6.41
N PRO A 64 11.98 3.24 -6.33
CA PRO A 64 12.60 3.98 -7.42
C PRO A 64 12.99 3.08 -8.59
N PHE A 65 13.20 1.80 -8.30
CA PHE A 65 13.58 0.83 -9.34
C PHE A 65 12.42 -0.12 -9.64
N LYS A 66 12.39 -0.62 -10.86
CA LYS A 66 11.34 -1.54 -11.28
C LYS A 66 11.89 -2.59 -12.25
N CYS A 67 11.21 -3.73 -12.32
CA CYS A 67 11.63 -4.81 -13.19
C CYS A 67 10.83 -4.80 -14.50
N GLN A 68 11.43 -5.34 -15.56
CA GLN A 68 10.78 -5.37 -16.86
C GLN A 68 9.75 -6.49 -16.92
N ILE A 69 10.21 -7.73 -16.75
CA ILE A 69 9.34 -8.90 -16.77
C ILE A 69 8.14 -8.71 -15.84
N CYS A 70 8.43 -8.51 -14.55
CA CYS A 70 7.38 -8.32 -13.56
C CYS A 70 7.41 -6.90 -13.01
N PRO A 71 6.24 -6.42 -12.57
CA PRO A 71 6.11 -5.07 -12.01
C PRO A 71 6.80 -4.92 -10.65
N TYR A 72 7.46 -5.99 -10.22
CA TYR A 72 8.17 -5.97 -8.94
C TYR A 72 8.95 -4.68 -8.75
N ALA A 73 9.41 -4.45 -7.54
CA ALA A 73 10.18 -3.25 -7.22
C ALA A 73 11.03 -3.45 -5.97
N SER A 74 12.21 -2.84 -5.97
CA SER A 74 13.14 -2.95 -4.84
C SER A 74 13.81 -1.61 -4.55
N ARG A 75 14.05 -1.34 -3.27
CA ARG A 75 14.69 -0.10 -2.86
C ARG A 75 16.21 -0.23 -2.94
N ASN A 76 16.70 -0.87 -4.00
CA ASN A 76 18.13 -1.06 -4.17
C ASN A 76 18.46 -1.40 -5.63
N SER A 77 19.74 -1.56 -5.92
CA SER A 77 20.19 -1.88 -7.26
C SER A 77 20.57 -3.36 -7.38
N SER A 78 21.32 -3.84 -6.39
CA SER A 78 21.75 -5.23 -6.37
C SER A 78 20.56 -6.18 -6.29
N GLN A 79 19.73 -5.98 -5.28
CA GLN A 79 18.55 -6.81 -5.09
C GLN A 79 17.87 -7.11 -6.42
N LEU A 80 17.77 -6.09 -7.27
CA LEU A 80 17.13 -6.24 -8.58
C LEU A 80 17.94 -7.20 -9.46
N THR A 81 19.25 -7.02 -9.46
CA THR A 81 20.13 -7.87 -10.25
C THR A 81 19.90 -9.34 -9.97
N VAL A 82 19.96 -9.71 -8.70
CA VAL A 82 19.74 -11.09 -8.29
C VAL A 82 18.32 -11.54 -8.59
N HIS A 83 17.36 -10.66 -8.34
CA HIS A 83 15.96 -10.97 -8.58
C HIS A 83 15.75 -11.45 -10.02
N LEU A 84 16.29 -10.70 -10.98
CA LEU A 84 16.16 -11.06 -12.38
C LEU A 84 16.42 -12.55 -12.59
N ARG A 85 17.58 -13.01 -12.16
CA ARG A 85 17.95 -14.41 -12.31
C ARG A 85 16.73 -15.31 -12.11
N SER A 86 15.96 -15.03 -11.07
CA SER A 86 14.77 -15.81 -10.77
C SER A 86 14.01 -16.16 -12.05
N HIS A 87 13.74 -15.15 -12.86
CA HIS A 87 13.02 -15.35 -14.11
C HIS A 87 13.72 -16.38 -14.99
N THR A 88 15.01 -16.15 -15.24
CA THR A 88 15.79 -17.07 -16.06
C THR A 88 16.69 -17.95 -15.20
N GLY A 89 16.32 -19.22 -15.09
CA GLY A 89 17.10 -20.15 -14.29
C GLY A 89 16.23 -21.17 -13.56
N ASP A 90 15.69 -20.77 -12.43
CA ASP A 90 14.84 -21.65 -11.63
C ASP A 90 13.66 -22.15 -12.46
N SER A 91 13.50 -23.47 -12.51
CA SER A 91 12.41 -24.07 -13.27
C SER A 91 11.09 -23.97 -12.51
N GLY A 92 11.08 -24.50 -11.28
CA GLY A 92 9.87 -24.45 -10.47
C GLY A 92 9.73 -25.68 -9.58
N PRO A 93 9.10 -25.48 -8.40
CA PRO A 93 8.90 -26.56 -7.44
C PRO A 93 7.88 -27.59 -7.93
N SER A 94 8.15 -28.86 -7.65
CA SER A 94 7.26 -29.94 -8.07
C SER A 94 5.80 -29.54 -7.90
N SER A 95 5.02 -29.69 -8.97
CA SER A 95 3.61 -29.34 -8.94
C SER A 95 2.74 -30.57 -9.15
N GLY A 96 1.91 -30.89 -8.17
CA GLY A 96 1.03 -32.04 -8.25
C GLY A 96 1.73 -33.24 -8.87
N GLY A 1 -8.32 32.82 38.14
CA GLY A 1 -8.70 31.67 37.34
C GLY A 1 -8.77 31.98 35.86
N SER A 2 -8.44 30.98 35.04
CA SER A 2 -8.45 31.16 33.60
C SER A 2 -9.14 29.98 32.91
N SER A 3 -9.47 30.15 31.63
CA SER A 3 -10.14 29.11 30.87
C SER A 3 -9.36 28.77 29.61
N GLY A 4 -9.75 27.70 28.94
CA GLY A 4 -9.07 27.28 27.73
C GLY A 4 -9.96 27.37 26.50
N SER A 5 -9.38 27.15 25.33
CA SER A 5 -10.13 27.21 24.08
C SER A 5 -10.12 25.86 23.38
N SER A 6 -11.21 25.56 22.67
CA SER A 6 -11.33 24.30 21.94
C SER A 6 -12.24 24.45 20.73
N GLY A 7 -11.77 23.99 19.58
CA GLY A 7 -12.57 24.07 18.36
C GLY A 7 -13.23 22.77 18.01
N PRO A 8 -14.23 22.83 17.12
CA PRO A 8 -14.97 21.64 16.67
C PRO A 8 -14.12 20.72 15.80
N HIS A 9 -14.02 19.46 16.21
CA HIS A 9 -13.24 18.47 15.46
C HIS A 9 -14.09 17.79 14.40
N LYS A 10 -13.86 18.16 13.14
CA LYS A 10 -14.61 17.59 12.03
C LYS A 10 -13.71 16.69 11.18
N CYS A 11 -14.25 15.55 10.77
CA CYS A 11 -13.51 14.59 9.96
C CYS A 11 -12.92 15.28 8.72
N GLU A 12 -12.19 14.51 7.92
CA GLU A 12 -11.58 15.04 6.70
C GLU A 12 -11.88 14.14 5.51
N VAL A 13 -11.79 12.83 5.73
CA VAL A 13 -12.04 11.86 4.67
C VAL A 13 -13.47 11.99 4.14
N CYS A 14 -14.42 12.20 5.04
CA CYS A 14 -15.82 12.35 4.68
C CYS A 14 -16.32 13.76 4.94
N GLY A 15 -15.88 14.33 6.06
CA GLY A 15 -16.30 15.68 6.42
C GLY A 15 -17.50 15.70 7.33
N LYS A 16 -17.49 14.85 8.34
CA LYS A 16 -18.58 14.76 9.30
C LYS A 16 -18.30 15.59 10.55
N CYS A 17 -19.31 15.76 11.39
CA CYS A 17 -19.16 16.53 12.61
C CYS A 17 -19.32 15.64 13.84
N PHE A 18 -18.73 16.06 14.95
CA PHE A 18 -18.80 15.30 16.19
C PHE A 18 -18.85 16.22 17.40
N SER A 19 -19.02 15.64 18.58
CA SER A 19 -19.08 16.41 19.82
C SER A 19 -17.82 16.22 20.64
N ARG A 20 -17.46 14.95 20.89
CA ARG A 20 -16.28 14.63 21.67
C ARG A 20 -15.16 14.12 20.77
N LYS A 21 -13.92 14.31 21.19
CA LYS A 21 -12.76 13.86 20.43
C LYS A 21 -12.77 12.34 20.28
N ASP A 22 -13.18 11.65 21.34
CA ASP A 22 -13.23 10.19 21.33
C ASP A 22 -14.08 9.69 20.16
N LYS A 23 -15.27 10.25 20.02
CA LYS A 23 -16.18 9.87 18.95
C LYS A 23 -15.43 9.68 17.63
N LEU A 24 -14.53 10.61 17.34
CA LEU A 24 -13.75 10.54 16.11
C LEU A 24 -12.77 9.37 16.15
N LYS A 25 -12.12 9.20 17.30
CA LYS A 25 -11.16 8.11 17.47
C LYS A 25 -11.64 6.84 16.79
N THR A 26 -12.83 6.39 17.16
CA THR A 26 -13.41 5.19 16.58
C THR A 26 -13.89 5.43 15.15
N HIS A 27 -14.42 6.63 14.91
CA HIS A 27 -14.92 6.99 13.59
C HIS A 27 -14.00 6.44 12.50
N MET A 28 -12.70 6.67 12.65
CA MET A 28 -11.72 6.21 11.68
C MET A 28 -11.87 4.71 11.45
N ARG A 29 -12.13 3.97 12.51
CA ARG A 29 -12.29 2.52 12.42
C ARG A 29 -13.30 2.15 11.33
N CYS A 30 -14.36 2.94 11.23
CA CYS A 30 -15.40 2.71 10.23
C CYS A 30 -14.92 3.12 8.85
N HIS A 31 -13.84 3.89 8.80
CA HIS A 31 -13.29 4.35 7.53
C HIS A 31 -12.26 3.35 6.99
N THR A 32 -12.54 2.81 5.81
CA THR A 32 -11.65 1.84 5.19
C THR A 32 -11.48 2.13 3.69
N GLY A 33 -10.27 1.93 3.20
CA GLY A 33 -10.00 2.17 1.78
C GLY A 33 -8.76 3.01 1.57
N VAL A 34 -7.60 2.39 1.70
CA VAL A 34 -6.33 3.08 1.52
C VAL A 34 -5.83 2.95 0.09
N LYS A 35 -6.16 1.82 -0.53
CA LYS A 35 -5.74 1.56 -1.91
C LYS A 35 -6.94 1.21 -2.79
N PRO A 36 -7.79 2.21 -3.07
CA PRO A 36 -8.98 2.03 -3.89
C PRO A 36 -8.65 1.79 -5.36
N TYR A 37 -7.52 2.33 -5.80
CA TYR A 37 -7.08 2.17 -7.18
C TYR A 37 -6.47 0.79 -7.40
N LYS A 38 -7.28 -0.13 -7.91
CA LYS A 38 -6.82 -1.49 -8.17
C LYS A 38 -7.09 -1.89 -9.62
N CYS A 39 -6.05 -2.33 -10.30
CA CYS A 39 -6.16 -2.74 -11.70
C CYS A 39 -7.29 -3.74 -11.88
N LYS A 40 -7.99 -3.65 -13.01
CA LYS A 40 -9.11 -4.56 -13.29
C LYS A 40 -8.64 -6.00 -13.31
N THR A 41 -7.66 -6.30 -14.16
CA THR A 41 -7.13 -7.66 -14.28
C THR A 41 -6.22 -7.98 -13.09
N CYS A 42 -5.12 -7.23 -12.97
CA CYS A 42 -4.18 -7.45 -11.88
C CYS A 42 -4.83 -7.13 -10.52
N ASP A 43 -4.20 -7.62 -9.45
CA ASP A 43 -4.71 -7.39 -8.11
C ASP A 43 -3.77 -6.48 -7.32
N TYR A 44 -3.19 -5.51 -8.01
CA TYR A 44 -2.27 -4.58 -7.37
C TYR A 44 -3.02 -3.45 -6.69
N ALA A 45 -2.60 -3.13 -5.46
CA ALA A 45 -3.23 -2.07 -4.69
C ALA A 45 -2.43 -0.78 -4.76
N ALA A 46 -3.01 0.25 -5.37
CA ALA A 46 -2.34 1.54 -5.50
C ALA A 46 -2.92 2.56 -4.53
N ALA A 47 -2.07 3.46 -4.05
CA ALA A 47 -2.50 4.49 -3.10
C ALA A 47 -3.06 5.70 -3.84
N ASP A 48 -2.28 6.23 -4.77
CA ASP A 48 -2.70 7.40 -5.54
C ASP A 48 -3.25 6.97 -6.91
N SER A 49 -3.96 7.88 -7.56
CA SER A 49 -4.54 7.60 -8.87
C SER A 49 -3.45 7.32 -9.90
N SER A 50 -2.58 8.29 -10.10
CA SER A 50 -1.49 8.14 -11.07
C SER A 50 -0.80 6.79 -10.90
N SER A 51 -0.59 6.39 -9.65
CA SER A 51 0.06 5.11 -9.36
C SER A 51 -0.50 4.00 -10.25
N LEU A 52 -1.82 4.01 -10.44
CA LEU A 52 -2.49 3.01 -11.26
C LEU A 52 -2.42 3.37 -12.73
N ASN A 53 -2.70 4.64 -13.03
CA ASN A 53 -2.67 5.12 -14.41
C ASN A 53 -1.33 4.80 -15.07
N LYS A 54 -0.27 4.76 -14.27
CA LYS A 54 1.06 4.46 -14.77
C LYS A 54 1.29 2.95 -14.85
N HIS A 55 0.73 2.23 -13.88
CA HIS A 55 0.88 0.77 -13.85
C HIS A 55 0.43 0.15 -15.16
N LEU A 56 -0.58 0.75 -15.79
CA LEU A 56 -1.11 0.25 -17.05
C LEU A 56 -0.10 0.45 -18.17
N ARG A 57 0.87 1.33 -17.94
CA ARG A 57 1.90 1.62 -18.93
C ARG A 57 2.73 0.37 -19.24
N ILE A 58 2.86 -0.49 -18.24
CA ILE A 58 3.62 -1.73 -18.41
C ILE A 58 2.89 -2.71 -19.31
N HIS A 59 1.56 -2.69 -19.24
CA HIS A 59 0.74 -3.58 -20.04
C HIS A 59 1.02 -3.38 -21.54
N SER A 60 1.26 -2.13 -21.92
CA SER A 60 1.54 -1.81 -23.31
C SER A 60 2.65 -2.69 -23.87
N ASP A 61 3.68 -2.92 -23.06
CA ASP A 61 4.81 -3.75 -23.46
C ASP A 61 4.78 -5.09 -22.75
N GLU A 62 5.78 -5.92 -23.02
CA GLU A 62 5.86 -7.24 -22.40
C GLU A 62 7.08 -7.32 -21.47
N ARG A 63 6.99 -8.20 -20.47
CA ARG A 63 8.07 -8.38 -19.52
C ARG A 63 8.34 -9.86 -19.28
N PRO A 64 9.46 -10.36 -19.83
CA PRO A 64 9.86 -11.76 -19.70
C PRO A 64 10.31 -12.09 -18.28
N PHE A 65 10.90 -11.12 -17.60
CA PHE A 65 11.37 -11.31 -16.24
C PHE A 65 10.26 -11.01 -15.23
N LYS A 66 9.97 -11.99 -14.38
CA LYS A 66 8.94 -11.84 -13.36
C LYS A 66 9.36 -12.47 -12.05
N CYS A 67 9.16 -11.74 -10.96
CA CYS A 67 9.54 -12.22 -9.63
C CYS A 67 8.67 -13.41 -9.22
N GLN A 68 9.13 -14.16 -8.23
CA GLN A 68 8.40 -15.33 -7.75
C GLN A 68 7.51 -14.96 -6.56
N ILE A 69 8.12 -14.39 -5.53
CA ILE A 69 7.39 -13.98 -4.34
C ILE A 69 6.27 -13.01 -4.69
N CYS A 70 6.63 -11.90 -5.32
CA CYS A 70 5.65 -10.89 -5.72
C CYS A 70 5.38 -10.95 -7.22
N PRO A 71 4.17 -10.53 -7.61
CA PRO A 71 3.74 -10.53 -9.01
C PRO A 71 4.49 -9.48 -9.84
N TYR A 72 5.43 -8.79 -9.20
CA TYR A 72 6.21 -7.76 -9.87
C TYR A 72 6.68 -8.24 -11.24
N ALA A 73 7.20 -7.31 -12.04
CA ALA A 73 7.69 -7.64 -13.38
C ALA A 73 8.66 -6.58 -13.88
N SER A 74 9.59 -7.00 -14.72
CA SER A 74 10.60 -6.08 -15.27
C SER A 74 10.97 -6.49 -16.69
N ARG A 75 11.39 -5.51 -17.49
CA ARG A 75 11.78 -5.76 -18.87
C ARG A 75 13.17 -6.39 -18.93
N ASN A 76 14.11 -5.82 -18.18
CA ASN A 76 15.48 -6.32 -18.16
C ASN A 76 15.72 -7.18 -16.91
N SER A 77 16.88 -7.83 -16.87
CA SER A 77 17.23 -8.68 -15.74
C SER A 77 17.74 -7.85 -14.57
N SER A 78 18.70 -6.97 -14.86
CA SER A 78 19.28 -6.11 -13.83
C SER A 78 18.22 -5.65 -12.84
N GLN A 79 17.17 -5.01 -13.35
CA GLN A 79 16.10 -4.52 -12.52
C GLN A 79 15.65 -5.58 -11.51
N LEU A 80 15.46 -6.80 -12.00
CA LEU A 80 15.04 -7.91 -11.15
C LEU A 80 16.14 -8.29 -10.16
N THR A 81 17.37 -8.36 -10.65
CA THR A 81 18.51 -8.71 -9.82
C THR A 81 18.58 -7.81 -8.58
N VAL A 82 18.25 -6.54 -8.77
CA VAL A 82 18.28 -5.57 -7.68
C VAL A 82 17.03 -5.69 -6.81
N HIS A 83 15.88 -5.76 -7.47
CA HIS A 83 14.61 -5.89 -6.75
C HIS A 83 14.62 -7.09 -5.82
N LEU A 84 15.02 -8.23 -6.35
CA LEU A 84 15.08 -9.46 -5.56
C LEU A 84 15.67 -9.20 -4.18
N ARG A 85 16.86 -8.59 -4.16
CA ARG A 85 17.52 -8.28 -2.90
C ARG A 85 16.52 -7.89 -1.82
N SER A 86 15.53 -7.09 -2.20
CA SER A 86 14.51 -6.64 -1.27
C SER A 86 13.95 -7.81 -0.47
N HIS A 87 13.54 -8.86 -1.19
CA HIS A 87 12.98 -10.05 -0.54
C HIS A 87 14.04 -10.75 0.30
N THR A 88 14.26 -10.24 1.51
CA THR A 88 15.24 -10.83 2.41
C THR A 88 14.84 -10.62 3.87
N GLY A 89 15.05 -11.63 4.70
CA GLY A 89 14.72 -11.53 6.10
C GLY A 89 13.47 -10.71 6.34
N ASP A 90 12.32 -11.24 5.96
CA ASP A 90 11.05 -10.55 6.14
C ASP A 90 10.58 -10.61 7.59
N SER A 91 10.29 -9.44 8.17
CA SER A 91 9.84 -9.37 9.55
C SER A 91 8.76 -10.42 9.83
N GLY A 92 7.63 -10.29 9.14
CA GLY A 92 6.54 -11.22 9.32
C GLY A 92 5.23 -10.69 8.77
N PRO A 93 4.39 -11.59 8.26
CA PRO A 93 3.08 -11.23 7.69
C PRO A 93 2.09 -10.78 8.76
N SER A 94 1.40 -9.67 8.51
CA SER A 94 0.43 -9.14 9.45
C SER A 94 -0.75 -8.52 8.72
N SER A 95 -1.91 -8.53 9.36
CA SER A 95 -3.12 -7.96 8.78
C SER A 95 -4.27 -7.97 9.78
N GLY A 96 -5.37 -7.31 9.41
CA GLY A 96 -6.53 -7.26 10.29
C GLY A 96 -7.62 -8.23 9.89
N GLY A 1 -27.80 12.38 47.98
CA GLY A 1 -28.10 12.83 46.63
C GLY A 1 -26.86 12.97 45.78
N SER A 2 -26.94 12.50 44.54
CA SER A 2 -25.81 12.57 43.61
C SER A 2 -26.28 12.39 42.17
N SER A 3 -25.55 13.00 41.25
CA SER A 3 -25.88 12.92 39.83
C SER A 3 -24.66 13.16 38.96
N GLY A 4 -24.51 12.36 37.91
CA GLY A 4 -23.38 12.51 37.01
C GLY A 4 -23.69 12.04 35.61
N SER A 5 -23.99 13.00 34.72
CA SER A 5 -24.31 12.68 33.34
C SER A 5 -23.27 13.26 32.39
N SER A 6 -22.81 12.44 31.45
CA SER A 6 -21.80 12.88 30.49
C SER A 6 -22.23 12.53 29.06
N GLY A 7 -22.32 13.55 28.21
CA GLY A 7 -22.72 13.32 26.84
C GLY A 7 -21.85 12.29 26.14
N PRO A 8 -22.46 11.15 25.78
CA PRO A 8 -21.74 10.06 25.11
C PRO A 8 -21.37 10.42 23.67
N HIS A 9 -20.42 9.67 23.10
CA HIS A 9 -19.98 9.92 21.73
C HIS A 9 -20.36 8.75 20.83
N LYS A 10 -21.44 8.94 20.07
CA LYS A 10 -21.90 7.90 19.15
C LYS A 10 -21.95 8.42 17.72
N CYS A 11 -21.34 7.66 16.80
CA CYS A 11 -21.30 8.05 15.40
C CYS A 11 -22.70 8.41 14.90
N GLU A 12 -22.76 8.93 13.68
CA GLU A 12 -24.04 9.33 13.09
C GLU A 12 -24.19 8.70 11.70
N VAL A 13 -23.14 8.06 11.22
CA VAL A 13 -23.16 7.42 9.90
C VAL A 13 -23.34 5.91 10.03
N CYS A 14 -22.65 5.33 11.02
CA CYS A 14 -22.73 3.89 11.24
C CYS A 14 -23.26 3.58 12.64
N GLY A 15 -23.59 4.63 13.38
CA GLY A 15 -24.12 4.46 14.73
C GLY A 15 -23.23 3.57 15.58
N LYS A 16 -21.93 3.60 15.32
CA LYS A 16 -20.98 2.80 16.06
C LYS A 16 -20.75 3.37 17.45
N CYS A 17 -20.64 2.49 18.44
CA CYS A 17 -20.41 2.91 19.82
C CYS A 17 -18.93 3.18 20.07
N PHE A 18 -18.65 4.21 20.87
CA PHE A 18 -17.27 4.58 21.19
C PHE A 18 -17.18 5.13 22.61
N SER A 19 -15.95 5.41 23.04
CA SER A 19 -15.72 5.95 24.38
C SER A 19 -15.06 7.32 24.31
N ARG A 20 -13.88 7.38 23.71
CA ARG A 20 -13.15 8.63 23.58
C ARG A 20 -13.58 9.38 22.32
N LYS A 21 -13.54 10.71 22.39
CA LYS A 21 -13.92 11.54 21.26
C LYS A 21 -12.88 11.45 20.14
N ASP A 22 -11.61 11.43 20.52
CA ASP A 22 -10.51 11.35 19.56
C ASP A 22 -10.81 10.28 18.51
N LYS A 23 -11.15 9.08 18.97
CA LYS A 23 -11.44 7.98 18.07
C LYS A 23 -12.45 8.40 17.00
N LEU A 24 -13.48 9.15 17.42
CA LEU A 24 -14.50 9.61 16.49
C LEU A 24 -13.89 10.46 15.38
N LYS A 25 -13.09 11.45 15.76
CA LYS A 25 -12.44 12.32 14.80
C LYS A 25 -11.94 11.54 13.60
N THR A 26 -10.99 10.64 13.83
CA THR A 26 -10.43 9.83 12.76
C THR A 26 -11.46 8.83 12.24
N HIS A 27 -12.31 8.34 13.13
CA HIS A 27 -13.35 7.38 12.76
C HIS A 27 -14.10 7.85 11.51
N MET A 28 -14.05 9.16 11.26
CA MET A 28 -14.74 9.73 10.11
C MET A 28 -13.84 9.70 8.88
N ARG A 29 -12.53 9.76 9.10
CA ARG A 29 -11.57 9.73 8.00
C ARG A 29 -11.66 8.43 7.23
N CYS A 30 -12.44 7.48 7.76
CA CYS A 30 -12.62 6.18 7.11
C CYS A 30 -14.06 6.01 6.64
N HIS A 31 -14.83 7.10 6.65
CA HIS A 31 -16.22 7.06 6.22
C HIS A 31 -16.39 7.75 4.87
N THR A 32 -15.79 7.18 3.83
CA THR A 32 -15.88 7.74 2.49
C THR A 32 -16.74 6.86 1.59
N GLY A 33 -18.00 6.71 1.96
CA GLY A 33 -18.91 5.90 1.16
C GLY A 33 -18.47 4.45 1.07
N VAL A 34 -18.45 3.91 -0.14
CA VAL A 34 -18.04 2.52 -0.36
C VAL A 34 -16.95 2.43 -1.42
N LYS A 35 -16.07 3.44 -1.44
CA LYS A 35 -14.98 3.47 -2.40
C LYS A 35 -13.63 3.32 -1.69
N PRO A 36 -13.34 2.09 -1.24
CA PRO A 36 -12.08 1.78 -0.55
C PRO A 36 -10.88 1.82 -1.48
N TYR A 37 -11.13 1.67 -2.77
CA TYR A 37 -10.07 1.69 -3.77
C TYR A 37 -9.42 3.07 -3.84
N LYS A 38 -8.37 3.27 -3.06
CA LYS A 38 -7.66 4.54 -3.03
C LYS A 38 -6.17 4.33 -3.26
N CYS A 39 -5.62 5.03 -4.25
CA CYS A 39 -4.20 4.92 -4.58
C CYS A 39 -3.34 5.16 -3.34
N LYS A 40 -2.33 4.33 -3.15
CA LYS A 40 -1.43 4.45 -2.02
C LYS A 40 -0.78 5.83 -1.99
N THR A 41 -0.40 6.33 -3.17
CA THR A 41 0.23 7.64 -3.27
C THR A 41 -0.81 8.74 -3.48
N CYS A 42 -1.54 8.65 -4.59
CA CYS A 42 -2.57 9.64 -4.91
C CYS A 42 -3.74 9.51 -3.96
N ASP A 43 -4.62 10.51 -3.98
CA ASP A 43 -5.81 10.52 -3.13
C ASP A 43 -7.07 10.34 -3.95
N TYR A 44 -7.01 9.49 -4.97
CA TYR A 44 -8.15 9.23 -5.83
C TYR A 44 -8.98 8.06 -5.31
N ALA A 45 -10.29 8.23 -5.30
CA ALA A 45 -11.20 7.19 -4.83
C ALA A 45 -12.05 6.64 -5.98
N ALA A 46 -11.99 5.33 -6.18
CA ALA A 46 -12.75 4.68 -7.24
C ALA A 46 -13.72 3.66 -6.66
N ALA A 47 -14.94 3.63 -7.21
CA ALA A 47 -15.96 2.70 -6.75
C ALA A 47 -15.93 1.42 -7.57
N ASP A 48 -14.74 1.03 -8.02
CA ASP A 48 -14.59 -0.18 -8.82
C ASP A 48 -13.13 -0.65 -8.81
N SER A 49 -12.94 -1.96 -8.84
CA SER A 49 -11.61 -2.55 -8.83
C SER A 49 -10.83 -2.17 -10.10
N SER A 50 -11.54 -2.15 -11.23
CA SER A 50 -10.92 -1.81 -12.50
C SER A 50 -10.50 -0.35 -12.54
N SER A 51 -11.43 0.53 -12.15
CA SER A 51 -11.16 1.97 -12.14
C SER A 51 -9.82 2.26 -11.47
N LEU A 52 -9.53 1.55 -10.39
CA LEU A 52 -8.29 1.73 -9.65
C LEU A 52 -7.12 1.12 -10.41
N ASN A 53 -7.38 0.02 -11.10
CA ASN A 53 -6.35 -0.66 -11.87
C ASN A 53 -5.87 0.21 -13.04
N LYS A 54 -6.81 0.79 -13.75
CA LYS A 54 -6.50 1.64 -14.89
C LYS A 54 -5.69 2.86 -14.45
N HIS A 55 -5.87 3.25 -13.19
CA HIS A 55 -5.17 4.41 -12.64
C HIS A 55 -3.72 4.05 -12.33
N LEU A 56 -3.50 2.86 -11.80
CA LEU A 56 -2.17 2.39 -11.46
C LEU A 56 -1.25 2.40 -12.68
N ARG A 57 -1.87 2.39 -13.87
CA ARG A 57 -1.10 2.39 -15.11
C ARG A 57 -0.24 3.65 -15.21
N ILE A 58 -0.88 4.82 -15.18
CA ILE A 58 -0.17 6.09 -15.27
C ILE A 58 1.16 6.02 -14.53
N HIS A 59 1.15 5.39 -13.36
CA HIS A 59 2.37 5.26 -12.56
C HIS A 59 3.38 4.36 -13.26
N SER A 60 4.48 4.96 -13.70
CA SER A 60 5.54 4.21 -14.39
C SER A 60 6.55 3.68 -13.40
N ASP A 61 7.44 2.81 -13.88
CA ASP A 61 8.48 2.23 -13.04
C ASP A 61 9.86 2.65 -13.50
N GLU A 62 10.80 2.74 -12.56
CA GLU A 62 12.17 3.13 -12.87
C GLU A 62 13.14 1.98 -12.62
N ARG A 63 13.35 1.16 -13.65
CA ARG A 63 14.26 0.02 -13.54
C ARG A 63 15.30 0.06 -14.65
N PRO A 64 16.42 0.75 -14.39
CA PRO A 64 17.52 0.88 -15.35
C PRO A 64 18.26 -0.44 -15.55
N PHE A 65 18.38 -1.21 -14.47
CA PHE A 65 19.07 -2.49 -14.53
C PHE A 65 18.18 -3.57 -15.12
N LYS A 66 18.69 -4.29 -16.11
CA LYS A 66 17.95 -5.35 -16.77
C LYS A 66 18.87 -6.51 -17.15
N CYS A 67 18.42 -7.73 -16.88
CA CYS A 67 19.20 -8.91 -17.20
C CYS A 67 19.33 -9.09 -18.71
N GLN A 68 20.54 -9.40 -19.16
CA GLN A 68 20.80 -9.60 -20.58
C GLN A 68 20.18 -10.90 -21.09
N ILE A 69 20.38 -11.96 -20.32
CA ILE A 69 19.84 -13.27 -20.68
C ILE A 69 18.32 -13.28 -20.60
N CYS A 70 17.78 -12.83 -19.46
CA CYS A 70 16.34 -12.78 -19.27
C CYS A 70 15.82 -11.36 -19.36
N PRO A 71 14.57 -11.20 -19.83
CA PRO A 71 13.94 -9.90 -19.97
C PRO A 71 13.62 -9.25 -18.62
N TYR A 72 13.99 -9.93 -17.54
CA TYR A 72 13.76 -9.43 -16.20
C TYR A 72 14.32 -8.02 -16.03
N ALA A 73 13.93 -7.34 -14.95
CA ALA A 73 14.41 -6.00 -14.68
C ALA A 73 14.22 -5.65 -13.20
N SER A 74 15.17 -4.89 -12.66
CA SER A 74 15.11 -4.49 -11.26
C SER A 74 15.50 -3.01 -11.10
N ARG A 75 15.43 -2.52 -9.87
CA ARG A 75 15.78 -1.13 -9.58
C ARG A 75 17.19 -1.03 -9.00
N ASN A 76 17.51 -1.96 -8.09
CA ASN A 76 18.82 -1.97 -7.45
C ASN A 76 19.73 -3.00 -8.11
N SER A 77 20.99 -2.62 -8.32
CA SER A 77 21.97 -3.50 -8.96
C SER A 77 22.13 -4.78 -8.14
N SER A 78 21.65 -4.76 -6.91
CA SER A 78 21.75 -5.92 -6.03
C SER A 78 20.72 -6.98 -6.41
N GLN A 79 19.50 -6.53 -6.71
CA GLN A 79 18.43 -7.45 -7.09
C GLN A 79 18.82 -8.29 -8.29
N LEU A 80 19.46 -7.65 -9.26
CA LEU A 80 19.90 -8.34 -10.47
C LEU A 80 20.98 -9.37 -10.16
N THR A 81 21.96 -8.97 -9.37
CA THR A 81 23.05 -9.85 -9.00
C THR A 81 22.53 -11.18 -8.45
N VAL A 82 21.59 -11.09 -7.51
CA VAL A 82 21.00 -12.29 -6.92
C VAL A 82 20.22 -13.10 -7.96
N HIS A 83 19.57 -12.39 -8.88
CA HIS A 83 18.79 -13.04 -9.93
C HIS A 83 19.69 -13.88 -10.82
N LEU A 84 20.77 -13.28 -11.32
CA LEU A 84 21.71 -13.97 -12.20
C LEU A 84 22.09 -15.33 -11.61
N ARG A 85 22.52 -15.33 -10.35
CA ARG A 85 22.91 -16.57 -9.69
C ARG A 85 22.00 -17.72 -10.10
N SER A 86 20.70 -17.46 -10.13
CA SER A 86 19.72 -18.47 -10.51
C SER A 86 20.20 -19.27 -11.71
N HIS A 87 20.62 -18.56 -12.75
CA HIS A 87 21.10 -19.20 -13.97
C HIS A 87 22.28 -20.11 -13.67
N THR A 88 23.13 -19.70 -12.73
CA THR A 88 24.30 -20.47 -12.36
C THR A 88 24.87 -20.00 -11.02
N GLY A 89 25.34 -20.94 -10.22
CA GLY A 89 25.91 -20.60 -8.93
C GLY A 89 26.93 -21.62 -8.45
N ASP A 90 27.38 -21.46 -7.21
CA ASP A 90 28.37 -22.37 -6.64
C ASP A 90 27.81 -23.79 -6.53
N SER A 91 28.43 -24.72 -7.25
CA SER A 91 27.98 -26.11 -7.23
C SER A 91 29.17 -27.06 -7.08
N GLY A 92 29.56 -27.33 -5.84
CA GLY A 92 30.68 -28.22 -5.59
C GLY A 92 30.36 -29.66 -5.91
N PRO A 93 31.13 -30.59 -5.34
CA PRO A 93 30.94 -32.03 -5.54
C PRO A 93 29.66 -32.55 -4.90
N SER A 94 29.24 -33.73 -5.31
CA SER A 94 28.02 -34.34 -4.77
C SER A 94 28.29 -35.78 -4.32
N SER A 95 28.09 -36.03 -3.02
CA SER A 95 28.31 -37.35 -2.47
C SER A 95 27.00 -38.14 -2.40
N GLY A 96 25.92 -37.50 -2.83
CA GLY A 96 24.63 -38.17 -2.82
C GLY A 96 24.18 -38.60 -4.19
N GLY A 1 -6.42 28.71 41.76
CA GLY A 1 -6.23 27.38 41.20
C GLY A 1 -7.53 26.73 40.79
N SER A 2 -7.57 26.22 39.57
CA SER A 2 -8.77 25.56 39.05
C SER A 2 -8.42 24.57 37.95
N SER A 3 -9.37 23.71 37.61
CA SER A 3 -9.16 22.70 36.56
C SER A 3 -10.44 21.93 36.30
N GLY A 4 -10.71 21.66 35.02
CA GLY A 4 -11.90 20.93 34.65
C GLY A 4 -12.29 21.13 33.21
N SER A 5 -12.55 20.05 32.50
CA SER A 5 -12.94 20.12 31.09
C SER A 5 -13.44 18.76 30.59
N SER A 6 -14.35 18.81 29.62
CA SER A 6 -14.91 17.58 29.06
C SER A 6 -15.75 17.89 27.81
N GLY A 7 -16.09 16.84 27.06
CA GLY A 7 -16.89 17.03 25.87
C GLY A 7 -16.63 15.95 24.84
N PRO A 8 -17.45 14.87 24.89
CA PRO A 8 -17.32 13.75 23.97
C PRO A 8 -17.75 14.12 22.54
N HIS A 9 -17.75 13.12 21.66
CA HIS A 9 -18.14 13.35 20.26
C HIS A 9 -19.29 12.43 19.88
N LYS A 10 -20.51 12.95 19.93
CA LYS A 10 -21.69 12.18 19.58
C LYS A 10 -22.29 12.68 18.26
N CYS A 11 -22.37 11.77 17.29
CA CYS A 11 -22.92 12.11 15.98
C CYS A 11 -24.29 12.76 16.12
N GLU A 12 -24.66 13.58 15.14
CA GLU A 12 -25.94 14.27 15.15
C GLU A 12 -26.75 13.94 13.90
N VAL A 13 -26.06 13.45 12.87
CA VAL A 13 -26.72 13.09 11.62
C VAL A 13 -27.52 11.80 11.76
N CYS A 14 -26.99 10.87 12.53
CA CYS A 14 -27.66 9.58 12.75
C CYS A 14 -27.94 9.37 14.24
N GLY A 15 -26.99 9.75 15.08
CA GLY A 15 -27.16 9.60 16.51
C GLY A 15 -26.40 8.40 17.07
N LYS A 16 -25.18 8.21 16.59
CA LYS A 16 -24.35 7.10 17.03
C LYS A 16 -23.33 7.56 18.07
N CYS A 17 -23.26 6.83 19.18
CA CYS A 17 -22.33 7.16 20.25
C CYS A 17 -20.94 6.62 19.95
N PHE A 18 -19.91 7.35 20.37
CA PHE A 18 -18.53 6.93 20.14
C PHE A 18 -17.64 7.35 21.31
N SER A 19 -16.69 6.48 21.66
CA SER A 19 -15.78 6.75 22.75
C SER A 19 -14.48 7.38 22.25
N ARG A 20 -13.98 6.86 21.13
CA ARG A 20 -12.74 7.36 20.55
C ARG A 20 -13.04 8.47 19.54
N LYS A 21 -12.05 9.31 19.29
CA LYS A 21 -12.20 10.41 18.34
C LYS A 21 -12.02 9.93 16.91
N ASP A 22 -11.07 9.02 16.71
CA ASP A 22 -10.81 8.47 15.38
C ASP A 22 -12.06 7.82 14.81
N LYS A 23 -12.69 6.95 15.60
CA LYS A 23 -13.89 6.26 15.17
C LYS A 23 -14.82 7.20 14.41
N LEU A 24 -15.19 8.30 15.05
CA LEU A 24 -16.07 9.28 14.44
C LEU A 24 -15.49 9.79 13.12
N LYS A 25 -14.19 10.03 13.10
CA LYS A 25 -13.51 10.51 11.91
C LYS A 25 -14.03 9.80 10.66
N THR A 26 -13.78 8.50 10.58
CA THR A 26 -14.22 7.69 9.45
C THR A 26 -15.74 7.63 9.39
N HIS A 27 -16.37 7.43 10.54
CA HIS A 27 -17.83 7.34 10.62
C HIS A 27 -18.48 8.34 9.67
N MET A 28 -17.79 9.44 9.41
CA MET A 28 -18.30 10.46 8.51
C MET A 28 -18.18 10.03 7.06
N ARG A 29 -17.03 9.48 6.70
CA ARG A 29 -16.79 9.02 5.34
C ARG A 29 -18.03 8.33 4.77
N CYS A 30 -18.71 7.57 5.61
CA CYS A 30 -19.91 6.85 5.19
C CYS A 30 -21.06 7.83 4.94
N HIS A 31 -21.44 8.57 5.98
CA HIS A 31 -22.53 9.54 5.87
C HIS A 31 -22.49 10.25 4.52
N THR A 32 -21.34 10.89 4.22
CA THR A 32 -21.18 11.61 2.96
C THR A 32 -19.77 11.45 2.43
N GLY A 33 -19.62 11.62 1.12
CA GLY A 33 -18.31 11.49 0.50
C GLY A 33 -17.89 10.05 0.33
N VAL A 34 -17.29 9.74 -0.82
CA VAL A 34 -16.84 8.38 -1.10
C VAL A 34 -15.53 8.39 -1.88
N LYS A 35 -14.87 7.23 -1.93
CA LYS A 35 -13.60 7.11 -2.65
C LYS A 35 -13.55 8.07 -3.83
N PRO A 36 -12.96 9.25 -3.60
CA PRO A 36 -12.83 10.29 -4.63
C PRO A 36 -11.83 9.90 -5.72
N TYR A 37 -10.64 9.48 -5.31
CA TYR A 37 -9.60 9.08 -6.25
C TYR A 37 -10.01 7.80 -6.98
N LYS A 38 -10.08 7.90 -8.32
CA LYS A 38 -10.45 6.76 -9.14
C LYS A 38 -9.44 6.56 -10.27
N CYS A 39 -9.25 5.31 -10.66
CA CYS A 39 -8.31 4.97 -11.74
C CYS A 39 -8.82 5.48 -13.08
N LYS A 40 -7.90 5.66 -14.03
CA LYS A 40 -8.26 6.14 -15.36
C LYS A 40 -8.64 4.97 -16.26
N THR A 41 -7.78 3.97 -16.32
CA THR A 41 -8.02 2.79 -17.15
C THR A 41 -9.14 1.92 -16.56
N CYS A 42 -8.97 1.52 -15.32
CA CYS A 42 -9.96 0.69 -14.64
C CYS A 42 -11.02 1.55 -13.96
N ASP A 43 -12.05 0.90 -13.41
CA ASP A 43 -13.13 1.61 -12.74
C ASP A 43 -12.99 1.48 -11.22
N TYR A 44 -11.78 1.15 -10.76
CA TYR A 44 -11.52 0.99 -9.34
C TYR A 44 -11.59 2.34 -8.62
N ALA A 45 -11.89 2.30 -7.32
CA ALA A 45 -11.98 3.51 -6.52
C ALA A 45 -11.20 3.35 -5.22
N ALA A 46 -10.47 4.40 -4.84
CA ALA A 46 -9.69 4.38 -3.61
C ALA A 46 -10.12 5.51 -2.67
N ALA A 47 -10.07 5.24 -1.37
CA ALA A 47 -10.44 6.23 -0.37
C ALA A 47 -9.32 7.24 -0.15
N ASP A 48 -8.10 6.75 -0.04
CA ASP A 48 -6.94 7.61 0.17
C ASP A 48 -6.22 7.88 -1.14
N SER A 49 -5.42 8.93 -1.18
CA SER A 49 -4.67 9.31 -2.37
C SER A 49 -3.54 8.32 -2.62
N SER A 50 -2.76 8.04 -1.57
CA SER A 50 -1.64 7.12 -1.69
C SER A 50 -2.10 5.73 -2.12
N SER A 51 -3.39 5.46 -1.91
CA SER A 51 -3.97 4.17 -2.27
C SER A 51 -3.99 3.99 -3.79
N LEU A 52 -4.44 5.02 -4.49
CA LEU A 52 -4.52 4.99 -5.95
C LEU A 52 -3.12 4.96 -6.56
N ASN A 53 -2.20 5.69 -5.95
CA ASN A 53 -0.82 5.74 -6.44
C ASN A 53 -0.23 4.34 -6.57
N LYS A 54 -0.60 3.47 -5.63
CA LYS A 54 -0.10 2.10 -5.63
C LYS A 54 -0.68 1.32 -6.80
N HIS A 55 -2.00 1.46 -7.02
CA HIS A 55 -2.67 0.77 -8.10
C HIS A 55 -1.92 0.96 -9.42
N LEU A 56 -1.52 2.19 -9.69
CA LEU A 56 -0.80 2.50 -10.92
C LEU A 56 0.31 1.49 -11.17
N ARG A 57 0.74 0.81 -10.11
CA ARG A 57 1.80 -0.19 -10.21
C ARG A 57 1.31 -1.41 -10.98
N ILE A 58 0.24 -2.02 -10.50
CA ILE A 58 -0.32 -3.20 -11.16
C ILE A 58 -0.22 -3.09 -12.67
N HIS A 59 -0.49 -1.91 -13.20
CA HIS A 59 -0.42 -1.67 -14.63
C HIS A 59 0.99 -1.87 -15.15
N SER A 60 1.20 -1.61 -16.44
CA SER A 60 2.50 -1.75 -17.06
C SER A 60 3.19 -3.02 -16.56
N ASP A 61 2.40 -4.00 -16.14
CA ASP A 61 2.93 -5.26 -15.64
C ASP A 61 4.25 -5.04 -14.90
N GLU A 62 4.30 -3.99 -14.07
CA GLU A 62 5.50 -3.67 -13.32
C GLU A 62 6.20 -4.94 -12.86
N ARG A 63 7.54 -4.91 -12.87
CA ARG A 63 8.33 -6.06 -12.46
C ARG A 63 7.94 -7.31 -13.25
N PRO A 64 7.97 -7.18 -14.59
CA PRO A 64 7.62 -8.28 -15.49
C PRO A 64 8.67 -9.40 -15.49
N PHE A 65 9.87 -9.07 -15.00
CA PHE A 65 10.95 -10.04 -14.93
C PHE A 65 10.88 -10.84 -13.63
N LYS A 66 11.16 -12.14 -13.74
CA LYS A 66 11.13 -13.02 -12.57
C LYS A 66 12.25 -14.05 -12.65
N CYS A 67 12.75 -14.45 -11.49
CA CYS A 67 13.83 -15.43 -11.42
C CYS A 67 13.28 -16.82 -11.09
N GLN A 68 13.94 -17.85 -11.59
CA GLN A 68 13.52 -19.22 -11.36
C GLN A 68 14.01 -19.73 -10.00
N ILE A 69 15.33 -19.82 -9.86
CA ILE A 69 15.93 -20.28 -8.61
C ILE A 69 15.25 -19.64 -7.40
N CYS A 70 15.00 -18.33 -7.50
CA CYS A 70 14.35 -17.60 -6.42
C CYS A 70 13.17 -16.78 -6.94
N PRO A 71 12.19 -16.52 -6.07
CA PRO A 71 11.00 -15.75 -6.42
C PRO A 71 11.32 -14.27 -6.65
N TYR A 72 12.60 -13.95 -6.66
CA TYR A 72 13.03 -12.56 -6.87
C TYR A 72 12.35 -11.97 -8.10
N ALA A 73 12.18 -10.65 -8.10
CA ALA A 73 11.56 -9.95 -9.21
C ALA A 73 12.09 -8.53 -9.34
N SER A 74 12.32 -8.10 -10.58
CA SER A 74 12.83 -6.76 -10.83
C SER A 74 12.11 -6.12 -12.01
N ARG A 75 12.26 -4.80 -12.14
CA ARG A 75 11.62 -4.06 -13.22
C ARG A 75 12.62 -3.70 -14.31
N ASN A 76 13.72 -4.44 -14.37
CA ASN A 76 14.76 -4.20 -15.36
C ASN A 76 15.38 -5.51 -15.83
N SER A 77 15.96 -5.49 -17.02
CA SER A 77 16.59 -6.68 -17.59
C SER A 77 17.98 -6.89 -17.00
N SER A 78 18.86 -5.93 -17.21
CA SER A 78 20.23 -6.01 -16.69
C SER A 78 20.22 -6.45 -15.23
N GLN A 79 19.46 -5.74 -14.40
CA GLN A 79 19.38 -6.05 -12.99
C GLN A 79 19.32 -7.57 -12.77
N LEU A 80 18.42 -8.23 -13.48
CA LEU A 80 18.26 -9.68 -13.37
C LEU A 80 19.55 -10.40 -13.75
N THR A 81 20.17 -9.94 -14.83
CA THR A 81 21.42 -10.54 -15.31
C THR A 81 22.44 -10.65 -14.18
N VAL A 82 22.71 -9.53 -13.52
CA VAL A 82 23.66 -9.51 -12.41
C VAL A 82 23.15 -10.31 -11.23
N HIS A 83 21.89 -10.06 -10.84
CA HIS A 83 21.29 -10.77 -9.72
C HIS A 83 21.50 -12.27 -9.83
N LEU A 84 21.39 -12.78 -11.05
CA LEU A 84 21.57 -14.21 -11.30
C LEU A 84 22.94 -14.68 -10.81
N ARG A 85 23.97 -13.91 -11.15
CA ARG A 85 25.33 -14.25 -10.74
C ARG A 85 25.40 -14.52 -9.24
N SER A 86 24.66 -13.75 -8.47
CA SER A 86 24.64 -13.90 -7.02
C SER A 86 24.48 -15.37 -6.63
N HIS A 87 23.71 -16.10 -7.44
CA HIS A 87 23.47 -17.52 -7.18
C HIS A 87 24.74 -18.34 -7.44
N THR A 88 25.58 -18.46 -6.42
CA THR A 88 26.82 -19.22 -6.54
C THR A 88 26.91 -20.28 -5.46
N GLY A 89 26.76 -19.87 -4.21
CA GLY A 89 26.82 -20.82 -3.10
C GLY A 89 27.28 -20.15 -1.81
N ASP A 90 26.60 -19.08 -1.43
CA ASP A 90 26.93 -18.36 -0.20
C ASP A 90 26.42 -19.10 1.03
N SER A 91 25.12 -19.39 1.03
CA SER A 91 24.50 -20.09 2.16
C SER A 91 24.66 -21.59 2.01
N GLY A 92 24.36 -22.10 0.81
CA GLY A 92 24.49 -23.53 0.56
C GLY A 92 23.55 -24.35 1.44
N PRO A 93 23.18 -25.54 0.95
CA PRO A 93 22.30 -26.46 1.68
C PRO A 93 22.96 -27.06 2.91
N SER A 94 24.24 -26.76 3.10
CA SER A 94 25.00 -27.27 4.23
C SER A 94 24.50 -26.66 5.53
N SER A 95 24.97 -27.20 6.65
CA SER A 95 24.57 -26.71 7.97
C SER A 95 25.78 -26.51 8.86
N GLY A 96 25.69 -25.53 9.76
CA GLY A 96 26.79 -25.25 10.66
C GLY A 96 26.32 -24.78 12.02
N GLY A 1 9.69 -28.59 20.01
CA GLY A 1 8.31 -28.15 20.23
C GLY A 1 8.06 -26.77 19.67
N SER A 2 6.80 -26.49 19.34
CA SER A 2 6.42 -25.20 18.78
C SER A 2 5.13 -24.70 19.42
N SER A 3 4.89 -23.39 19.30
CA SER A 3 3.70 -22.78 19.88
C SER A 3 3.59 -21.31 19.47
N GLY A 4 2.37 -20.83 19.33
CA GLY A 4 2.14 -19.45 18.95
C GLY A 4 0.69 -19.15 18.63
N SER A 5 0.21 -17.99 19.05
CA SER A 5 -1.17 -17.60 18.81
C SER A 5 -1.31 -16.09 18.78
N SER A 6 -1.63 -15.54 17.62
CA SER A 6 -1.79 -14.10 17.46
C SER A 6 -2.79 -13.78 16.35
N GLY A 7 -3.78 -12.96 16.67
CA GLY A 7 -4.78 -12.59 15.68
C GLY A 7 -5.30 -11.19 15.89
N PRO A 8 -4.43 -10.19 15.67
CA PRO A 8 -4.79 -8.78 15.83
C PRO A 8 -5.75 -8.30 14.75
N HIS A 9 -5.93 -6.98 14.66
CA HIS A 9 -6.83 -6.39 13.67
C HIS A 9 -6.13 -6.20 12.34
N LYS A 10 -6.35 -7.13 11.42
CA LYS A 10 -5.73 -7.07 10.10
C LYS A 10 -6.67 -6.44 9.09
N CYS A 11 -6.12 -5.56 8.24
CA CYS A 11 -6.92 -4.89 7.23
C CYS A 11 -7.47 -5.88 6.20
N GLU A 12 -8.43 -5.44 5.41
CA GLU A 12 -9.05 -6.29 4.40
C GLU A 12 -8.93 -5.67 3.02
N VAL A 13 -8.93 -4.33 2.98
CA VAL A 13 -8.83 -3.60 1.72
C VAL A 13 -7.46 -3.81 1.08
N CYS A 14 -6.43 -3.83 1.91
CA CYS A 14 -5.07 -4.01 1.43
C CYS A 14 -4.45 -5.28 2.00
N GLY A 15 -4.73 -5.56 3.26
CA GLY A 15 -4.20 -6.75 3.90
C GLY A 15 -2.92 -6.47 4.67
N LYS A 16 -2.95 -5.43 5.51
CA LYS A 16 -1.78 -5.07 6.29
C LYS A 16 -1.92 -5.55 7.74
N CYS A 17 -0.79 -5.73 8.41
CA CYS A 17 -0.79 -6.17 9.80
C CYS A 17 -0.68 -5.00 10.76
N PHE A 18 -1.50 -5.02 11.81
CA PHE A 18 -1.49 -3.95 12.80
C PHE A 18 -1.70 -4.51 14.21
N SER A 19 -0.79 -4.17 15.10
CA SER A 19 -0.85 -4.64 16.48
C SER A 19 -1.79 -3.76 17.30
N ARG A 20 -1.53 -2.47 17.32
CA ARG A 20 -2.35 -1.52 18.07
C ARG A 20 -3.44 -0.92 17.18
N LYS A 21 -4.62 -0.75 17.75
CA LYS A 21 -5.75 -0.18 17.00
C LYS A 21 -5.42 1.22 16.51
N ASP A 22 -4.39 1.83 17.09
CA ASP A 22 -3.97 3.17 16.71
C ASP A 22 -3.52 3.20 15.25
N LYS A 23 -2.48 2.42 14.93
CA LYS A 23 -1.96 2.36 13.57
C LYS A 23 -3.10 2.21 12.56
N LEU A 24 -4.03 1.32 12.85
CA LEU A 24 -5.17 1.09 11.97
C LEU A 24 -6.04 2.33 11.87
N LYS A 25 -6.40 2.90 13.02
CA LYS A 25 -7.24 4.09 13.06
C LYS A 25 -6.94 5.00 11.88
N THR A 26 -5.71 5.52 11.84
CA THR A 26 -5.29 6.41 10.76
C THR A 26 -5.16 5.66 9.44
N HIS A 27 -4.56 4.47 9.51
CA HIS A 27 -4.36 3.65 8.31
C HIS A 27 -5.55 3.78 7.36
N MET A 28 -6.75 3.88 7.93
CA MET A 28 -7.96 4.02 7.13
C MET A 28 -7.97 5.35 6.38
N ARG A 29 -7.66 6.43 7.10
CA ARG A 29 -7.63 7.76 6.50
C ARG A 29 -7.12 7.71 5.07
N CYS A 30 -6.05 6.95 4.86
CA CYS A 30 -5.45 6.81 3.54
C CYS A 30 -6.44 6.19 2.55
N HIS A 31 -6.86 4.96 2.83
CA HIS A 31 -7.80 4.27 1.97
C HIS A 31 -8.95 5.18 1.57
N THR A 32 -9.04 5.47 0.27
CA THR A 32 -10.09 6.33 -0.25
C THR A 32 -11.47 5.80 0.12
N GLY A 33 -12.47 6.67 0.06
CA GLY A 33 -13.83 6.26 0.39
C GLY A 33 -14.36 5.21 -0.56
N VAL A 34 -15.50 5.50 -1.18
CA VAL A 34 -16.12 4.56 -2.12
C VAL A 34 -16.15 5.15 -3.53
N LYS A 35 -15.86 4.29 -4.51
CA LYS A 35 -15.85 4.73 -5.91
C LYS A 35 -16.33 3.60 -6.81
N PRO A 36 -17.10 3.96 -7.85
CA PRO A 36 -17.64 3.00 -8.82
C PRO A 36 -16.55 2.42 -9.71
N TYR A 37 -15.37 3.00 -9.66
CA TYR A 37 -14.24 2.55 -10.47
C TYR A 37 -13.20 1.84 -9.61
N LYS A 38 -13.18 0.52 -9.69
CA LYS A 38 -12.22 -0.28 -8.93
C LYS A 38 -11.47 -1.26 -9.83
N CYS A 39 -10.14 -1.20 -9.78
CA CYS A 39 -9.31 -2.09 -10.59
C CYS A 39 -9.75 -3.53 -10.44
N LYS A 40 -9.69 -4.28 -11.54
CA LYS A 40 -10.08 -5.68 -11.54
C LYS A 40 -9.24 -6.47 -10.54
N THR A 41 -7.93 -6.30 -10.61
CA THR A 41 -7.02 -7.01 -9.72
C THR A 41 -6.73 -6.18 -8.47
N CYS A 42 -6.09 -5.03 -8.66
CA CYS A 42 -5.76 -4.14 -7.55
C CYS A 42 -7.02 -3.68 -6.83
N ASP A 43 -6.83 -3.10 -5.65
CA ASP A 43 -7.96 -2.61 -4.85
C ASP A 43 -7.96 -1.09 -4.80
N TYR A 44 -7.58 -0.45 -5.91
CA TYR A 44 -7.54 1.00 -5.99
C TYR A 44 -8.87 1.55 -6.47
N ALA A 45 -9.24 2.72 -5.95
CA ALA A 45 -10.49 3.37 -6.33
C ALA A 45 -10.23 4.62 -7.14
N ALA A 46 -10.90 4.73 -8.29
CA ALA A 46 -10.74 5.89 -9.17
C ALA A 46 -11.95 6.82 -9.07
N ALA A 47 -11.69 8.11 -9.06
CA ALA A 47 -12.75 9.11 -8.98
C ALA A 47 -13.56 9.15 -10.27
N ASP A 48 -12.88 9.37 -11.39
CA ASP A 48 -13.54 9.43 -12.68
C ASP A 48 -13.13 8.25 -13.57
N SER A 49 -13.69 8.19 -14.76
CA SER A 49 -13.39 7.11 -15.70
C SER A 49 -11.91 7.13 -16.09
N SER A 50 -11.50 8.22 -16.73
CA SER A 50 -10.11 8.37 -17.16
C SER A 50 -9.14 7.98 -16.05
N SER A 51 -9.37 8.55 -14.87
CA SER A 51 -8.52 8.27 -13.71
C SER A 51 -8.27 6.77 -13.57
N LEU A 52 -9.24 5.97 -13.98
CA LEU A 52 -9.12 4.52 -13.91
C LEU A 52 -8.37 3.97 -15.13
N ASN A 53 -8.54 4.64 -16.26
CA ASN A 53 -7.87 4.22 -17.48
C ASN A 53 -6.36 4.36 -17.37
N LYS A 54 -5.91 5.47 -16.79
CA LYS A 54 -4.49 5.72 -16.61
C LYS A 54 -3.86 4.67 -15.70
N HIS A 55 -4.68 4.05 -14.86
CA HIS A 55 -4.20 3.02 -13.95
C HIS A 55 -3.96 1.71 -14.69
N LEU A 56 -4.90 1.33 -15.53
CA LEU A 56 -4.79 0.09 -16.30
C LEU A 56 -3.52 0.08 -17.13
N ARG A 57 -3.00 1.26 -17.44
CA ARG A 57 -1.79 1.38 -18.22
C ARG A 57 -0.57 0.93 -17.42
N ILE A 58 -0.42 1.50 -16.23
CA ILE A 58 0.71 1.16 -15.36
C ILE A 58 0.98 -0.33 -15.38
N HIS A 59 -0.05 -1.12 -15.69
CA HIS A 59 0.08 -2.56 -15.74
C HIS A 59 0.88 -3.00 -16.97
N SER A 60 2.19 -2.92 -16.88
CA SER A 60 3.07 -3.30 -17.98
C SER A 60 3.27 -4.81 -18.02
N ASP A 61 3.80 -5.36 -16.95
CA ASP A 61 4.04 -6.80 -16.85
C ASP A 61 4.06 -7.25 -15.40
N GLU A 62 3.41 -8.39 -15.14
CA GLU A 62 3.36 -8.94 -13.78
C GLU A 62 4.76 -9.13 -13.21
N ARG A 63 4.84 -9.47 -11.94
CA ARG A 63 6.12 -9.68 -11.27
C ARG A 63 6.00 -10.77 -10.21
N PRO A 64 6.81 -11.82 -10.36
CA PRO A 64 6.84 -12.95 -9.41
C PRO A 64 7.41 -12.57 -8.06
N PHE A 65 8.40 -11.68 -8.08
CA PHE A 65 9.05 -11.24 -6.84
C PHE A 65 8.35 -9.99 -6.29
N LYS A 66 8.28 -9.92 -4.97
CA LYS A 66 7.64 -8.77 -4.31
C LYS A 66 8.29 -8.50 -2.96
N CYS A 67 8.23 -7.24 -2.53
CA CYS A 67 8.82 -6.83 -1.26
C CYS A 67 7.76 -6.79 -0.16
N GLN A 68 8.21 -6.80 1.09
CA GLN A 68 7.31 -6.75 2.23
C GLN A 68 7.18 -5.34 2.78
N ILE A 69 8.30 -4.77 3.19
CA ILE A 69 8.31 -3.41 3.74
C ILE A 69 7.59 -2.45 2.81
N CYS A 70 7.76 -2.64 1.51
CA CYS A 70 7.12 -1.77 0.51
C CYS A 70 6.44 -2.62 -0.57
N PRO A 71 5.39 -2.05 -1.18
CA PRO A 71 4.64 -2.72 -2.24
C PRO A 71 5.44 -2.85 -3.53
N TYR A 72 6.71 -2.45 -3.48
CA TYR A 72 7.58 -2.52 -4.64
C TYR A 72 7.43 -3.86 -5.35
N ALA A 73 8.00 -3.96 -6.55
CA ALA A 73 7.94 -5.19 -7.32
C ALA A 73 8.99 -5.19 -8.43
N SER A 74 9.58 -6.36 -8.67
CA SER A 74 10.61 -6.49 -9.70
C SER A 74 10.56 -7.88 -10.34
N ARG A 75 11.00 -7.97 -11.58
CA ARG A 75 11.02 -9.24 -12.31
C ARG A 75 12.29 -10.02 -12.02
N ASN A 76 13.43 -9.36 -12.18
CA ASN A 76 14.72 -10.00 -11.93
C ASN A 76 14.81 -10.53 -10.50
N SER A 77 15.92 -11.18 -10.19
CA SER A 77 16.12 -11.74 -8.85
C SER A 77 17.13 -10.91 -8.05
N SER A 78 18.34 -10.78 -8.59
CA SER A 78 19.38 -10.01 -7.93
C SER A 78 18.93 -8.58 -7.67
N GLN A 79 17.86 -8.17 -8.34
CA GLN A 79 17.32 -6.83 -8.18
C GLN A 79 16.65 -6.66 -6.83
N LEU A 80 15.82 -7.63 -6.47
CA LEU A 80 15.11 -7.60 -5.19
C LEU A 80 16.08 -7.73 -4.03
N THR A 81 17.16 -8.47 -4.25
CA THR A 81 18.18 -8.68 -3.22
C THR A 81 18.79 -7.35 -2.78
N VAL A 82 19.28 -6.59 -3.75
CA VAL A 82 19.90 -5.29 -3.46
C VAL A 82 18.86 -4.29 -2.99
N HIS A 83 17.69 -4.33 -3.61
CA HIS A 83 16.60 -3.41 -3.27
C HIS A 83 16.37 -3.39 -1.76
N LEU A 84 16.20 -4.58 -1.18
CA LEU A 84 15.96 -4.71 0.26
C LEU A 84 16.99 -3.91 1.04
N ARG A 85 18.26 -4.07 0.69
CA ARG A 85 19.34 -3.35 1.37
C ARG A 85 18.98 -1.87 1.55
N SER A 86 18.47 -1.26 0.49
CA SER A 86 18.10 0.15 0.53
C SER A 86 17.30 0.46 1.79
N HIS A 87 16.43 -0.46 2.19
CA HIS A 87 15.61 -0.28 3.38
C HIS A 87 16.48 -0.26 4.63
N THR A 88 16.99 0.92 4.98
CA THR A 88 17.84 1.09 6.15
C THR A 88 17.14 1.92 7.22
N GLY A 89 16.65 1.24 8.25
CA GLY A 89 15.97 1.94 9.33
C GLY A 89 16.12 1.23 10.67
N ASP A 90 15.09 1.28 11.49
CA ASP A 90 15.11 0.64 12.80
C ASP A 90 16.35 1.07 13.58
N SER A 91 16.61 2.37 13.60
CA SER A 91 17.77 2.91 14.31
C SER A 91 17.38 4.16 15.10
N GLY A 92 17.54 4.09 16.43
CA GLY A 92 17.21 5.21 17.27
C GLY A 92 15.71 5.38 17.46
N PRO A 93 15.11 4.49 18.24
CA PRO A 93 13.67 4.51 18.52
C PRO A 93 13.26 5.70 19.39
N SER A 94 12.67 6.71 18.77
CA SER A 94 12.24 7.90 19.48
C SER A 94 10.95 7.64 20.25
N SER A 95 11.07 7.46 21.56
CA SER A 95 9.92 7.19 22.41
C SER A 95 8.97 6.21 21.75
N GLY A 96 9.53 5.19 21.12
CA GLY A 96 8.71 4.19 20.44
C GLY A 96 8.28 4.63 19.06
N GLY A 1 6.42 -16.41 29.90
CA GLY A 1 4.98 -16.33 29.65
C GLY A 1 4.52 -14.94 29.29
N SER A 2 3.44 -14.85 28.52
CA SER A 2 2.90 -13.56 28.10
C SER A 2 1.50 -13.72 27.52
N SER A 3 0.83 -12.60 27.30
CA SER A 3 -0.51 -12.61 26.75
C SER A 3 -0.88 -11.24 26.16
N GLY A 4 -1.89 -11.23 25.30
CA GLY A 4 -2.32 -9.99 24.69
C GLY A 4 -3.76 -10.04 24.21
N SER A 5 -4.36 -8.87 24.00
CA SER A 5 -5.73 -8.79 23.54
C SER A 5 -6.03 -7.42 22.93
N SER A 6 -7.21 -7.28 22.34
CA SER A 6 -7.62 -6.03 21.72
C SER A 6 -9.10 -6.06 21.35
N GLY A 7 -9.72 -4.88 21.38
CA GLY A 7 -11.14 -4.79 21.05
C GLY A 7 -11.42 -3.76 19.97
N PRO A 8 -11.08 -4.12 18.72
CA PRO A 8 -11.28 -3.23 17.57
C PRO A 8 -12.76 -3.05 17.24
N HIS A 9 -13.05 -2.11 16.35
CA HIS A 9 -14.42 -1.84 15.94
C HIS A 9 -14.59 -2.05 14.43
N LYS A 10 -15.76 -2.53 14.03
CA LYS A 10 -16.05 -2.77 12.63
C LYS A 10 -17.07 -1.76 12.10
N CYS A 11 -16.81 -1.25 10.90
CA CYS A 11 -17.70 -0.27 10.28
C CYS A 11 -18.99 -0.94 9.83
N GLU A 12 -19.99 -0.12 9.48
CA GLU A 12 -21.28 -0.63 9.02
C GLU A 12 -21.60 -0.13 7.62
N VAL A 13 -21.37 1.16 7.39
CA VAL A 13 -21.63 1.77 6.10
C VAL A 13 -20.91 1.02 4.99
N CYS A 14 -19.65 0.68 5.23
CA CYS A 14 -18.85 -0.03 4.25
C CYS A 14 -18.62 -1.48 4.69
N GLY A 15 -18.46 -1.68 5.99
CA GLY A 15 -18.24 -3.01 6.52
C GLY A 15 -16.77 -3.38 6.55
N LYS A 16 -15.94 -2.46 7.02
CA LYS A 16 -14.50 -2.68 7.10
C LYS A 16 -14.07 -2.95 8.54
N CYS A 17 -12.88 -3.49 8.70
CA CYS A 17 -12.35 -3.80 10.04
C CYS A 17 -11.03 -3.08 10.28
N PHE A 18 -10.76 -2.76 11.53
CA PHE A 18 -9.53 -2.08 11.91
C PHE A 18 -8.93 -2.66 13.18
N SER A 19 -7.72 -2.23 13.51
CA SER A 19 -7.04 -2.70 14.71
C SER A 19 -7.24 -1.74 15.87
N ARG A 20 -6.97 -0.47 15.63
CA ARG A 20 -7.13 0.56 16.65
C ARG A 20 -8.53 1.13 16.65
N LYS A 21 -9.22 1.03 17.79
CA LYS A 21 -10.58 1.54 17.91
C LYS A 21 -10.63 3.03 17.57
N ASP A 22 -9.47 3.66 17.49
CA ASP A 22 -9.39 5.07 17.17
C ASP A 22 -9.47 5.30 15.66
N LYS A 23 -8.74 4.50 14.90
CA LYS A 23 -8.73 4.61 13.45
C LYS A 23 -10.13 4.92 12.93
N LEU A 24 -11.12 4.23 13.45
CA LEU A 24 -12.51 4.43 13.05
C LEU A 24 -12.90 5.90 13.18
N LYS A 25 -12.68 6.46 14.36
CA LYS A 25 -13.01 7.86 14.62
C LYS A 25 -12.82 8.71 13.36
N THR A 26 -11.67 8.55 12.72
CA THR A 26 -11.36 9.30 11.51
C THR A 26 -11.95 8.62 10.28
N HIS A 27 -11.99 7.29 10.31
CA HIS A 27 -12.55 6.52 9.19
C HIS A 27 -13.85 7.14 8.69
N MET A 28 -14.49 7.92 9.55
CA MET A 28 -15.75 8.57 9.19
C MET A 28 -15.50 9.72 8.22
N ARG A 29 -14.43 10.48 8.47
CA ARG A 29 -14.08 11.61 7.61
C ARG A 29 -14.00 11.19 6.15
N CYS A 30 -13.91 9.88 5.92
CA CYS A 30 -13.82 9.35 4.57
C CYS A 30 -15.20 9.11 3.99
N HIS A 31 -16.18 8.91 4.87
CA HIS A 31 -17.56 8.66 4.44
C HIS A 31 -18.31 9.98 4.27
N THR A 32 -17.62 11.00 3.79
CA THR A 32 -18.23 12.30 3.58
C THR A 32 -17.28 13.24 2.83
N GLY A 33 -17.72 13.72 1.68
CA GLY A 33 -16.91 14.62 0.88
C GLY A 33 -16.84 14.21 -0.57
N VAL A 34 -15.63 13.98 -1.07
CA VAL A 34 -15.43 13.58 -2.46
C VAL A 34 -14.37 12.49 -2.57
N LYS A 35 -14.04 12.12 -3.81
CA LYS A 35 -13.04 11.09 -4.05
C LYS A 35 -13.47 9.75 -3.47
N PRO A 36 -14.67 9.30 -3.85
CA PRO A 36 -15.23 8.03 -3.38
C PRO A 36 -14.49 6.82 -3.95
N TYR A 37 -13.53 7.08 -4.81
CA TYR A 37 -12.74 6.02 -5.43
C TYR A 37 -11.45 5.78 -4.66
N LYS A 38 -11.49 4.81 -3.75
CA LYS A 38 -10.33 4.48 -2.93
C LYS A 38 -9.84 3.06 -3.23
N CYS A 39 -8.53 2.86 -3.18
CA CYS A 39 -7.94 1.55 -3.44
C CYS A 39 -8.45 0.53 -2.44
N LYS A 40 -8.21 -0.74 -2.74
CA LYS A 40 -8.64 -1.84 -1.88
C LYS A 40 -7.65 -2.04 -0.73
N THR A 41 -6.37 -2.14 -1.09
CA THR A 41 -5.32 -2.34 -0.09
C THR A 41 -4.69 -1.01 0.32
N CYS A 42 -4.33 -0.20 -0.66
CA CYS A 42 -3.72 1.11 -0.41
C CYS A 42 -4.74 2.07 0.20
N ASP A 43 -4.26 3.22 0.64
CA ASP A 43 -5.12 4.23 1.24
C ASP A 43 -5.10 5.52 0.43
N TYR A 44 -5.14 5.37 -0.90
CA TYR A 44 -5.13 6.52 -1.80
C TYR A 44 -6.53 6.85 -2.27
N ALA A 45 -6.86 8.15 -2.26
CA ALA A 45 -8.17 8.60 -2.69
C ALA A 45 -8.12 9.22 -4.08
N ALA A 46 -9.01 8.76 -4.96
CA ALA A 46 -9.06 9.27 -6.33
C ALA A 46 -10.35 10.04 -6.58
N ALA A 47 -10.24 11.13 -7.33
CA ALA A 47 -11.40 11.96 -7.64
C ALA A 47 -12.39 11.20 -8.50
N ASP A 48 -11.94 10.74 -9.66
CA ASP A 48 -12.80 10.00 -10.58
C ASP A 48 -12.37 8.54 -10.66
N SER A 49 -13.20 7.71 -11.28
CA SER A 49 -12.90 6.29 -11.43
C SER A 49 -11.59 6.08 -12.19
N SER A 50 -11.57 6.51 -13.45
CA SER A 50 -10.39 6.37 -14.28
C SER A 50 -9.13 6.70 -13.49
N SER A 51 -9.11 7.88 -12.87
CA SER A 51 -7.97 8.32 -12.09
C SER A 51 -7.42 7.18 -11.24
N LEU A 52 -8.33 6.36 -10.71
CA LEU A 52 -7.94 5.22 -9.88
C LEU A 52 -7.39 4.08 -10.73
N ASN A 53 -8.05 3.82 -11.86
CA ASN A 53 -7.64 2.75 -12.76
C ASN A 53 -6.13 2.80 -12.99
N LYS A 54 -5.57 4.00 -12.97
CA LYS A 54 -4.13 4.18 -13.18
C LYS A 54 -3.35 3.69 -11.97
N HIS A 55 -3.84 4.01 -10.77
CA HIS A 55 -3.18 3.60 -9.54
C HIS A 55 -3.29 2.09 -9.34
N LEU A 56 -4.36 1.50 -9.87
CA LEU A 56 -4.59 0.07 -9.76
C LEU A 56 -3.64 -0.71 -10.67
N ARG A 57 -3.21 -0.07 -11.74
CA ARG A 57 -2.30 -0.70 -12.70
C ARG A 57 -1.01 -1.13 -12.01
N ILE A 58 -0.31 -0.18 -11.40
CA ILE A 58 0.93 -0.47 -10.70
C ILE A 58 0.91 -1.86 -10.08
N HIS A 59 -0.24 -2.23 -9.52
CA HIS A 59 -0.40 -3.54 -8.90
C HIS A 59 -0.41 -4.65 -9.95
N SER A 60 0.78 -5.14 -10.29
CA SER A 60 0.90 -6.20 -11.28
C SER A 60 1.67 -7.39 -10.71
N ASP A 61 2.91 -7.15 -10.32
CA ASP A 61 3.76 -8.20 -9.77
C ASP A 61 3.87 -9.38 -10.73
N GLU A 62 4.15 -9.07 -11.99
CA GLU A 62 4.29 -10.10 -13.02
C GLU A 62 5.76 -10.46 -13.22
N ARG A 63 6.49 -10.53 -12.12
CA ARG A 63 7.92 -10.87 -12.17
C ARG A 63 8.18 -12.19 -11.45
N PRO A 64 8.88 -13.10 -12.15
CA PRO A 64 9.21 -14.42 -11.60
C PRO A 64 10.25 -14.33 -10.49
N PHE A 65 11.35 -13.64 -10.76
CA PHE A 65 12.42 -13.47 -9.78
C PHE A 65 12.19 -12.23 -8.92
N LYS A 66 12.45 -12.37 -7.62
CA LYS A 66 12.28 -11.27 -6.70
C LYS A 66 13.35 -11.30 -5.60
N CYS A 67 13.90 -10.12 -5.29
CA CYS A 67 14.92 -10.01 -4.25
C CYS A 67 14.30 -10.11 -2.86
N GLN A 68 15.07 -10.65 -1.92
CA GLN A 68 14.61 -10.80 -0.54
C GLN A 68 14.69 -9.46 0.20
N ILE A 69 15.91 -8.95 0.32
CA ILE A 69 16.13 -7.68 1.01
C ILE A 69 15.13 -6.62 0.56
N CYS A 70 15.08 -6.37 -0.75
CA CYS A 70 14.18 -5.39 -1.31
C CYS A 70 13.13 -6.06 -2.21
N PRO A 71 11.96 -5.43 -2.33
CA PRO A 71 10.86 -5.95 -3.15
C PRO A 71 11.17 -5.87 -4.65
N TYR A 72 12.38 -5.45 -4.97
CA TYR A 72 12.80 -5.33 -6.36
C TYR A 72 12.47 -6.60 -7.14
N ALA A 73 12.55 -6.52 -8.46
CA ALA A 73 12.27 -7.66 -9.32
C ALA A 73 12.72 -7.41 -10.75
N SER A 74 13.21 -8.46 -11.41
CA SER A 74 13.69 -8.34 -12.78
C SER A 74 13.17 -9.49 -13.63
N ARG A 75 12.51 -9.17 -14.73
CA ARG A 75 11.96 -10.18 -15.63
C ARG A 75 13.02 -11.22 -15.97
N ASN A 76 14.29 -10.86 -15.78
CA ASN A 76 15.39 -11.77 -16.06
C ASN A 76 16.11 -12.18 -14.79
N SER A 77 16.79 -13.32 -14.84
CA SER A 77 17.51 -13.83 -13.68
C SER A 77 18.84 -13.11 -13.52
N SER A 78 19.67 -13.14 -14.57
CA SER A 78 20.97 -12.50 -14.54
C SER A 78 20.87 -11.09 -13.95
N GLN A 79 19.82 -10.37 -14.35
CA GLN A 79 19.61 -9.01 -13.85
C GLN A 79 19.59 -8.97 -12.33
N LEU A 80 18.91 -9.94 -11.73
CA LEU A 80 18.81 -10.01 -10.27
C LEU A 80 20.17 -10.33 -9.66
N THR A 81 20.89 -11.27 -10.27
CA THR A 81 22.21 -11.66 -9.78
C THR A 81 23.12 -10.45 -9.62
N VAL A 82 23.16 -9.61 -10.64
CA VAL A 82 23.98 -8.40 -10.62
C VAL A 82 23.44 -7.39 -9.63
N HIS A 83 22.12 -7.35 -9.49
CA HIS A 83 21.47 -6.42 -8.59
C HIS A 83 21.85 -6.72 -7.14
N LEU A 84 21.82 -7.99 -6.77
CA LEU A 84 22.15 -8.41 -5.42
C LEU A 84 23.41 -7.71 -4.93
N ARG A 85 24.48 -7.78 -5.72
CA ARG A 85 25.74 -7.14 -5.36
C ARG A 85 25.50 -5.78 -4.72
N SER A 86 24.63 -4.98 -5.33
CA SER A 86 24.32 -3.66 -4.81
C SER A 86 24.19 -3.68 -3.29
N HIS A 87 23.52 -4.71 -2.78
CA HIS A 87 23.32 -4.85 -1.35
C HIS A 87 24.64 -5.18 -0.64
N THR A 88 25.42 -4.14 -0.35
CA THR A 88 26.71 -4.33 0.32
C THR A 88 26.87 -3.34 1.47
N GLY A 89 27.14 -3.87 2.66
CA GLY A 89 27.32 -3.02 3.82
C GLY A 89 26.18 -2.04 4.00
N ASP A 90 24.98 -2.56 4.25
CA ASP A 90 23.81 -1.72 4.44
C ASP A 90 22.97 -2.22 5.62
N SER A 91 22.00 -1.41 6.04
CA SER A 91 21.14 -1.76 7.16
C SER A 91 19.72 -2.07 6.67
N GLY A 92 19.63 -2.79 5.56
CA GLY A 92 18.32 -3.14 5.01
C GLY A 92 17.33 -2.00 5.10
N PRO A 93 16.04 -2.33 5.04
CA PRO A 93 14.97 -1.34 5.11
C PRO A 93 14.84 -0.72 6.50
N SER A 94 13.88 0.19 6.65
CA SER A 94 13.66 0.86 7.92
C SER A 94 12.88 -0.03 8.89
N SER A 95 13.43 -0.23 10.08
CA SER A 95 12.79 -1.06 11.08
C SER A 95 11.60 -0.34 11.72
N GLY A 96 11.82 0.92 12.11
CA GLY A 96 10.76 1.70 12.72
C GLY A 96 11.15 3.14 12.93
N GLY A 1 -1.34 10.60 38.55
CA GLY A 1 -2.10 10.55 37.32
C GLY A 1 -3.03 11.73 37.17
N SER A 2 -3.79 11.75 36.08
CA SER A 2 -4.72 12.84 35.81
C SER A 2 -5.74 12.44 34.75
N SER A 3 -6.73 13.29 34.53
CA SER A 3 -7.77 13.02 33.55
C SER A 3 -7.98 14.22 32.62
N GLY A 4 -8.82 14.04 31.62
CA GLY A 4 -9.09 15.13 30.67
C GLY A 4 -10.52 15.13 30.18
N SER A 5 -10.75 15.70 29.02
CA SER A 5 -12.09 15.78 28.44
C SER A 5 -12.02 15.77 26.92
N SER A 6 -13.17 15.54 26.29
CA SER A 6 -13.25 15.49 24.84
C SER A 6 -14.59 16.03 24.34
N GLY A 7 -14.67 16.32 23.04
CA GLY A 7 -15.91 16.83 22.48
C GLY A 7 -16.24 16.19 21.14
N PRO A 8 -17.26 16.74 20.45
CA PRO A 8 -17.69 16.23 19.14
C PRO A 8 -16.67 16.51 18.04
N HIS A 9 -16.54 15.58 17.11
CA HIS A 9 -15.60 15.74 16.00
C HIS A 9 -16.31 15.56 14.66
N LYS A 10 -16.28 16.60 13.84
CA LYS A 10 -16.92 16.55 12.52
C LYS A 10 -15.88 16.56 11.41
N CYS A 11 -15.84 15.48 10.64
CA CYS A 11 -14.89 15.36 9.55
C CYS A 11 -15.03 16.52 8.57
N GLU A 12 -13.91 17.17 8.27
CA GLU A 12 -13.91 18.30 7.35
C GLU A 12 -13.42 17.89 5.97
N VAL A 13 -12.43 17.01 5.93
CA VAL A 13 -11.87 16.53 4.67
C VAL A 13 -12.98 16.13 3.71
N CYS A 14 -14.01 15.47 4.23
CA CYS A 14 -15.14 15.03 3.41
C CYS A 14 -16.41 15.79 3.79
N GLY A 15 -16.57 16.06 5.08
CA GLY A 15 -17.74 16.78 5.55
C GLY A 15 -18.76 15.87 6.20
N LYS A 16 -18.29 14.74 6.73
CA LYS A 16 -19.16 13.78 7.38
C LYS A 16 -19.26 14.06 8.88
N CYS A 17 -20.48 14.00 9.41
CA CYS A 17 -20.72 14.25 10.83
C CYS A 17 -20.66 12.96 11.62
N PHE A 18 -20.02 13.01 12.79
CA PHE A 18 -19.89 11.84 13.64
C PHE A 18 -20.11 12.21 15.11
N SER A 19 -20.93 11.43 15.80
CA SER A 19 -21.22 11.68 17.21
C SER A 19 -20.03 11.29 18.08
N ARG A 20 -19.47 10.11 17.83
CA ARG A 20 -18.34 9.63 18.59
C ARG A 20 -17.03 10.23 18.09
N LYS A 21 -16.06 10.35 18.97
CA LYS A 21 -14.76 10.91 18.61
C LYS A 21 -13.89 9.87 17.90
N ASP A 22 -14.03 8.61 18.31
CA ASP A 22 -13.26 7.54 17.72
C ASP A 22 -13.82 7.16 16.35
N LYS A 23 -15.14 7.14 16.24
CA LYS A 23 -15.81 6.79 14.99
C LYS A 23 -15.20 7.58 13.82
N LEU A 24 -15.04 8.89 14.01
CA LEU A 24 -14.48 9.74 12.98
C LEU A 24 -12.98 9.52 12.84
N LYS A 25 -12.32 9.29 13.98
CA LYS A 25 -10.88 9.06 13.99
C LYS A 25 -10.50 7.95 13.02
N THR A 26 -11.04 6.76 13.24
CA THR A 26 -10.76 5.62 12.38
C THR A 26 -11.33 5.82 10.99
N HIS A 27 -12.52 6.42 10.92
CA HIS A 27 -13.18 6.68 9.64
C HIS A 27 -12.20 7.28 8.64
N MET A 28 -11.28 8.11 9.13
CA MET A 28 -10.30 8.74 8.27
C MET A 28 -9.48 7.70 7.51
N ARG A 29 -9.22 6.57 8.17
CA ARG A 29 -8.44 5.50 7.57
C ARG A 29 -8.69 5.43 6.06
N CYS A 30 -9.94 5.60 5.67
CA CYS A 30 -10.31 5.56 4.25
C CYS A 30 -9.59 6.66 3.48
N HIS A 31 -9.89 7.91 3.80
CA HIS A 31 -9.27 9.05 3.13
C HIS A 31 -7.81 8.76 2.82
N THR A 32 -6.98 8.71 3.86
CA THR A 32 -5.56 8.45 3.68
C THR A 32 -4.90 8.12 5.01
N GLY A 33 -4.27 6.95 5.09
CA GLY A 33 -3.61 6.54 6.30
C GLY A 33 -2.33 5.75 6.03
N VAL A 34 -2.44 4.44 6.02
CA VAL A 34 -1.29 3.58 5.77
C VAL A 34 -1.48 2.76 4.50
N LYS A 35 -0.90 3.23 3.41
CA LYS A 35 -1.00 2.54 2.12
C LYS A 35 0.39 2.27 1.54
N PRO A 36 0.73 0.98 1.40
CA PRO A 36 2.03 0.57 0.85
C PRO A 36 2.14 0.86 -0.64
N TYR A 37 1.01 0.83 -1.34
CA TYR A 37 1.01 1.10 -2.77
C TYR A 37 0.76 2.58 -3.06
N LYS A 38 1.85 3.34 -3.14
CA LYS A 38 1.76 4.77 -3.41
C LYS A 38 2.64 5.16 -4.60
N CYS A 39 2.12 6.05 -5.43
CA CYS A 39 2.85 6.51 -6.61
C CYS A 39 4.13 7.25 -6.20
N LYS A 40 5.18 7.10 -7.00
CA LYS A 40 6.45 7.75 -6.73
C LYS A 40 6.34 9.26 -6.95
N THR A 41 5.82 9.65 -8.12
CA THR A 41 5.67 11.06 -8.45
C THR A 41 4.46 11.65 -7.74
N CYS A 42 3.31 11.01 -7.90
CA CYS A 42 2.07 11.47 -7.28
C CYS A 42 1.98 11.00 -5.83
N ASP A 43 0.97 11.49 -5.11
CA ASP A 43 0.77 11.11 -3.72
C ASP A 43 -0.56 10.39 -3.54
N TYR A 44 -0.88 9.52 -4.48
CA TYR A 44 -2.13 8.76 -4.43
C TYR A 44 -1.96 7.50 -3.59
N ALA A 45 -2.93 7.25 -2.71
CA ALA A 45 -2.90 6.07 -1.85
C ALA A 45 -3.82 4.98 -2.39
N ALA A 46 -3.25 3.81 -2.64
CA ALA A 46 -4.03 2.68 -3.16
C ALA A 46 -4.02 1.52 -2.17
N ALA A 47 -5.20 1.05 -1.79
CA ALA A 47 -5.33 -0.05 -0.86
C ALA A 47 -4.78 -1.35 -1.45
N ASP A 48 -5.32 -1.73 -2.61
CA ASP A 48 -4.87 -2.95 -3.29
C ASP A 48 -3.88 -2.63 -4.40
N SER A 49 -2.94 -3.53 -4.62
CA SER A 49 -1.93 -3.34 -5.66
C SER A 49 -2.57 -2.93 -6.98
N SER A 50 -3.61 -3.66 -7.38
CA SER A 50 -4.31 -3.37 -8.63
C SER A 50 -4.52 -1.87 -8.80
N SER A 51 -5.14 -1.25 -7.78
CA SER A 51 -5.41 0.17 -7.82
C SER A 51 -4.21 0.95 -8.35
N LEU A 52 -3.02 0.59 -7.85
CA LEU A 52 -1.79 1.24 -8.27
C LEU A 52 -1.38 0.81 -9.68
N ASN A 53 -1.47 -0.50 -9.94
CA ASN A 53 -1.12 -1.05 -11.23
C ASN A 53 -1.78 -0.25 -12.36
N LYS A 54 -3.00 0.23 -12.10
CA LYS A 54 -3.73 1.01 -13.09
C LYS A 54 -3.28 2.46 -13.09
N HIS A 55 -2.90 2.96 -11.92
CA HIS A 55 -2.43 4.33 -11.78
C HIS A 55 -1.10 4.53 -12.48
N LEU A 56 -0.22 3.54 -12.38
CA LEU A 56 1.09 3.61 -13.00
C LEU A 56 0.97 3.58 -14.52
N ARG A 57 -0.13 3.02 -15.01
CA ARG A 57 -0.37 2.93 -16.45
C ARG A 57 -0.59 4.31 -17.05
N ILE A 58 -1.42 5.11 -16.40
CA ILE A 58 -1.72 6.46 -16.87
C ILE A 58 -0.44 7.20 -17.24
N HIS A 59 0.62 6.95 -16.49
CA HIS A 59 1.91 7.59 -16.74
C HIS A 59 2.54 7.06 -18.02
N SER A 60 3.77 7.50 -18.29
CA SER A 60 4.49 7.07 -19.49
C SER A 60 5.88 6.55 -19.13
N ASP A 61 6.00 5.24 -19.05
CA ASP A 61 7.28 4.61 -18.72
C ASP A 61 7.55 3.41 -19.62
N GLU A 62 8.83 3.13 -19.87
CA GLU A 62 9.23 2.01 -20.71
C GLU A 62 8.92 0.68 -20.03
N ARG A 63 9.36 0.54 -18.79
CA ARG A 63 9.14 -0.68 -18.03
C ARG A 63 9.10 -1.89 -18.96
N PRO A 64 10.15 -2.05 -19.77
CA PRO A 64 10.25 -3.18 -20.71
C PRO A 64 10.46 -4.51 -20.01
N PHE A 65 10.65 -4.46 -18.69
CA PHE A 65 10.86 -5.67 -17.91
C PHE A 65 9.63 -5.99 -17.05
N LYS A 66 9.35 -7.28 -16.90
CA LYS A 66 8.19 -7.72 -16.12
C LYS A 66 8.53 -8.98 -15.34
N CYS A 67 7.81 -9.19 -14.25
CA CYS A 67 8.02 -10.37 -13.41
C CYS A 67 6.96 -11.43 -13.67
N GLN A 68 7.33 -12.69 -13.50
CA GLN A 68 6.40 -13.80 -13.71
C GLN A 68 5.45 -13.95 -12.52
N ILE A 69 6.01 -14.22 -11.34
CA ILE A 69 5.20 -14.38 -10.14
C ILE A 69 4.23 -13.23 -9.97
N CYS A 70 4.78 -12.03 -9.78
CA CYS A 70 3.95 -10.83 -9.60
C CYS A 70 4.02 -9.93 -10.83
N PRO A 71 2.95 -9.16 -11.06
CA PRO A 71 2.86 -8.25 -12.20
C PRO A 71 3.81 -7.06 -12.07
N TYR A 72 4.60 -7.06 -11.00
CA TYR A 72 5.56 -5.98 -10.77
C TYR A 72 6.29 -5.61 -12.04
N ALA A 73 6.83 -4.40 -12.07
CA ALA A 73 7.57 -3.92 -13.25
C ALA A 73 8.68 -2.95 -12.84
N SER A 74 9.75 -2.93 -13.62
CA SER A 74 10.87 -2.04 -13.34
C SER A 74 11.52 -1.56 -14.63
N ARG A 75 12.12 -0.37 -14.59
CA ARG A 75 12.76 0.21 -15.75
C ARG A 75 14.15 -0.40 -15.94
N ASN A 76 14.86 -0.61 -14.84
CA ASN A 76 16.21 -1.18 -14.89
C ASN A 76 16.18 -2.65 -14.50
N SER A 77 17.11 -3.43 -15.07
CA SER A 77 17.20 -4.85 -14.78
C SER A 77 17.64 -5.09 -13.35
N SER A 78 18.72 -4.40 -12.94
CA SER A 78 19.24 -4.55 -11.59
C SER A 78 18.12 -4.75 -10.59
N GLN A 79 17.21 -3.79 -10.50
CA GLN A 79 16.09 -3.86 -9.58
C GLN A 79 15.39 -5.22 -9.69
N LEU A 80 15.12 -5.65 -10.91
CA LEU A 80 14.45 -6.92 -11.14
C LEU A 80 15.30 -8.08 -10.61
N THR A 81 16.58 -8.09 -10.96
CA THR A 81 17.48 -9.13 -10.52
C THR A 81 17.30 -9.42 -9.03
N VAL A 82 17.29 -8.37 -8.22
CA VAL A 82 17.13 -8.51 -6.78
C VAL A 82 15.68 -8.82 -6.42
N HIS A 83 14.76 -7.94 -6.84
CA HIS A 83 13.35 -8.12 -6.56
C HIS A 83 12.98 -9.60 -6.58
N LEU A 84 13.50 -10.33 -7.56
CA LEU A 84 13.22 -11.75 -7.69
C LEU A 84 13.58 -12.49 -6.40
N ARG A 85 14.79 -12.26 -5.91
CA ARG A 85 15.26 -12.90 -4.69
C ARG A 85 14.11 -13.06 -3.68
N SER A 86 13.33 -11.99 -3.53
CA SER A 86 12.21 -12.00 -2.59
C SER A 86 11.35 -13.25 -2.78
N HIS A 87 10.98 -13.53 -4.03
CA HIS A 87 10.18 -14.70 -4.34
C HIS A 87 10.88 -15.98 -3.93
N THR A 88 11.98 -16.30 -4.62
CA THR A 88 12.74 -17.50 -4.32
C THR A 88 12.98 -17.64 -2.82
N GLY A 89 13.44 -18.82 -2.41
CA GLY A 89 13.70 -19.07 -1.00
C GLY A 89 12.46 -19.46 -0.24
N ASP A 90 12.64 -19.98 0.96
CA ASP A 90 11.52 -20.39 1.80
C ASP A 90 11.10 -19.27 2.74
N SER A 91 10.21 -18.40 2.25
CA SER A 91 9.72 -17.28 3.04
C SER A 91 8.22 -17.38 3.26
N GLY A 92 7.48 -17.58 2.18
CA GLY A 92 6.04 -17.70 2.26
C GLY A 92 5.32 -16.58 1.54
N PRO A 93 5.39 -16.59 0.20
CA PRO A 93 4.75 -15.58 -0.64
C PRO A 93 3.23 -15.68 -0.62
N SER A 94 2.71 -16.88 -0.85
CA SER A 94 1.27 -17.11 -0.86
C SER A 94 0.97 -18.60 -1.03
N SER A 95 -0.28 -18.98 -0.73
CA SER A 95 -0.70 -20.36 -0.84
C SER A 95 -0.18 -20.99 -2.12
N GLY A 96 0.23 -22.26 -2.05
CA GLY A 96 0.74 -22.95 -3.20
C GLY A 96 2.25 -23.08 -3.19
N GLY A 1 -8.66 2.17 54.36
CA GLY A 1 -8.53 1.36 53.16
C GLY A 1 -8.60 2.18 51.89
N SER A 2 -8.50 1.51 50.75
CA SER A 2 -8.54 2.20 49.46
C SER A 2 -8.65 1.19 48.31
N SER A 3 -9.20 1.63 47.20
CA SER A 3 -9.35 0.77 46.02
C SER A 3 -9.58 1.59 44.77
N GLY A 4 -9.67 0.92 43.63
CA GLY A 4 -9.89 1.60 42.37
C GLY A 4 -9.81 0.66 41.17
N SER A 5 -10.32 1.12 40.04
CA SER A 5 -10.30 0.32 38.81
C SER A 5 -10.76 1.14 37.61
N SER A 6 -10.67 0.55 36.44
CA SER A 6 -11.07 1.22 35.21
C SER A 6 -10.99 0.28 34.01
N GLY A 7 -11.79 0.56 32.99
CA GLY A 7 -11.80 -0.28 31.80
C GLY A 7 -11.66 0.53 30.53
N PRO A 8 -10.41 0.82 30.13
CA PRO A 8 -10.11 1.59 28.93
C PRO A 8 -10.43 0.82 27.65
N HIS A 9 -10.85 1.53 26.62
CA HIS A 9 -11.19 0.91 25.34
C HIS A 9 -10.23 1.37 24.24
N LYS A 10 -9.97 0.49 23.28
CA LYS A 10 -9.07 0.80 22.18
C LYS A 10 -9.68 0.39 20.85
N CYS A 11 -9.26 1.05 19.77
CA CYS A 11 -9.76 0.74 18.44
C CYS A 11 -9.80 -0.76 18.19
N GLU A 12 -10.51 -1.17 17.15
CA GLU A 12 -10.62 -2.58 16.80
C GLU A 12 -10.11 -2.84 15.39
N VAL A 13 -10.14 -1.80 14.55
CA VAL A 13 -9.68 -1.92 13.17
C VAL A 13 -8.15 -1.94 13.10
N CYS A 14 -7.51 -1.21 14.01
CA CYS A 14 -6.07 -1.14 14.05
C CYS A 14 -5.54 -1.55 15.43
N GLY A 15 -6.22 -1.11 16.47
CA GLY A 15 -5.81 -1.44 17.82
C GLY A 15 -5.03 -0.33 18.48
N LYS A 16 -5.65 0.84 18.61
CA LYS A 16 -5.00 1.99 19.23
C LYS A 16 -5.57 2.26 20.61
N CYS A 17 -4.75 2.82 21.50
CA CYS A 17 -5.18 3.14 22.85
C CYS A 17 -5.77 4.54 22.93
N PHE A 18 -6.95 4.65 23.52
CA PHE A 18 -7.62 5.94 23.65
C PHE A 18 -8.12 6.15 25.09
N SER A 19 -8.26 7.41 25.47
CA SER A 19 -8.72 7.75 26.82
C SER A 19 -10.23 7.53 26.94
N ARG A 20 -10.98 8.15 26.04
CA ARG A 20 -12.44 8.03 26.05
C ARG A 20 -12.94 7.36 24.77
N LYS A 21 -14.22 7.01 24.76
CA LYS A 21 -14.83 6.37 23.59
C LYS A 21 -15.14 7.39 22.51
N ASP A 22 -15.65 8.55 22.92
CA ASP A 22 -15.99 9.62 21.98
C ASP A 22 -14.88 9.81 20.95
N LYS A 23 -13.65 9.92 21.43
CA LYS A 23 -12.50 10.11 20.55
C LYS A 23 -12.44 9.02 19.49
N LEU A 24 -12.81 7.79 19.87
CA LEU A 24 -12.80 6.67 18.95
C LEU A 24 -13.73 6.93 17.76
N LYS A 25 -14.99 7.22 18.06
CA LYS A 25 -15.97 7.49 17.02
C LYS A 25 -15.39 8.38 15.93
N THR A 26 -14.60 9.37 16.34
CA THR A 26 -13.97 10.28 15.40
C THR A 26 -12.67 9.70 14.85
N HIS A 27 -12.01 8.86 15.64
CA HIS A 27 -10.76 8.23 15.24
C HIS A 27 -10.95 7.44 13.95
N MET A 28 -12.18 7.03 13.69
CA MET A 28 -12.48 6.26 12.48
C MET A 28 -12.56 7.17 11.26
N ARG A 29 -12.48 8.47 11.50
CA ARG A 29 -12.54 9.45 10.41
C ARG A 29 -11.36 9.28 9.46
N CYS A 30 -10.34 8.56 9.91
CA CYS A 30 -9.15 8.33 9.11
C CYS A 30 -9.00 6.84 8.77
N HIS A 31 -10.10 6.11 8.88
CA HIS A 31 -10.09 4.67 8.59
C HIS A 31 -10.91 4.37 7.34
N THR A 32 -12.17 4.80 7.34
CA THR A 32 -13.06 4.56 6.20
C THR A 32 -12.46 5.15 4.92
N GLY A 33 -12.16 4.27 3.96
CA GLY A 33 -11.59 4.72 2.70
C GLY A 33 -12.48 4.41 1.52
N VAL A 34 -12.78 5.43 0.72
CA VAL A 34 -13.63 5.27 -0.45
C VAL A 34 -12.80 5.05 -1.71
N LYS A 35 -11.77 4.22 -1.59
CA LYS A 35 -10.89 3.92 -2.72
C LYS A 35 -10.78 2.42 -2.94
N PRO A 36 -11.84 1.82 -3.53
CA PRO A 36 -11.88 0.38 -3.80
C PRO A 36 -10.92 -0.02 -4.92
N TYR A 37 -10.67 0.90 -5.84
CA TYR A 37 -9.77 0.64 -6.95
C TYR A 37 -8.31 0.64 -6.50
N LYS A 38 -7.77 -0.55 -6.27
CA LYS A 38 -6.40 -0.69 -5.82
C LYS A 38 -5.63 -1.67 -6.72
N CYS A 39 -4.39 -1.31 -7.05
CA CYS A 39 -3.56 -2.16 -7.90
C CYS A 39 -3.34 -3.51 -7.26
N LYS A 40 -2.82 -4.45 -8.04
CA LYS A 40 -2.56 -5.81 -7.55
C LYS A 40 -1.24 -5.85 -6.77
N THR A 41 -0.15 -5.47 -7.44
CA THR A 41 1.16 -5.46 -6.81
C THR A 41 1.43 -4.13 -6.10
N CYS A 42 1.01 -3.04 -6.72
CA CYS A 42 1.20 -1.71 -6.15
C CYS A 42 0.14 -1.42 -5.09
N ASP A 43 0.37 -0.36 -4.32
CA ASP A 43 -0.56 0.03 -3.27
C ASP A 43 -1.12 1.42 -3.53
N TYR A 44 -1.42 1.70 -4.80
CA TYR A 44 -1.96 3.00 -5.19
C TYR A 44 -3.48 3.03 -5.02
N ALA A 45 -3.98 4.10 -4.43
CA ALA A 45 -5.42 4.25 -4.22
C ALA A 45 -6.02 5.24 -5.21
N ALA A 46 -6.98 4.78 -6.00
CA ALA A 46 -7.63 5.63 -6.98
C ALA A 46 -9.13 5.67 -6.75
N ALA A 47 -9.72 6.85 -6.89
CA ALA A 47 -11.15 7.04 -6.70
C ALA A 47 -11.89 6.97 -8.03
N ASP A 48 -11.36 6.19 -8.96
CA ASP A 48 -11.97 6.05 -10.28
C ASP A 48 -11.45 4.80 -10.98
N SER A 49 -12.35 4.09 -11.66
CA SER A 49 -11.99 2.87 -12.36
C SER A 49 -10.90 3.14 -13.40
N SER A 50 -11.03 4.26 -14.11
CA SER A 50 -10.08 4.64 -15.13
C SER A 50 -8.71 4.92 -14.51
N SER A 51 -8.65 5.89 -13.60
CA SER A 51 -7.41 6.26 -12.94
C SER A 51 -6.60 5.01 -12.58
N LEU A 52 -7.30 3.94 -12.25
CA LEU A 52 -6.65 2.68 -11.88
C LEU A 52 -6.19 1.93 -13.12
N ASN A 53 -6.97 2.02 -14.18
CA ASN A 53 -6.65 1.34 -15.44
C ASN A 53 -5.42 1.98 -16.09
N LYS A 54 -5.41 3.31 -16.15
CA LYS A 54 -4.28 4.03 -16.74
C LYS A 54 -2.98 3.72 -16.01
N HIS A 55 -3.09 3.33 -14.75
CA HIS A 55 -1.92 2.99 -13.94
C HIS A 55 -1.33 1.65 -14.37
N LEU A 56 -2.17 0.62 -14.37
CA LEU A 56 -1.74 -0.72 -14.75
C LEU A 56 -1.16 -0.72 -16.17
N ARG A 57 -1.38 0.37 -16.89
CA ARG A 57 -0.89 0.50 -18.26
C ARG A 57 0.60 0.82 -18.26
N ILE A 58 1.00 1.77 -17.43
CA ILE A 58 2.40 2.17 -17.33
C ILE A 58 3.31 0.96 -17.15
N HIS A 59 2.85 0.00 -16.36
CA HIS A 59 3.62 -1.22 -16.10
C HIS A 59 4.20 -1.77 -17.40
N SER A 60 5.46 -1.45 -17.67
CA SER A 60 6.13 -1.92 -18.87
C SER A 60 7.36 -2.74 -18.54
N ASP A 61 7.15 -4.03 -18.32
CA ASP A 61 8.25 -4.94 -17.98
C ASP A 61 8.53 -5.91 -19.12
N GLU A 62 8.62 -5.37 -20.34
CA GLU A 62 8.88 -6.18 -21.52
C GLU A 62 10.06 -7.12 -21.27
N ARG A 63 10.94 -6.74 -20.36
CA ARG A 63 12.12 -7.54 -20.04
C ARG A 63 11.71 -8.96 -19.67
N PRO A 64 12.60 -9.93 -19.95
CA PRO A 64 12.36 -11.35 -19.65
C PRO A 64 12.37 -11.63 -18.16
N PHE A 65 13.39 -11.12 -17.47
CA PHE A 65 13.51 -11.33 -16.03
C PHE A 65 12.67 -10.31 -15.26
N LYS A 66 11.92 -10.79 -14.28
CA LYS A 66 11.08 -9.93 -13.46
C LYS A 66 11.20 -10.29 -11.99
N CYS A 67 10.94 -9.32 -11.11
CA CYS A 67 11.01 -9.53 -9.67
C CYS A 67 9.62 -9.75 -9.08
N GLN A 68 9.56 -10.54 -8.01
CA GLN A 68 8.30 -10.83 -7.36
C GLN A 68 7.90 -9.70 -6.41
N ILE A 69 8.74 -9.45 -5.41
CA ILE A 69 8.48 -8.39 -4.45
C ILE A 69 8.09 -7.09 -5.14
N CYS A 70 8.88 -6.69 -6.13
CA CYS A 70 8.61 -5.47 -6.87
C CYS A 70 8.46 -5.76 -8.36
N PRO A 71 7.69 -4.91 -9.06
CA PRO A 71 7.45 -5.05 -10.49
C PRO A 71 8.70 -4.75 -11.32
N TYR A 72 9.80 -4.49 -10.65
CA TYR A 72 11.05 -4.18 -11.32
C TYR A 72 11.29 -5.12 -12.49
N ALA A 73 12.25 -4.78 -13.34
CA ALA A 73 12.57 -5.60 -14.50
C ALA A 73 13.95 -5.25 -15.05
N SER A 74 14.68 -6.27 -15.51
CA SER A 74 16.02 -6.07 -16.06
C SER A 74 16.33 -7.11 -17.13
N ARG A 75 16.90 -6.65 -18.23
CA ARG A 75 17.25 -7.54 -19.33
C ARG A 75 18.36 -8.50 -18.93
N ASN A 76 19.38 -7.97 -18.28
CA ASN A 76 20.52 -8.78 -17.83
C ASN A 76 20.14 -9.61 -16.61
N SER A 77 21.06 -10.48 -16.18
CA SER A 77 20.83 -11.33 -15.03
C SER A 77 21.45 -10.72 -13.77
N SER A 78 22.75 -10.49 -13.82
CA SER A 78 23.47 -9.92 -12.69
C SER A 78 22.67 -8.78 -12.05
N GLN A 79 22.34 -7.78 -12.85
CA GLN A 79 21.57 -6.64 -12.36
C GLN A 79 20.50 -7.08 -11.37
N LEU A 80 19.68 -8.04 -11.78
CA LEU A 80 18.61 -8.55 -10.93
C LEU A 80 19.19 -9.30 -9.74
N THR A 81 20.20 -10.13 -10.00
CA THR A 81 20.84 -10.92 -8.95
C THR A 81 21.20 -10.05 -7.76
N VAL A 82 21.77 -8.88 -8.03
CA VAL A 82 22.16 -7.95 -6.97
C VAL A 82 20.95 -7.25 -6.39
N HIS A 83 20.08 -6.74 -7.27
CA HIS A 83 18.88 -6.03 -6.85
C HIS A 83 18.10 -6.85 -5.81
N LEU A 84 17.80 -8.10 -6.16
CA LEU A 84 17.07 -8.98 -5.27
C LEU A 84 17.61 -8.90 -3.85
N ARG A 85 18.93 -8.91 -3.73
CA ARG A 85 19.58 -8.82 -2.42
C ARG A 85 18.91 -7.76 -1.54
N SER A 86 18.50 -6.66 -2.17
CA SER A 86 17.86 -5.56 -1.45
C SER A 86 16.69 -6.09 -0.60
N HIS A 87 15.94 -7.04 -1.16
CA HIS A 87 14.81 -7.61 -0.46
C HIS A 87 15.27 -8.56 0.64
N THR A 88 15.59 -8.01 1.81
CA THR A 88 16.05 -8.80 2.93
C THR A 88 15.78 -8.09 4.25
N GLY A 89 15.66 -8.88 5.32
CA GLY A 89 15.40 -8.30 6.63
C GLY A 89 14.08 -8.77 7.21
N ASP A 90 13.03 -8.75 6.39
CA ASP A 90 11.71 -9.18 6.84
C ASP A 90 11.50 -10.67 6.57
N SER A 91 11.55 -11.46 7.64
CA SER A 91 11.36 -12.90 7.52
C SER A 91 9.94 -13.23 7.08
N GLY A 92 9.78 -13.59 5.81
CA GLY A 92 8.46 -13.93 5.30
C GLY A 92 8.20 -13.31 3.95
N PRO A 93 7.76 -14.13 2.98
CA PRO A 93 7.46 -13.67 1.62
C PRO A 93 6.21 -12.80 1.57
N SER A 94 6.06 -12.04 0.49
CA SER A 94 4.92 -11.16 0.32
C SER A 94 3.98 -11.70 -0.76
N SER A 95 2.71 -11.29 -0.68
CA SER A 95 1.71 -11.74 -1.65
C SER A 95 1.30 -10.59 -2.57
N GLY A 96 0.98 -9.45 -1.98
CA GLY A 96 0.57 -8.29 -2.76
C GLY A 96 -0.28 -7.32 -1.96
N GLY A 1 -45.39 10.50 37.11
CA GLY A 1 -46.42 10.20 36.14
C GLY A 1 -45.88 9.47 34.93
N SER A 2 -45.32 10.22 33.99
CA SER A 2 -44.77 9.63 32.77
C SER A 2 -43.27 9.36 32.93
N SER A 3 -42.91 8.08 32.98
CA SER A 3 -41.52 7.68 33.13
C SER A 3 -40.61 8.63 32.37
N GLY A 4 -40.82 8.72 31.06
CA GLY A 4 -40.01 9.59 30.23
C GLY A 4 -39.41 8.87 29.04
N SER A 5 -38.31 9.39 28.52
CA SER A 5 -37.64 8.79 27.37
C SER A 5 -36.24 9.36 27.19
N SER A 6 -35.39 8.62 26.50
CA SER A 6 -34.02 9.04 26.26
C SER A 6 -33.42 8.31 25.06
N GLY A 7 -32.60 9.02 24.29
CA GLY A 7 -31.97 8.41 23.12
C GLY A 7 -30.61 9.01 22.83
N PRO A 8 -29.55 8.34 23.32
CA PRO A 8 -28.17 8.79 23.12
C PRO A 8 -27.72 8.63 21.67
N HIS A 9 -26.41 8.70 21.46
CA HIS A 9 -25.84 8.55 20.13
C HIS A 9 -25.41 7.12 19.87
N LYS A 10 -26.06 6.47 18.90
CA LYS A 10 -25.75 5.09 18.56
C LYS A 10 -25.18 5.00 17.14
N CYS A 11 -24.21 4.11 16.95
CA CYS A 11 -23.59 3.93 15.66
C CYS A 11 -24.36 2.92 14.81
N GLU A 12 -24.15 2.96 13.51
CA GLU A 12 -24.83 2.05 12.59
C GLU A 12 -23.83 1.26 11.75
N VAL A 13 -22.84 1.98 11.22
CA VAL A 13 -21.81 1.35 10.39
C VAL A 13 -21.26 0.09 11.05
N CYS A 14 -21.00 0.18 12.35
CA CYS A 14 -20.48 -0.95 13.10
C CYS A 14 -21.46 -1.39 14.18
N GLY A 15 -22.13 -0.43 14.81
CA GLY A 15 -23.09 -0.74 15.85
C GLY A 15 -22.51 -0.57 17.23
N LYS A 16 -21.56 0.34 17.38
CA LYS A 16 -20.93 0.60 18.66
C LYS A 16 -21.63 1.72 19.40
N CYS A 17 -21.93 1.50 20.67
CA CYS A 17 -22.61 2.49 21.49
C CYS A 17 -21.60 3.41 22.18
N PHE A 18 -22.05 4.60 22.57
CA PHE A 18 -21.19 5.56 23.22
C PHE A 18 -21.96 6.34 24.30
N SER A 19 -21.24 7.18 25.03
CA SER A 19 -21.85 7.98 26.09
C SER A 19 -22.03 9.42 25.66
N ARG A 20 -20.91 10.09 25.39
CA ARG A 20 -20.94 11.49 24.95
C ARG A 20 -20.80 11.59 23.44
N LYS A 21 -21.57 12.50 22.85
CA LYS A 21 -21.54 12.71 21.40
C LYS A 21 -20.13 13.05 20.93
N ASP A 22 -19.41 13.81 21.74
CA ASP A 22 -18.04 14.20 21.41
C ASP A 22 -17.19 12.99 21.03
N LYS A 23 -17.33 11.92 21.81
CA LYS A 23 -16.59 10.69 21.56
C LYS A 23 -16.91 10.12 20.18
N LEU A 24 -18.20 10.11 19.85
CA LEU A 24 -18.65 9.59 18.56
C LEU A 24 -17.98 10.35 17.41
N LYS A 25 -18.03 11.67 17.47
CA LYS A 25 -17.43 12.52 16.44
C LYS A 25 -16.17 11.87 15.88
N THR A 26 -15.23 11.52 16.76
CA THR A 26 -13.98 10.90 16.35
C THR A 26 -14.21 9.46 15.91
N HIS A 27 -15.02 8.73 16.67
CA HIS A 27 -15.32 7.34 16.36
C HIS A 27 -15.46 7.14 14.85
N MET A 28 -16.05 8.14 14.19
CA MET A 28 -16.26 8.08 12.74
C MET A 28 -14.94 8.31 12.00
N ARG A 29 -14.15 9.25 12.50
CA ARG A 29 -12.86 9.57 11.88
C ARG A 29 -12.16 8.30 11.39
N CYS A 30 -12.26 7.25 12.18
CA CYS A 30 -11.63 5.97 11.83
C CYS A 30 -12.41 5.27 10.72
N HIS A 31 -13.72 5.14 10.90
CA HIS A 31 -14.58 4.49 9.92
C HIS A 31 -14.21 4.94 8.51
N THR A 32 -14.19 6.25 8.29
CA THR A 32 -13.85 6.81 6.99
C THR A 32 -12.38 6.59 6.66
N GLY A 33 -12.10 6.39 5.37
CA GLY A 33 -10.74 6.18 4.94
C GLY A 33 -10.53 6.50 3.47
N VAL A 34 -9.77 7.56 3.20
CA VAL A 34 -9.50 7.97 1.83
C VAL A 34 -8.91 6.82 1.01
N LYS A 35 -8.53 7.12 -0.22
CA LYS A 35 -7.94 6.12 -1.10
C LYS A 35 -8.95 5.00 -1.40
N PRO A 36 -10.14 5.39 -1.89
CA PRO A 36 -11.20 4.44 -2.22
C PRO A 36 -10.87 3.60 -3.45
N TYR A 37 -9.71 3.87 -4.04
CA TYR A 37 -9.27 3.14 -5.23
C TYR A 37 -8.41 1.95 -4.85
N LYS A 38 -9.06 0.79 -4.69
CA LYS A 38 -8.34 -0.43 -4.33
C LYS A 38 -8.37 -1.43 -5.48
N CYS A 39 -7.26 -2.15 -5.64
CA CYS A 39 -7.15 -3.15 -6.71
C CYS A 39 -8.11 -4.31 -6.45
N LYS A 40 -8.39 -5.08 -7.50
CA LYS A 40 -9.28 -6.23 -7.39
C LYS A 40 -8.64 -7.34 -6.54
N THR A 41 -7.40 -7.69 -6.87
CA THR A 41 -6.69 -8.72 -6.13
C THR A 41 -5.78 -8.11 -5.06
N CYS A 42 -5.04 -7.07 -5.43
CA CYS A 42 -4.15 -6.40 -4.51
C CYS A 42 -4.92 -5.48 -3.56
N ASP A 43 -4.27 -5.09 -2.47
CA ASP A 43 -4.91 -4.21 -1.49
C ASP A 43 -4.23 -2.84 -1.48
N TYR A 44 -3.90 -2.34 -2.67
CA TYR A 44 -3.24 -1.04 -2.79
C TYR A 44 -4.28 0.08 -2.88
N ALA A 45 -4.15 1.06 -1.99
CA ALA A 45 -5.08 2.19 -1.97
C ALA A 45 -4.43 3.43 -2.59
N ALA A 46 -5.06 3.96 -3.63
CA ALA A 46 -4.55 5.15 -4.30
C ALA A 46 -5.51 6.32 -4.15
N ALA A 47 -4.97 7.53 -4.19
CA ALA A 47 -5.78 8.74 -4.05
C ALA A 47 -6.32 9.18 -5.41
N ASP A 48 -5.43 9.32 -6.38
CA ASP A 48 -5.82 9.75 -7.72
C ASP A 48 -6.28 8.55 -8.55
N SER A 49 -7.06 8.83 -9.59
CA SER A 49 -7.58 7.78 -10.47
C SER A 49 -6.46 7.20 -11.33
N SER A 50 -5.55 8.06 -11.77
CA SER A 50 -4.44 7.62 -12.61
C SER A 50 -3.43 6.82 -11.79
N SER A 51 -3.47 6.99 -10.48
CA SER A 51 -2.55 6.29 -9.60
C SER A 51 -2.91 4.80 -9.52
N LEU A 52 -4.20 4.51 -9.55
CA LEU A 52 -4.69 3.13 -9.47
C LEU A 52 -4.57 2.44 -10.84
N ASN A 53 -4.69 3.22 -11.90
CA ASN A 53 -4.59 2.68 -13.25
C ASN A 53 -3.18 2.26 -13.57
N LYS A 54 -2.21 3.10 -13.22
CA LYS A 54 -0.80 2.81 -13.46
C LYS A 54 -0.39 1.51 -12.77
N HIS A 55 -1.13 1.14 -11.72
CA HIS A 55 -0.83 -0.09 -10.98
C HIS A 55 -1.30 -1.31 -11.76
N LEU A 56 -2.58 -1.35 -12.07
CA LEU A 56 -3.16 -2.47 -12.82
C LEU A 56 -2.30 -2.80 -14.04
N ARG A 57 -1.49 -1.84 -14.46
CA ARG A 57 -0.63 -2.03 -15.62
C ARG A 57 0.47 -3.05 -15.31
N ILE A 58 1.20 -2.81 -14.23
CA ILE A 58 2.27 -3.71 -13.82
C ILE A 58 1.87 -5.17 -13.97
N HIS A 59 0.58 -5.44 -13.78
CA HIS A 59 0.05 -6.80 -13.90
C HIS A 59 0.28 -7.35 -15.31
N SER A 60 1.01 -8.46 -15.38
CA SER A 60 1.31 -9.09 -16.67
C SER A 60 2.13 -8.16 -17.54
N ASP A 61 3.17 -7.58 -16.96
CA ASP A 61 4.05 -6.67 -17.70
C ASP A 61 5.06 -7.45 -18.53
N GLU A 62 5.25 -7.01 -19.77
CA GLU A 62 6.19 -7.66 -20.67
C GLU A 62 7.62 -7.19 -20.40
N ARG A 63 8.55 -8.14 -20.31
CA ARG A 63 9.95 -7.83 -20.05
C ARG A 63 10.86 -8.67 -20.94
N PRO A 64 11.80 -7.99 -21.62
CA PRO A 64 12.76 -8.66 -22.51
C PRO A 64 13.78 -9.49 -21.75
N PHE A 65 14.28 -8.95 -20.64
CA PHE A 65 15.26 -9.65 -19.82
C PHE A 65 14.58 -10.52 -18.78
N LYS A 66 14.89 -11.81 -18.79
CA LYS A 66 14.30 -12.75 -17.84
C LYS A 66 15.39 -13.54 -17.12
N CYS A 67 15.01 -14.20 -16.04
CA CYS A 67 15.96 -15.00 -15.26
C CYS A 67 15.82 -16.48 -15.60
N GLN A 68 16.85 -17.25 -15.26
CA GLN A 68 16.85 -18.69 -15.53
C GLN A 68 16.29 -19.46 -14.33
N ILE A 69 16.96 -19.32 -13.19
CA ILE A 69 16.55 -20.00 -11.97
C ILE A 69 15.07 -19.75 -11.67
N CYS A 70 14.67 -18.48 -11.75
CA CYS A 70 13.29 -18.11 -11.49
C CYS A 70 12.67 -17.41 -12.71
N PRO A 71 11.33 -17.51 -12.82
CA PRO A 71 10.60 -16.89 -13.93
C PRO A 71 10.60 -15.37 -13.86
N TYR A 72 11.36 -14.82 -12.92
CA TYR A 72 11.44 -13.38 -12.74
C TYR A 72 11.77 -12.69 -14.06
N ALA A 73 11.65 -11.36 -14.07
CA ALA A 73 11.95 -10.58 -15.26
C ALA A 73 12.11 -9.10 -14.93
N SER A 74 12.83 -8.39 -15.78
CA SER A 74 13.08 -6.97 -15.57
C SER A 74 13.15 -6.22 -16.90
N ARG A 75 13.23 -4.90 -16.82
CA ARG A 75 13.30 -4.07 -18.02
C ARG A 75 14.75 -3.80 -18.42
N ASN A 76 15.60 -3.58 -17.42
CA ASN A 76 17.01 -3.32 -17.66
C ASN A 76 17.84 -4.60 -17.55
N SER A 77 19.03 -4.59 -18.15
CA SER A 77 19.91 -5.75 -18.10
C SER A 77 20.59 -5.86 -16.75
N SER A 78 21.37 -4.84 -16.40
CA SER A 78 22.09 -4.83 -15.13
C SER A 78 21.22 -5.38 -14.01
N GLN A 79 20.02 -4.83 -13.87
CA GLN A 79 19.09 -5.26 -12.83
C GLN A 79 19.11 -6.78 -12.69
N LEU A 80 18.99 -7.47 -13.82
CA LEU A 80 19.00 -8.94 -13.83
C LEU A 80 20.32 -9.48 -13.32
N THR A 81 21.42 -8.92 -13.83
CA THR A 81 22.75 -9.36 -13.42
C THR A 81 22.88 -9.41 -11.91
N VAL A 82 22.37 -8.38 -11.23
CA VAL A 82 22.43 -8.30 -9.78
C VAL A 82 21.38 -9.23 -9.15
N HIS A 83 20.14 -9.08 -9.58
CA HIS A 83 19.05 -9.90 -9.06
C HIS A 83 19.51 -11.33 -8.84
N LEU A 84 20.33 -11.83 -9.76
CA LEU A 84 20.83 -13.20 -9.67
C LEU A 84 21.39 -13.49 -8.28
N ARG A 85 22.18 -12.55 -7.76
CA ARG A 85 22.77 -12.70 -6.44
C ARG A 85 21.71 -13.07 -5.40
N SER A 86 20.52 -12.52 -5.57
CA SER A 86 19.42 -12.80 -4.65
C SER A 86 19.28 -14.29 -4.40
N HIS A 87 19.67 -15.09 -5.38
CA HIS A 87 19.59 -16.54 -5.27
C HIS A 87 20.72 -17.08 -4.41
N THR A 88 20.48 -17.15 -3.10
CA THR A 88 21.48 -17.65 -2.16
C THR A 88 20.87 -17.90 -0.79
N GLY A 89 21.15 -19.08 -0.23
CA GLY A 89 20.62 -19.42 1.07
C GLY A 89 20.33 -20.90 1.21
N ASP A 90 19.11 -21.30 0.87
CA ASP A 90 18.71 -22.69 0.94
C ASP A 90 19.80 -23.61 0.43
N SER A 91 20.49 -24.29 1.34
CA SER A 91 21.57 -25.20 0.98
C SER A 91 21.81 -26.24 2.08
N GLY A 92 22.05 -27.48 1.66
CA GLY A 92 22.29 -28.54 2.62
C GLY A 92 21.17 -29.56 2.65
N PRO A 93 20.33 -29.50 3.69
CA PRO A 93 19.20 -30.42 3.85
C PRO A 93 18.09 -30.17 2.83
N SER A 94 18.23 -29.07 2.09
CA SER A 94 17.24 -28.72 1.07
C SER A 94 17.87 -28.67 -0.31
N SER A 95 17.34 -29.47 -1.23
CA SER A 95 17.85 -29.54 -2.59
C SER A 95 18.18 -28.13 -3.11
N GLY A 96 19.12 -28.06 -4.04
CA GLY A 96 19.51 -26.78 -4.60
C GLY A 96 20.45 -26.93 -5.79
N GLY A 1 -0.56 21.31 44.81
CA GLY A 1 -1.42 21.88 43.80
C GLY A 1 -1.60 20.97 42.59
N SER A 2 -2.72 21.13 41.89
CA SER A 2 -3.01 20.32 40.72
C SER A 2 -4.20 20.88 39.94
N SER A 3 -4.47 20.28 38.78
CA SER A 3 -5.58 20.73 37.94
C SER A 3 -5.88 19.71 36.86
N GLY A 4 -6.92 19.97 36.08
CA GLY A 4 -7.30 19.06 35.01
C GLY A 4 -7.96 19.78 33.84
N SER A 5 -8.53 19.00 32.93
CA SER A 5 -9.19 19.58 31.76
C SER A 5 -9.88 18.49 30.94
N SER A 6 -10.74 18.90 30.02
CA SER A 6 -11.48 17.97 29.17
C SER A 6 -12.28 18.71 28.11
N GLY A 7 -12.96 17.95 27.25
CA GLY A 7 -13.75 18.55 26.20
C GLY A 7 -14.44 17.51 25.33
N PRO A 8 -15.67 17.82 24.90
CA PRO A 8 -16.46 16.92 24.06
C PRO A 8 -15.89 16.80 22.64
N HIS A 9 -16.42 15.84 21.88
CA HIS A 9 -15.97 15.62 20.52
C HIS A 9 -17.13 15.69 19.54
N LYS A 10 -17.01 16.57 18.55
CA LYS A 10 -18.06 16.75 17.55
C LYS A 10 -17.46 16.74 16.14
N CYS A 11 -18.18 16.13 15.20
CA CYS A 11 -17.72 16.07 13.82
C CYS A 11 -18.29 17.23 13.00
N GLU A 12 -17.57 17.61 11.95
CA GLU A 12 -18.00 18.70 11.09
C GLU A 12 -18.22 18.22 9.66
N VAL A 13 -17.47 17.18 9.27
CA VAL A 13 -17.58 16.62 7.93
C VAL A 13 -18.99 16.09 7.67
N CYS A 14 -19.62 15.55 8.70
CA CYS A 14 -20.97 15.00 8.59
C CYS A 14 -21.89 15.61 9.64
N GLY A 15 -21.33 15.95 10.80
CA GLY A 15 -22.12 16.55 11.86
C GLY A 15 -22.65 15.51 12.83
N LYS A 16 -21.84 14.49 13.12
CA LYS A 16 -22.25 13.44 14.04
C LYS A 16 -21.63 13.66 15.41
N CYS A 17 -22.23 13.03 16.43
CA CYS A 17 -21.73 13.17 17.80
C CYS A 17 -21.46 11.79 18.40
N PHE A 18 -20.48 11.73 19.31
CA PHE A 18 -20.13 10.48 19.97
C PHE A 18 -19.83 10.71 21.45
N SER A 19 -20.26 9.77 22.28
CA SER A 19 -20.04 9.87 23.72
C SER A 19 -18.57 9.70 24.06
N ARG A 20 -17.93 8.72 23.43
CA ARG A 20 -16.51 8.45 23.66
C ARG A 20 -15.66 8.96 22.51
N LYS A 21 -14.35 8.86 22.65
CA LYS A 21 -13.42 9.32 21.63
C LYS A 21 -13.14 8.20 20.61
N ASP A 22 -13.06 6.98 21.11
CA ASP A 22 -12.81 5.83 20.25
C ASP A 22 -13.66 5.89 18.99
N LYS A 23 -14.96 6.01 19.17
CA LYS A 23 -15.89 6.08 18.04
C LYS A 23 -15.42 7.10 17.01
N LEU A 24 -15.17 8.32 17.47
CA LEU A 24 -14.71 9.39 16.58
C LEU A 24 -13.43 8.97 15.85
N LYS A 25 -12.47 8.47 16.60
CA LYS A 25 -11.20 8.03 16.03
C LYS A 25 -11.42 7.33 14.69
N THR A 26 -12.08 6.18 14.73
CA THR A 26 -12.36 5.41 13.52
C THR A 26 -13.39 6.12 12.65
N HIS A 27 -14.48 6.56 13.27
CA HIS A 27 -15.54 7.26 12.55
C HIS A 27 -14.97 8.10 11.41
N MET A 28 -13.83 8.73 11.67
CA MET A 28 -13.17 9.57 10.66
C MET A 28 -12.71 8.73 9.48
N ARG A 29 -12.05 7.62 9.78
CA ARG A 29 -11.54 6.73 8.74
C ARG A 29 -12.47 6.72 7.53
N CYS A 30 -13.77 6.79 7.78
CA CYS A 30 -14.76 6.80 6.72
C CYS A 30 -14.61 8.05 5.84
N HIS A 31 -14.69 9.22 6.47
CA HIS A 31 -14.57 10.48 5.75
C HIS A 31 -13.23 10.56 5.02
N THR A 32 -12.15 10.33 5.76
CA THR A 32 -10.80 10.37 5.18
C THR A 32 -10.70 9.45 3.98
N GLY A 33 -9.66 9.65 3.16
CA GLY A 33 -9.47 8.83 1.99
C GLY A 33 -10.41 9.17 0.86
N VAL A 34 -10.14 10.27 0.17
CA VAL A 34 -10.98 10.72 -0.93
C VAL A 34 -10.26 10.56 -2.28
N LYS A 35 -9.60 9.42 -2.45
CA LYS A 35 -8.86 9.15 -3.68
C LYS A 35 -7.62 10.03 -3.79
N PRO A 36 -6.77 9.99 -2.75
CA PRO A 36 -5.54 10.77 -2.70
C PRO A 36 -4.50 10.28 -3.71
N TYR A 37 -4.86 9.25 -4.46
CA TYR A 37 -3.95 8.69 -5.45
C TYR A 37 -4.32 9.15 -6.86
N LYS A 38 -3.61 10.18 -7.33
CA LYS A 38 -3.86 10.73 -8.66
C LYS A 38 -2.62 10.62 -9.54
N CYS A 39 -2.83 10.56 -10.85
CA CYS A 39 -1.72 10.46 -11.80
C CYS A 39 -1.04 11.81 -12.00
N LYS A 40 0.28 11.82 -11.90
CA LYS A 40 1.05 13.05 -12.07
C LYS A 40 0.80 13.65 -13.44
N THR A 41 0.32 12.84 -14.37
CA THR A 41 0.04 13.29 -15.73
C THR A 41 -1.47 13.42 -15.96
N CYS A 42 -2.17 12.30 -15.84
CA CYS A 42 -3.61 12.29 -16.04
C CYS A 42 -4.34 12.85 -14.83
N ASP A 43 -5.62 13.14 -14.99
CA ASP A 43 -6.44 13.70 -13.91
C ASP A 43 -7.36 12.63 -13.32
N TYR A 44 -6.88 11.40 -13.28
CA TYR A 44 -7.67 10.29 -12.75
C TYR A 44 -7.46 10.15 -11.24
N ALA A 45 -8.51 9.71 -10.55
CA ALA A 45 -8.44 9.52 -9.10
C ALA A 45 -8.85 8.11 -8.71
N ALA A 46 -7.96 7.42 -7.99
CA ALA A 46 -8.23 6.06 -7.55
C ALA A 46 -8.33 5.98 -6.04
N ALA A 47 -9.40 5.37 -5.55
CA ALA A 47 -9.61 5.22 -4.11
C ALA A 47 -8.87 4.02 -3.57
N ASP A 48 -7.67 3.78 -4.10
CA ASP A 48 -6.85 2.65 -3.67
C ASP A 48 -5.44 2.75 -4.24
N SER A 49 -4.45 2.54 -3.38
CA SER A 49 -3.05 2.61 -3.80
C SER A 49 -2.80 1.72 -5.02
N SER A 50 -3.27 0.47 -4.93
CA SER A 50 -3.10 -0.49 -6.01
C SER A 50 -3.80 0.00 -7.29
N SER A 51 -5.04 0.44 -7.13
CA SER A 51 -5.83 0.92 -8.27
C SER A 51 -4.99 1.84 -9.15
N LEU A 52 -4.37 2.83 -8.53
CA LEU A 52 -3.53 3.78 -9.26
C LEU A 52 -2.34 3.09 -9.91
N ASN A 53 -1.77 2.12 -9.20
CA ASN A 53 -0.63 1.37 -9.70
C ASN A 53 -0.99 0.64 -10.99
N LYS A 54 -2.21 0.16 -11.07
CA LYS A 54 -2.69 -0.56 -12.26
C LYS A 54 -2.92 0.40 -13.41
N HIS A 55 -2.94 1.70 -13.11
CA HIS A 55 -3.16 2.72 -14.13
C HIS A 55 -1.85 3.11 -14.80
N LEU A 56 -0.76 3.05 -14.04
CA LEU A 56 0.55 3.39 -14.57
C LEU A 56 0.94 2.46 -15.71
N ARG A 57 0.35 1.26 -15.72
CA ARG A 57 0.65 0.28 -16.76
C ARG A 57 0.09 0.75 -18.11
N ILE A 58 -1.16 1.16 -18.12
CA ILE A 58 -1.80 1.63 -19.34
C ILE A 58 -0.88 2.55 -20.13
N HIS A 59 -0.03 3.28 -19.41
CA HIS A 59 0.92 4.20 -20.05
C HIS A 59 1.94 3.43 -20.90
N SER A 60 2.65 2.51 -20.26
CA SER A 60 3.66 1.71 -20.95
C SER A 60 3.48 0.22 -20.64
N ASP A 61 3.71 -0.61 -21.64
CA ASP A 61 3.57 -2.05 -21.48
C ASP A 61 4.34 -2.54 -20.26
N GLU A 62 4.04 -3.75 -19.82
CA GLU A 62 4.70 -4.33 -18.65
C GLU A 62 6.18 -4.57 -18.93
N ARG A 63 6.95 -4.77 -17.88
CA ARG A 63 8.38 -5.01 -18.00
C ARG A 63 8.65 -6.33 -18.72
N PRO A 64 9.73 -6.37 -19.50
CA PRO A 64 10.12 -7.56 -20.27
C PRO A 64 10.63 -8.68 -19.35
N PHE A 65 11.49 -8.33 -18.41
CA PHE A 65 12.05 -9.30 -17.48
C PHE A 65 11.09 -9.57 -16.33
N LYS A 66 11.01 -10.83 -15.92
CA LYS A 66 10.13 -11.22 -14.82
C LYS A 66 10.72 -12.38 -14.03
N CYS A 67 10.61 -12.32 -12.71
CA CYS A 67 11.14 -13.36 -11.85
C CYS A 67 10.27 -14.61 -11.90
N GLN A 68 10.83 -15.74 -11.48
CA GLN A 68 10.10 -17.00 -11.49
C GLN A 68 9.38 -17.22 -10.16
N ILE A 69 10.11 -17.06 -9.07
CA ILE A 69 9.53 -17.25 -7.74
C ILE A 69 8.42 -16.25 -7.47
N CYS A 70 8.72 -14.97 -7.68
CA CYS A 70 7.74 -13.91 -7.47
C CYS A 70 7.37 -13.24 -8.79
N PRO A 71 6.15 -12.68 -8.84
CA PRO A 71 5.64 -12.00 -10.04
C PRO A 71 6.36 -10.69 -10.30
N TYR A 72 7.38 -10.40 -9.49
CA TYR A 72 8.14 -9.17 -9.64
C TYR A 72 8.46 -8.90 -11.10
N ALA A 73 8.93 -7.69 -11.39
CA ALA A 73 9.28 -7.30 -12.75
C ALA A 73 10.19 -6.09 -12.76
N SER A 74 11.17 -6.09 -13.65
CA SER A 74 12.13 -4.98 -13.76
C SER A 74 12.30 -4.56 -15.22
N ARG A 75 12.63 -3.29 -15.42
CA ARG A 75 12.82 -2.75 -16.76
C ARG A 75 14.14 -3.25 -17.36
N ASN A 76 15.14 -3.45 -16.50
CA ASN A 76 16.45 -3.91 -16.95
C ASN A 76 16.77 -5.28 -16.34
N SER A 77 17.88 -5.87 -16.76
CA SER A 77 18.30 -7.17 -16.26
C SER A 77 19.07 -7.03 -14.96
N SER A 78 20.01 -6.09 -14.93
CA SER A 78 20.82 -5.85 -13.74
C SER A 78 19.98 -6.00 -12.47
N GLN A 79 18.93 -5.21 -12.36
CA GLN A 79 18.05 -5.25 -11.20
C GLN A 79 17.71 -6.69 -10.84
N LEU A 80 17.19 -7.43 -11.81
CA LEU A 80 16.82 -8.83 -11.59
C LEU A 80 17.97 -9.61 -10.95
N THR A 81 19.18 -9.40 -11.48
CA THR A 81 20.36 -10.08 -10.97
C THR A 81 20.46 -9.94 -9.46
N VAL A 82 20.30 -8.71 -8.96
CA VAL A 82 20.37 -8.45 -7.53
C VAL A 82 19.11 -8.95 -6.82
N HIS A 83 17.96 -8.44 -7.25
CA HIS A 83 16.68 -8.83 -6.65
C HIS A 83 16.69 -10.30 -6.27
N LEU A 84 17.13 -11.14 -7.20
CA LEU A 84 17.19 -12.58 -6.97
C LEU A 84 17.78 -12.90 -5.59
N ARG A 85 18.92 -12.27 -5.29
CA ARG A 85 19.58 -12.47 -4.01
C ARG A 85 18.55 -12.62 -2.88
N SER A 86 17.42 -11.94 -3.04
CA SER A 86 16.36 -11.99 -2.03
C SER A 86 15.95 -13.43 -1.75
N HIS A 87 15.66 -14.19 -2.81
CA HIS A 87 15.25 -15.57 -2.68
C HIS A 87 16.44 -16.45 -2.29
N THR A 88 16.66 -16.59 -0.98
CA THR A 88 17.77 -17.39 -0.48
C THR A 88 17.56 -17.76 0.99
N GLY A 89 17.83 -19.01 1.32
CA GLY A 89 17.67 -19.46 2.69
C GLY A 89 16.35 -19.01 3.30
N ASP A 90 15.24 -19.40 2.67
CA ASP A 90 13.92 -19.04 3.15
C ASP A 90 13.65 -19.66 4.52
N SER A 91 12.73 -19.06 5.27
CA SER A 91 12.37 -19.55 6.59
C SER A 91 10.90 -19.94 6.66
N GLY A 92 10.63 -21.10 7.24
CA GLY A 92 9.25 -21.56 7.36
C GLY A 92 8.79 -22.33 6.13
N PRO A 93 7.48 -22.51 5.99
CA PRO A 93 6.88 -23.23 4.88
C PRO A 93 7.00 -22.46 3.56
N SER A 94 7.36 -23.17 2.50
CA SER A 94 7.52 -22.55 1.18
C SER A 94 6.17 -22.45 0.46
N SER A 95 5.80 -21.23 0.10
CA SER A 95 4.54 -20.99 -0.59
C SER A 95 3.39 -21.69 0.12
N GLY A 96 3.39 -21.62 1.45
CA GLY A 96 2.35 -22.24 2.23
C GLY A 96 0.96 -21.83 1.78
N GLY A 1 3.82 25.70 20.76
CA GLY A 1 2.53 25.02 20.72
C GLY A 1 1.54 25.72 19.82
N SER A 2 0.53 24.98 19.37
CA SER A 2 -0.49 25.54 18.48
C SER A 2 -1.61 24.53 18.25
N SER A 3 -2.85 25.00 18.35
CA SER A 3 -4.01 24.14 18.16
C SER A 3 -5.27 24.98 17.98
N GLY A 4 -6.39 24.30 17.74
CA GLY A 4 -7.66 24.99 17.56
C GLY A 4 -8.55 24.31 16.55
N SER A 5 -9.73 23.88 16.99
CA SER A 5 -10.68 23.20 16.12
C SER A 5 -12.09 23.29 16.68
N SER A 6 -13.04 23.70 15.84
CA SER A 6 -14.43 23.82 16.25
C SER A 6 -15.35 23.85 15.04
N GLY A 7 -16.65 23.66 15.28
CA GLY A 7 -17.62 23.67 14.20
C GLY A 7 -18.33 22.35 14.06
N PRO A 8 -19.06 22.17 12.94
CA PRO A 8 -19.81 20.95 12.66
C PRO A 8 -18.89 19.78 12.35
N HIS A 9 -19.37 18.57 12.63
CA HIS A 9 -18.60 17.36 12.38
C HIS A 9 -19.32 16.45 11.38
N LYS A 10 -18.95 16.57 10.11
CA LYS A 10 -19.56 15.76 9.06
C LYS A 10 -18.57 14.73 8.53
N CYS A 11 -18.88 13.46 8.74
CA CYS A 11 -18.02 12.38 8.28
C CYS A 11 -18.16 12.17 6.78
N GLU A 12 -18.05 13.25 6.02
CA GLU A 12 -18.17 13.19 4.57
C GLU A 12 -17.56 11.90 4.03
N VAL A 13 -16.41 11.51 4.59
CA VAL A 13 -15.72 10.29 4.17
C VAL A 13 -16.72 9.20 3.80
N CYS A 14 -17.72 9.00 4.66
CA CYS A 14 -18.74 7.99 4.43
C CYS A 14 -20.10 8.63 4.19
N GLY A 15 -20.39 9.70 4.94
CA GLY A 15 -21.66 10.38 4.79
C GLY A 15 -22.47 10.36 6.07
N LYS A 16 -21.80 10.40 7.21
CA LYS A 16 -22.47 10.38 8.50
C LYS A 16 -22.40 11.74 9.17
N CYS A 17 -23.37 12.02 10.03
CA CYS A 17 -23.42 13.30 10.73
C CYS A 17 -23.66 13.09 12.23
N PHE A 18 -22.83 13.72 13.05
CA PHE A 18 -22.95 13.59 14.50
C PHE A 18 -22.53 14.89 15.19
N SER A 19 -22.73 14.94 16.50
CA SER A 19 -22.38 16.12 17.28
C SER A 19 -21.56 15.74 18.52
N ARG A 20 -20.85 14.63 18.42
CA ARG A 20 -20.03 14.14 19.53
C ARG A 20 -18.68 13.63 19.02
N LYS A 21 -17.61 14.27 19.46
CA LYS A 21 -16.26 13.89 19.06
C LYS A 21 -15.97 12.44 19.44
N ASP A 22 -16.61 11.98 20.52
CA ASP A 22 -16.42 10.61 20.99
C ASP A 22 -16.65 9.61 19.86
N LYS A 23 -17.84 9.66 19.27
CA LYS A 23 -18.19 8.75 18.18
C LYS A 23 -17.24 8.93 17.01
N LEU A 24 -17.26 10.11 16.41
CA LEU A 24 -16.40 10.41 15.27
C LEU A 24 -15.02 9.77 15.44
N LYS A 25 -14.41 10.01 16.60
CA LYS A 25 -13.10 9.46 16.91
C LYS A 25 -12.96 8.04 16.36
N THR A 26 -13.75 7.12 16.92
CA THR A 26 -13.73 5.73 16.49
C THR A 26 -14.32 5.57 15.09
N HIS A 27 -15.59 5.97 14.95
CA HIS A 27 -16.28 5.87 13.67
C HIS A 27 -15.30 6.08 12.50
N MET A 28 -14.32 6.94 12.72
CA MET A 28 -13.32 7.23 11.69
C MET A 28 -12.62 5.96 11.25
N ARG A 29 -11.98 5.26 12.20
CA ARG A 29 -11.28 4.04 11.90
C ARG A 29 -10.55 4.13 10.56
N CYS A 30 -10.21 5.35 10.16
CA CYS A 30 -9.52 5.59 8.90
C CYS A 30 -10.42 5.26 7.71
N HIS A 31 -11.60 5.89 7.68
CA HIS A 31 -12.55 5.67 6.61
C HIS A 31 -11.84 5.57 5.26
N THR A 32 -11.38 6.70 4.75
CA THR A 32 -10.67 6.74 3.48
C THR A 32 -9.63 7.85 3.45
N GLY A 33 -8.70 7.77 2.51
CA GLY A 33 -7.66 8.77 2.39
C GLY A 33 -6.28 8.16 2.23
N VAL A 34 -6.13 6.92 2.66
CA VAL A 34 -4.85 6.22 2.54
C VAL A 34 -4.62 5.73 1.12
N LYS A 35 -5.68 5.26 0.47
CA LYS A 35 -5.60 4.77 -0.89
C LYS A 35 -6.52 5.55 -1.82
N PRO A 36 -6.18 6.83 -2.05
CA PRO A 36 -6.97 7.70 -2.92
C PRO A 36 -6.87 7.31 -4.38
N TYR A 37 -6.09 6.28 -4.66
CA TYR A 37 -5.91 5.80 -6.03
C TYR A 37 -6.04 4.28 -6.10
N LYS A 38 -7.20 3.82 -6.54
CA LYS A 38 -7.46 2.38 -6.66
C LYS A 38 -7.92 2.03 -8.06
N CYS A 39 -7.21 1.10 -8.69
CA CYS A 39 -7.53 0.67 -10.05
C CYS A 39 -8.97 0.13 -10.11
N LYS A 40 -9.63 0.36 -11.24
CA LYS A 40 -10.99 -0.10 -11.44
C LYS A 40 -11.02 -1.57 -11.83
N THR A 41 -10.44 -1.89 -12.98
CA THR A 41 -10.40 -3.25 -13.48
C THR A 41 -9.78 -4.19 -12.44
N CYS A 42 -8.67 -3.77 -11.87
CA CYS A 42 -7.97 -4.56 -10.86
C CYS A 42 -8.42 -4.17 -9.45
N ASP A 43 -8.23 -5.08 -8.51
CA ASP A 43 -8.61 -4.85 -7.12
C ASP A 43 -7.41 -4.40 -6.29
N TYR A 44 -6.36 -3.95 -6.97
CA TYR A 44 -5.15 -3.50 -6.30
C TYR A 44 -5.32 -2.09 -5.77
N ALA A 45 -4.66 -1.79 -4.65
CA ALA A 45 -4.73 -0.48 -4.03
C ALA A 45 -3.38 0.22 -4.09
N ALA A 46 -3.42 1.53 -4.33
CA ALA A 46 -2.20 2.33 -4.41
C ALA A 46 -2.21 3.46 -3.38
N ALA A 47 -1.15 3.54 -2.59
CA ALA A 47 -1.04 4.57 -1.56
C ALA A 47 -0.99 5.96 -2.20
N ASP A 48 -0.15 6.12 -3.21
CA ASP A 48 0.00 7.40 -3.90
C ASP A 48 -0.08 7.20 -5.42
N SER A 49 -0.14 8.31 -6.14
CA SER A 49 -0.21 8.27 -7.59
C SER A 49 0.83 7.32 -8.17
N SER A 50 2.08 7.50 -7.76
CA SER A 50 3.17 6.66 -8.23
C SER A 50 2.83 5.18 -8.07
N SER A 51 2.49 4.79 -6.86
CA SER A 51 2.15 3.39 -6.57
C SER A 51 1.31 2.81 -7.70
N LEU A 52 0.19 3.46 -8.00
CA LEU A 52 -0.70 3.00 -9.06
C LEU A 52 0.03 2.95 -10.40
N ASN A 53 0.86 3.95 -10.65
CA ASN A 53 1.62 4.00 -11.90
C ASN A 53 2.51 2.78 -12.05
N LYS A 54 2.94 2.22 -10.93
CA LYS A 54 3.79 1.04 -10.93
C LYS A 54 2.99 -0.22 -11.24
N HIS A 55 1.69 -0.17 -10.95
CA HIS A 55 0.81 -1.31 -11.19
C HIS A 55 0.25 -1.27 -12.61
N LEU A 56 -0.33 -0.13 -12.98
CA LEU A 56 -0.91 0.03 -14.31
C LEU A 56 0.07 -0.42 -15.40
N ARG A 57 1.34 -0.50 -15.03
CA ARG A 57 2.37 -0.93 -15.96
C ARG A 57 2.02 -2.27 -16.60
N ILE A 58 1.35 -3.12 -15.84
CA ILE A 58 0.94 -4.43 -16.33
C ILE A 58 -0.09 -4.31 -17.45
N HIS A 59 -0.73 -3.14 -17.53
CA HIS A 59 -1.73 -2.90 -18.56
C HIS A 59 -1.07 -2.62 -19.91
N SER A 60 -0.13 -3.48 -20.29
CA SER A 60 0.58 -3.31 -21.55
C SER A 60 1.04 -4.66 -22.10
N ASP A 61 1.76 -4.63 -23.21
CA ASP A 61 2.25 -5.85 -23.83
C ASP A 61 3.08 -6.68 -22.84
N GLU A 62 3.36 -7.92 -23.20
CA GLU A 62 4.13 -8.81 -22.35
C GLU A 62 5.62 -8.57 -22.52
N ARG A 63 6.41 -8.94 -21.51
CA ARG A 63 7.85 -8.76 -21.56
C ARG A 63 8.56 -10.10 -21.78
N PRO A 64 9.75 -10.05 -22.38
CA PRO A 64 10.56 -11.24 -22.66
C PRO A 64 11.12 -11.87 -21.39
N PHE A 65 11.22 -11.08 -20.34
CA PHE A 65 11.74 -11.55 -19.06
C PHE A 65 10.61 -11.84 -18.08
N LYS A 66 10.84 -12.77 -17.16
CA LYS A 66 9.85 -13.13 -16.16
C LYS A 66 10.51 -13.51 -14.84
N CYS A 67 9.82 -13.26 -13.74
CA CYS A 67 10.34 -13.58 -12.41
C CYS A 67 9.85 -14.94 -11.96
N GLN A 68 10.64 -15.60 -11.12
CA GLN A 68 10.30 -16.92 -10.61
C GLN A 68 9.25 -16.81 -9.50
N ILE A 69 9.61 -16.15 -8.41
CA ILE A 69 8.70 -15.98 -7.29
C ILE A 69 7.36 -15.42 -7.74
N CYS A 70 7.35 -14.14 -8.09
CA CYS A 70 6.12 -13.49 -8.55
C CYS A 70 6.05 -13.49 -10.07
N PRO A 71 4.80 -13.46 -10.60
CA PRO A 71 4.56 -13.46 -12.05
C PRO A 71 4.99 -12.15 -12.71
N TYR A 72 5.55 -11.26 -11.92
CA TYR A 72 6.01 -9.96 -12.42
C TYR A 72 6.75 -10.12 -13.74
N ALA A 73 6.98 -9.00 -14.42
CA ALA A 73 7.70 -9.01 -15.69
C ALA A 73 8.17 -7.62 -16.07
N SER A 74 9.33 -7.54 -16.72
CA SER A 74 9.89 -6.27 -17.13
C SER A 74 10.58 -6.39 -18.48
N ARG A 75 10.60 -5.29 -19.24
CA ARG A 75 11.23 -5.28 -20.55
C ARG A 75 12.72 -4.96 -20.44
N ASN A 76 13.37 -5.56 -19.44
CA ASN A 76 14.80 -5.34 -19.23
C ASN A 76 15.38 -6.44 -18.34
N SER A 77 16.71 -6.58 -18.38
CA SER A 77 17.39 -7.59 -17.58
C SER A 77 17.83 -7.01 -16.23
N SER A 78 18.46 -5.85 -16.27
CA SER A 78 18.93 -5.19 -15.06
C SER A 78 17.77 -4.91 -14.11
N GLN A 79 16.78 -4.17 -14.61
CA GLN A 79 15.62 -3.83 -13.80
C GLN A 79 15.13 -5.04 -13.00
N LEU A 80 15.07 -6.18 -13.65
CA LEU A 80 14.62 -7.42 -13.00
C LEU A 80 15.58 -7.82 -11.89
N THR A 81 16.88 -7.78 -12.19
CA THR A 81 17.91 -8.14 -11.22
C THR A 81 17.61 -7.52 -9.86
N VAL A 82 17.41 -6.21 -9.84
CA VAL A 82 17.13 -5.50 -8.60
C VAL A 82 15.77 -5.90 -8.04
N HIS A 83 14.77 -5.96 -8.91
CA HIS A 83 13.41 -6.33 -8.50
C HIS A 83 13.44 -7.56 -7.61
N LEU A 84 14.28 -8.53 -7.97
CA LEU A 84 14.40 -9.77 -7.20
C LEU A 84 14.92 -9.49 -5.79
N ARG A 85 15.87 -8.57 -5.70
CA ARG A 85 16.45 -8.21 -4.41
C ARG A 85 15.39 -8.20 -3.32
N SER A 86 14.27 -7.54 -3.59
CA SER A 86 13.18 -7.46 -2.62
C SER A 86 12.85 -8.84 -2.06
N HIS A 87 12.64 -9.81 -2.95
CA HIS A 87 12.32 -11.17 -2.55
C HIS A 87 13.37 -11.72 -1.59
N THR A 88 14.58 -11.91 -2.10
CA THR A 88 15.68 -12.43 -1.29
C THR A 88 15.90 -11.58 -0.06
N GLY A 89 16.22 -12.23 1.06
CA GLY A 89 16.45 -11.51 2.30
C GLY A 89 16.27 -12.37 3.52
N ASP A 90 17.32 -12.51 4.33
CA ASP A 90 17.28 -13.32 5.53
C ASP A 90 17.28 -12.44 6.78
N SER A 91 16.52 -11.35 6.73
CA SER A 91 16.45 -10.43 7.86
C SER A 91 15.23 -10.73 8.73
N GLY A 92 15.48 -10.98 10.01
CA GLY A 92 14.39 -11.28 10.93
C GLY A 92 13.67 -12.57 10.58
N PRO A 93 12.53 -12.82 11.24
CA PRO A 93 11.73 -14.01 11.01
C PRO A 93 11.05 -14.01 9.64
N SER A 94 10.66 -15.19 9.18
CA SER A 94 10.00 -15.32 7.88
C SER A 94 8.48 -15.26 8.02
N SER A 95 7.83 -14.63 7.06
CA SER A 95 6.37 -14.50 7.08
C SER A 95 5.70 -15.87 7.06
N GLY A 96 4.94 -16.17 8.11
CA GLY A 96 4.25 -17.45 8.19
C GLY A 96 3.12 -17.43 9.20
N GLY A 1 -29.02 31.18 33.05
CA GLY A 1 -28.27 30.59 31.97
C GLY A 1 -29.05 29.52 31.22
N SER A 2 -28.72 29.32 29.95
CA SER A 2 -29.41 28.32 29.13
C SER A 2 -28.59 27.99 27.90
N SER A 3 -28.72 26.75 27.43
CA SER A 3 -27.99 26.29 26.25
C SER A 3 -28.71 25.12 25.59
N GLY A 4 -28.18 24.68 24.44
CA GLY A 4 -28.78 23.57 23.73
C GLY A 4 -27.75 22.72 23.02
N SER A 5 -27.34 21.63 23.67
CA SER A 5 -26.35 20.72 23.09
C SER A 5 -26.89 19.30 23.00
N SER A 6 -27.46 18.83 24.11
CA SER A 6 -28.02 17.48 24.15
C SER A 6 -28.96 17.24 22.97
N GLY A 7 -28.82 16.07 22.34
CA GLY A 7 -29.67 15.74 21.21
C GLY A 7 -29.21 14.49 20.48
N PRO A 8 -30.10 13.89 19.69
CA PRO A 8 -29.79 12.68 18.93
C PRO A 8 -28.82 12.94 17.78
N HIS A 9 -27.73 12.19 17.76
CA HIS A 9 -26.72 12.35 16.72
C HIS A 9 -26.42 11.01 16.06
N LYS A 10 -26.75 10.90 14.77
CA LYS A 10 -26.51 9.68 14.02
C LYS A 10 -25.79 9.97 12.71
N CYS A 11 -25.09 8.96 12.18
CA CYS A 11 -24.36 9.12 10.93
C CYS A 11 -25.20 9.85 9.89
N GLU A 12 -24.58 10.18 8.76
CA GLU A 12 -25.28 10.88 7.68
C GLU A 12 -25.35 10.01 6.43
N VAL A 13 -24.82 8.79 6.53
CA VAL A 13 -24.82 7.86 5.41
C VAL A 13 -25.51 6.56 5.78
N CYS A 14 -25.35 6.14 7.02
CA CYS A 14 -25.96 4.90 7.50
C CYS A 14 -26.76 5.15 8.78
N GLY A 15 -27.06 6.42 9.04
CA GLY A 15 -27.82 6.77 10.23
C GLY A 15 -27.54 5.84 11.39
N LYS A 16 -26.33 5.90 11.92
CA LYS A 16 -25.95 5.05 13.05
C LYS A 16 -25.82 5.87 14.33
N CYS A 17 -26.36 5.34 15.42
CA CYS A 17 -26.31 6.02 16.71
C CYS A 17 -24.93 5.87 17.35
N PHE A 18 -24.56 6.83 18.19
CA PHE A 18 -23.28 6.80 18.87
C PHE A 18 -23.38 7.41 20.26
N SER A 19 -22.36 7.17 21.09
CA SER A 19 -22.34 7.69 22.45
C SER A 19 -21.86 9.13 22.47
N ARG A 20 -20.75 9.40 21.77
CA ARG A 20 -20.19 10.73 21.70
C ARG A 20 -19.88 11.13 20.26
N LYS A 21 -19.71 12.43 20.02
CA LYS A 21 -19.41 12.93 18.70
C LYS A 21 -18.03 12.46 18.23
N ASP A 22 -17.10 12.33 19.18
CA ASP A 22 -15.75 11.89 18.87
C ASP A 22 -15.77 10.52 18.20
N LYS A 23 -16.65 9.64 18.66
CA LYS A 23 -16.77 8.30 18.11
C LYS A 23 -17.12 8.36 16.62
N LEU A 24 -18.20 9.07 16.31
CA LEU A 24 -18.65 9.20 14.92
C LEU A 24 -17.55 9.77 14.04
N LYS A 25 -16.84 10.76 14.57
CA LYS A 25 -15.75 11.39 13.84
C LYS A 25 -14.90 10.35 13.12
N THR A 26 -14.50 9.32 13.84
CA THR A 26 -13.69 8.25 13.26
C THR A 26 -14.54 7.26 12.47
N HIS A 27 -15.76 7.02 12.95
CA HIS A 27 -16.68 6.12 12.28
C HIS A 27 -16.64 6.32 10.77
N MET A 28 -16.67 7.58 10.35
CA MET A 28 -16.64 7.91 8.93
C MET A 28 -15.61 7.06 8.19
N ARG A 29 -14.47 6.84 8.83
CA ARG A 29 -13.40 6.04 8.24
C ARG A 29 -13.97 4.93 7.37
N CYS A 30 -14.87 4.14 7.95
CA CYS A 30 -15.48 3.02 7.23
C CYS A 30 -15.93 3.46 5.85
N HIS A 31 -17.00 4.26 5.79
CA HIS A 31 -17.53 4.74 4.52
C HIS A 31 -16.43 5.42 3.70
N THR A 32 -16.76 5.77 2.47
CA THR A 32 -15.81 6.43 1.58
C THR A 32 -15.74 7.92 1.86
N GLY A 33 -14.87 8.62 1.13
CA GLY A 33 -14.71 10.05 1.32
C GLY A 33 -14.27 10.76 0.04
N VAL A 34 -13.04 11.24 0.04
CA VAL A 34 -12.50 11.95 -1.12
C VAL A 34 -11.39 11.13 -1.79
N LYS A 35 -11.81 10.19 -2.64
CA LYS A 35 -10.84 9.35 -3.35
C LYS A 35 -10.97 9.54 -4.87
N PRO A 36 -10.42 10.66 -5.36
CA PRO A 36 -10.46 10.98 -6.79
C PRO A 36 -9.56 10.06 -7.62
N TYR A 37 -8.40 9.73 -7.07
CA TYR A 37 -7.45 8.86 -7.76
C TYR A 37 -8.04 7.47 -7.94
N LYS A 38 -8.59 7.20 -9.13
CA LYS A 38 -9.19 5.91 -9.43
C LYS A 38 -8.57 5.31 -10.69
N CYS A 39 -8.25 4.02 -10.64
CA CYS A 39 -7.66 3.33 -11.78
C CYS A 39 -8.59 3.37 -12.98
N LYS A 40 -8.02 3.61 -14.15
CA LYS A 40 -8.80 3.67 -15.39
C LYS A 40 -9.44 2.33 -15.69
N THR A 41 -8.68 1.25 -15.51
CA THR A 41 -9.18 -0.09 -15.78
C THR A 41 -9.88 -0.66 -14.54
N CYS A 42 -9.12 -0.83 -13.46
CA CYS A 42 -9.67 -1.36 -12.22
C CYS A 42 -10.65 -0.38 -11.59
N ASP A 43 -11.26 -0.78 -10.49
CA ASP A 43 -12.22 0.06 -9.78
C ASP A 43 -11.78 0.29 -8.34
N TYR A 44 -10.49 0.54 -8.15
CA TYR A 44 -9.94 0.78 -6.82
C TYR A 44 -9.82 2.27 -6.54
N ALA A 45 -9.97 2.65 -5.27
CA ALA A 45 -9.89 4.04 -4.87
C ALA A 45 -8.69 4.28 -3.96
N ALA A 46 -7.91 5.31 -4.26
CA ALA A 46 -6.74 5.64 -3.46
C ALA A 46 -6.94 6.93 -2.68
N ALA A 47 -6.25 7.07 -1.56
CA ALA A 47 -6.36 8.25 -0.72
C ALA A 47 -5.37 9.33 -1.16
N ASP A 48 -4.10 8.94 -1.25
CA ASP A 48 -3.05 9.88 -1.66
C ASP A 48 -2.43 9.45 -2.99
N SER A 49 -1.84 10.40 -3.70
CA SER A 49 -1.21 10.12 -4.98
C SER A 49 -0.34 8.87 -4.89
N SER A 50 0.30 8.68 -3.75
CA SER A 50 1.17 7.53 -3.54
C SER A 50 0.36 6.23 -3.51
N SER A 51 -0.75 6.24 -2.77
CA SER A 51 -1.61 5.08 -2.65
C SER A 51 -1.89 4.47 -4.02
N LEU A 52 -2.16 5.33 -5.00
CA LEU A 52 -2.44 4.87 -6.36
C LEU A 52 -1.16 4.41 -7.05
N ASN A 53 -0.12 5.24 -6.97
CA ASN A 53 1.16 4.91 -7.59
C ASN A 53 1.52 3.44 -7.38
N LYS A 54 1.36 2.97 -6.14
CA LYS A 54 1.65 1.59 -5.80
C LYS A 54 0.79 0.63 -6.63
N HIS A 55 -0.50 0.95 -6.75
CA HIS A 55 -1.43 0.13 -7.51
C HIS A 55 -1.07 0.13 -9.00
N LEU A 56 -0.51 1.25 -9.45
CA LEU A 56 -0.12 1.38 -10.85
C LEU A 56 1.03 0.43 -11.20
N ARG A 57 1.69 -0.07 -10.17
CA ARG A 57 2.81 -0.99 -10.36
C ARG A 57 2.33 -2.32 -10.96
N ILE A 58 1.38 -2.95 -10.30
CA ILE A 58 0.83 -4.21 -10.76
C ILE A 58 0.68 -4.22 -12.28
N HIS A 59 0.28 -3.08 -12.83
CA HIS A 59 0.10 -2.96 -14.27
C HIS A 59 1.44 -2.87 -14.99
N SER A 60 2.15 -3.99 -15.06
CA SER A 60 3.45 -4.03 -15.71
C SER A 60 3.43 -4.97 -16.91
N ASP A 61 4.47 -4.87 -17.74
CA ASP A 61 4.56 -5.72 -18.93
C ASP A 61 4.67 -7.19 -18.56
N GLU A 62 4.34 -8.06 -19.49
CA GLU A 62 4.41 -9.50 -19.26
C GLU A 62 5.72 -9.87 -18.57
N ARG A 63 5.81 -11.12 -18.12
CA ARG A 63 7.00 -11.61 -17.45
C ARG A 63 7.49 -12.91 -18.08
N PRO A 64 8.11 -12.80 -19.26
CA PRO A 64 8.63 -13.96 -20.00
C PRO A 64 9.85 -14.58 -19.31
N PHE A 65 10.58 -13.77 -18.54
CA PHE A 65 11.75 -14.23 -17.83
C PHE A 65 11.45 -14.45 -16.35
N LYS A 66 12.17 -15.38 -15.73
CA LYS A 66 11.98 -15.69 -14.33
C LYS A 66 13.30 -16.07 -13.67
N CYS A 67 13.37 -15.90 -12.34
CA CYS A 67 14.58 -16.22 -11.61
C CYS A 67 14.48 -17.61 -10.98
N GLN A 68 15.60 -18.34 -10.97
CA GLN A 68 15.62 -19.68 -10.40
C GLN A 68 15.53 -19.63 -8.89
N ILE A 69 16.56 -19.08 -8.25
CA ILE A 69 16.60 -18.98 -6.80
C ILE A 69 15.25 -18.51 -6.25
N CYS A 70 14.89 -17.27 -6.57
CA CYS A 70 13.63 -16.69 -6.11
C CYS A 70 12.61 -16.66 -7.24
N PRO A 71 11.32 -16.70 -6.88
CA PRO A 71 10.22 -16.67 -7.85
C PRO A 71 10.08 -15.32 -8.54
N TYR A 72 11.02 -14.43 -8.24
CA TYR A 72 11.01 -13.09 -8.83
C TYR A 72 10.67 -13.14 -10.32
N ALA A 73 10.40 -11.99 -10.91
CA ALA A 73 10.08 -11.91 -12.32
C ALA A 73 10.37 -10.52 -12.89
N SER A 74 10.73 -10.46 -14.16
CA SER A 74 11.05 -9.19 -14.80
C SER A 74 10.44 -9.13 -16.21
N ARG A 75 10.41 -7.94 -16.78
CA ARG A 75 9.86 -7.74 -18.11
C ARG A 75 10.91 -8.03 -19.19
N ASN A 76 12.12 -7.54 -18.97
CA ASN A 76 13.22 -7.74 -19.91
C ASN A 76 14.34 -8.57 -19.28
N SER A 77 15.44 -8.72 -20.02
CA SER A 77 16.58 -9.48 -19.54
C SER A 77 17.42 -8.64 -18.58
N SER A 78 17.83 -7.46 -19.03
CA SER A 78 18.65 -6.58 -18.21
C SER A 78 18.22 -6.64 -16.75
N GLN A 79 16.95 -6.31 -16.50
CA GLN A 79 16.41 -6.33 -15.14
C GLN A 79 16.88 -7.58 -14.39
N LEU A 80 16.87 -8.72 -15.07
CA LEU A 80 17.28 -9.97 -14.48
C LEU A 80 18.78 -9.95 -14.14
N THR A 81 19.54 -9.24 -14.96
CA THR A 81 20.99 -9.14 -14.75
C THR A 81 21.31 -8.38 -13.47
N VAL A 82 20.65 -7.24 -13.29
CA VAL A 82 20.86 -6.42 -12.10
C VAL A 82 20.30 -7.10 -10.85
N HIS A 83 19.18 -7.80 -11.02
CA HIS A 83 18.54 -8.50 -9.91
C HIS A 83 19.37 -9.73 -9.49
N LEU A 84 19.79 -10.50 -10.48
CA LEU A 84 20.59 -11.70 -10.22
C LEU A 84 21.81 -11.37 -9.35
N ARG A 85 22.63 -10.45 -9.83
CA ARG A 85 23.83 -10.04 -9.10
C ARG A 85 23.50 -9.74 -7.65
N SER A 86 22.27 -9.28 -7.40
CA SER A 86 21.84 -8.94 -6.05
C SER A 86 22.02 -10.14 -5.12
N HIS A 87 21.74 -11.33 -5.63
CA HIS A 87 21.87 -12.55 -4.83
C HIS A 87 23.30 -12.73 -4.34
N THR A 88 23.61 -12.14 -3.20
CA THR A 88 24.94 -12.24 -2.62
C THR A 88 24.90 -12.83 -1.22
N GLY A 89 25.79 -13.80 -0.97
CA GLY A 89 25.83 -14.44 0.33
C GLY A 89 26.20 -15.90 0.25
N ASP A 90 25.98 -16.63 1.34
CA ASP A 90 26.29 -18.05 1.38
C ASP A 90 25.04 -18.88 1.66
N SER A 91 24.38 -19.31 0.60
CA SER A 91 23.16 -20.11 0.73
C SER A 91 23.07 -21.15 -0.37
N GLY A 92 22.96 -22.42 0.01
CA GLY A 92 22.86 -23.48 -0.96
C GLY A 92 22.25 -24.74 -0.37
N PRO A 93 21.54 -25.51 -1.21
CA PRO A 93 20.88 -26.75 -0.80
C PRO A 93 21.89 -27.86 -0.49
N SER A 94 21.39 -28.96 0.08
CA SER A 94 22.25 -30.09 0.42
C SER A 94 22.14 -31.18 -0.62
N SER A 95 22.12 -30.79 -1.89
CA SER A 95 22.02 -31.75 -2.99
C SER A 95 22.23 -31.06 -4.33
N GLY A 96 22.96 -31.72 -5.23
CA GLY A 96 23.22 -31.15 -6.54
C GLY A 96 22.50 -31.89 -7.64
N GLY A 1 27.99 16.56 25.77
CA GLY A 1 26.77 16.80 25.02
C GLY A 1 26.12 15.53 24.53
N SER A 2 24.83 15.60 24.21
CA SER A 2 24.09 14.44 23.74
C SER A 2 22.93 14.87 22.85
N SER A 3 22.22 13.88 22.29
CA SER A 3 21.09 14.16 21.42
C SER A 3 20.09 13.00 21.45
N GLY A 4 18.96 13.19 20.78
CA GLY A 4 17.95 12.15 20.74
C GLY A 4 17.32 12.00 19.36
N SER A 5 16.12 11.43 19.32
CA SER A 5 15.42 11.22 18.06
C SER A 5 13.97 10.84 18.31
N SER A 6 13.18 10.78 17.24
CA SER A 6 11.78 10.43 17.33
C SER A 6 11.27 9.83 16.02
N GLY A 7 10.00 9.43 16.01
CA GLY A 7 9.43 8.85 14.81
C GLY A 7 7.95 8.53 14.97
N PRO A 8 7.09 9.52 14.65
CA PRO A 8 5.63 9.37 14.76
C PRO A 8 5.08 8.41 13.71
N HIS A 9 3.75 8.38 13.60
CA HIS A 9 3.09 7.51 12.63
C HIS A 9 2.68 8.29 11.38
N LYS A 10 2.82 7.66 10.23
CA LYS A 10 2.47 8.29 8.95
C LYS A 10 1.64 7.35 8.09
N CYS A 11 0.49 7.84 7.63
CA CYS A 11 -0.39 7.04 6.79
C CYS A 11 0.30 6.64 5.49
N GLU A 12 -0.26 5.63 4.82
CA GLU A 12 0.30 5.16 3.56
C GLU A 12 -0.75 5.14 2.46
N VAL A 13 -2.02 5.16 2.87
CA VAL A 13 -3.13 5.15 1.92
C VAL A 13 -3.37 6.54 1.34
N CYS A 14 -3.19 7.55 2.18
CA CYS A 14 -3.39 8.94 1.75
C CYS A 14 -2.14 9.78 2.02
N GLY A 15 -1.51 9.55 3.17
CA GLY A 15 -0.32 10.28 3.53
C GLY A 15 -0.61 11.48 4.41
N LYS A 16 -1.36 11.24 5.49
CA LYS A 16 -1.72 12.31 6.42
C LYS A 16 -0.88 12.22 7.69
N CYS A 17 -0.38 13.37 8.15
CA CYS A 17 0.44 13.42 9.36
C CYS A 17 -0.44 13.30 10.60
N PHE A 18 0.16 12.78 11.68
CA PHE A 18 -0.56 12.61 12.93
C PHE A 18 0.35 12.88 14.13
N SER A 19 -0.23 12.88 15.32
CA SER A 19 0.53 13.14 16.54
C SER A 19 0.63 11.88 17.39
N ARG A 20 -0.47 11.13 17.47
CA ARG A 20 -0.51 9.91 18.26
C ARG A 20 -1.12 8.77 17.45
N LYS A 21 -1.21 7.59 18.07
CA LYS A 21 -1.77 6.42 17.41
C LYS A 21 -3.29 6.51 17.35
N ASP A 22 -3.90 6.96 18.45
CA ASP A 22 -5.35 7.09 18.53
C ASP A 22 -5.90 7.76 17.29
N LYS A 23 -5.23 8.83 16.85
CA LYS A 23 -5.65 9.57 15.67
C LYS A 23 -5.74 8.66 14.45
N LEU A 24 -4.72 7.81 14.27
CA LEU A 24 -4.69 6.88 13.15
C LEU A 24 -5.79 5.84 13.27
N LYS A 25 -5.88 5.21 14.43
CA LYS A 25 -6.89 4.20 14.68
C LYS A 25 -8.20 4.54 13.95
N THR A 26 -8.71 5.74 14.19
CA THR A 26 -9.94 6.18 13.55
C THR A 26 -9.69 6.64 12.12
N HIS A 27 -8.57 7.34 11.92
CA HIS A 27 -8.21 7.83 10.59
C HIS A 27 -8.57 6.81 9.51
N MET A 28 -8.41 5.53 9.84
CA MET A 28 -8.73 4.47 8.89
C MET A 28 -10.23 4.42 8.62
N ARG A 29 -11.03 4.49 9.67
CA ARG A 29 -12.48 4.45 9.54
C ARG A 29 -12.93 5.19 8.26
N CYS A 30 -12.44 6.41 8.10
CA CYS A 30 -12.79 7.21 6.93
C CYS A 30 -12.43 6.48 5.65
N HIS A 31 -11.15 6.18 5.47
CA HIS A 31 -10.68 5.48 4.28
C HIS A 31 -11.59 4.30 3.95
N THR A 32 -12.30 4.41 2.82
CA THR A 32 -13.21 3.36 2.40
C THR A 32 -13.46 3.43 0.89
N GLY A 33 -13.37 2.29 0.23
CA GLY A 33 -13.59 2.24 -1.20
C GLY A 33 -13.42 0.84 -1.77
N VAL A 34 -14.29 0.47 -2.71
CA VAL A 34 -14.23 -0.85 -3.33
C VAL A 34 -13.20 -0.87 -4.46
N LYS A 35 -12.05 -0.26 -4.22
CA LYS A 35 -10.99 -0.22 -5.21
C LYS A 35 -9.68 -0.75 -4.63
N PRO A 36 -9.51 -2.09 -4.66
CA PRO A 36 -8.31 -2.75 -4.15
C PRO A 36 -7.09 -2.47 -5.01
N TYR A 37 -7.27 -1.66 -6.05
CA TYR A 37 -6.17 -1.33 -6.95
C TYR A 37 -5.88 0.17 -6.92
N LYS A 38 -4.96 0.57 -6.05
CA LYS A 38 -4.60 1.98 -5.92
C LYS A 38 -3.08 2.15 -6.03
N CYS A 39 -2.66 3.28 -6.58
CA CYS A 39 -1.24 3.57 -6.73
C CYS A 39 -0.56 3.73 -5.38
N LYS A 40 0.74 3.48 -5.34
CA LYS A 40 1.51 3.60 -4.11
C LYS A 40 1.75 5.06 -3.74
N THR A 41 2.34 5.80 -4.68
CA THR A 41 2.62 7.21 -4.46
C THR A 41 1.39 8.07 -4.71
N CYS A 42 0.72 7.83 -5.83
CA CYS A 42 -0.48 8.57 -6.18
C CYS A 42 -1.67 8.11 -5.36
N ASP A 43 -2.74 8.89 -5.37
CA ASP A 43 -3.96 8.56 -4.64
C ASP A 43 -5.09 8.19 -5.58
N TYR A 44 -4.74 7.58 -6.71
CA TYR A 44 -5.73 7.18 -7.70
C TYR A 44 -6.30 5.80 -7.37
N ALA A 45 -7.55 5.57 -7.77
CA ALA A 45 -8.21 4.30 -7.52
C ALA A 45 -8.63 3.64 -8.84
N ALA A 46 -8.47 2.32 -8.91
CA ALA A 46 -8.83 1.57 -10.11
C ALA A 46 -9.92 0.55 -9.81
N ALA A 47 -10.91 0.48 -10.69
CA ALA A 47 -12.02 -0.47 -10.51
C ALA A 47 -11.55 -1.90 -10.68
N ASP A 48 -10.59 -2.10 -11.58
CA ASP A 48 -10.05 -3.43 -11.84
C ASP A 48 -8.54 -3.37 -12.09
N SER A 49 -7.91 -4.53 -12.15
CA SER A 49 -6.47 -4.62 -12.38
C SER A 49 -6.07 -3.80 -13.60
N SER A 50 -6.48 -4.27 -14.78
CA SER A 50 -6.16 -3.58 -16.03
C SER A 50 -6.18 -2.07 -15.83
N SER A 51 -7.32 -1.54 -15.41
CA SER A 51 -7.47 -0.11 -15.18
C SER A 51 -6.22 0.47 -14.53
N LEU A 52 -5.78 -0.16 -13.45
CA LEU A 52 -4.59 0.30 -12.73
C LEU A 52 -3.33 0.10 -13.59
N ASN A 53 -3.23 -1.06 -14.21
CA ASN A 53 -2.07 -1.38 -15.05
C ASN A 53 -1.84 -0.28 -16.08
N LYS A 54 -2.92 0.39 -16.47
CA LYS A 54 -2.82 1.47 -17.46
C LYS A 54 -2.34 2.75 -16.80
N HIS A 55 -2.60 2.89 -15.50
CA HIS A 55 -2.19 4.08 -14.77
C HIS A 55 -0.67 4.14 -14.63
N LEU A 56 -0.06 2.97 -14.47
CA LEU A 56 1.40 2.89 -14.33
C LEU A 56 2.10 3.42 -15.58
N ARG A 57 1.45 3.25 -16.73
CA ARG A 57 2.01 3.71 -18.00
C ARG A 57 2.12 5.23 -18.02
N ILE A 58 1.00 5.91 -17.71
CA ILE A 58 0.97 7.36 -17.70
C ILE A 58 2.23 7.94 -17.06
N HIS A 59 2.81 7.18 -16.14
CA HIS A 59 4.02 7.62 -15.45
C HIS A 59 5.21 7.62 -16.39
N SER A 60 6.35 8.13 -15.91
CA SER A 60 7.56 8.20 -16.72
C SER A 60 8.41 6.95 -16.53
N ASP A 61 8.58 6.55 -15.28
CA ASP A 61 9.37 5.36 -14.97
C ASP A 61 9.24 4.31 -16.06
N GLU A 62 10.34 4.02 -16.74
CA GLU A 62 10.35 3.04 -17.82
C GLU A 62 10.20 1.62 -17.26
N ARG A 63 10.68 1.42 -16.04
CA ARG A 63 10.61 0.12 -15.40
C ARG A 63 11.31 -0.95 -16.24
N PRO A 64 12.59 -0.69 -16.56
CA PRO A 64 13.39 -1.61 -17.37
C PRO A 64 13.73 -2.90 -16.61
N PHE A 65 13.63 -2.84 -15.28
CA PHE A 65 13.94 -3.99 -14.45
C PHE A 65 12.72 -4.91 -14.34
N LYS A 66 12.97 -6.21 -14.41
CA LYS A 66 11.90 -7.21 -14.32
C LYS A 66 12.28 -8.32 -13.34
N CYS A 67 11.27 -9.00 -12.82
CA CYS A 67 11.48 -10.10 -11.89
C CYS A 67 11.40 -11.45 -12.59
N GLN A 68 12.14 -12.42 -12.08
CA GLN A 68 12.14 -13.76 -12.66
C GLN A 68 10.82 -14.47 -12.40
N ILE A 69 10.47 -14.61 -11.12
CA ILE A 69 9.22 -15.26 -10.75
C ILE A 69 8.03 -14.61 -11.43
N CYS A 70 7.77 -13.35 -11.09
CA CYS A 70 6.66 -12.62 -11.66
C CYS A 70 7.15 -11.55 -12.65
N PRO A 71 6.30 -11.21 -13.63
CA PRO A 71 6.63 -10.21 -14.64
C PRO A 71 6.70 -8.80 -14.07
N TYR A 72 6.56 -8.69 -12.75
CA TYR A 72 6.60 -7.40 -12.08
C TYR A 72 7.74 -6.55 -12.62
N ALA A 73 7.75 -5.27 -12.26
CA ALA A 73 8.78 -4.35 -12.70
C ALA A 73 8.88 -3.14 -11.78
N SER A 74 10.08 -2.59 -11.65
CA SER A 74 10.30 -1.43 -10.79
C SER A 74 11.38 -0.52 -11.38
N ARG A 75 11.09 0.78 -11.42
CA ARG A 75 12.02 1.75 -11.96
C ARG A 75 13.38 1.65 -11.27
N ASN A 76 13.37 1.79 -9.94
CA ASN A 76 14.60 1.71 -9.16
C ASN A 76 15.00 0.26 -8.93
N SER A 77 16.31 0.02 -8.87
CA SER A 77 16.83 -1.33 -8.66
C SER A 77 16.42 -1.87 -7.30
N SER A 78 16.85 -1.20 -6.25
CA SER A 78 16.54 -1.62 -4.89
C SER A 78 15.13 -2.22 -4.82
N GLN A 79 14.15 -1.45 -5.28
CA GLN A 79 12.77 -1.91 -5.28
C GLN A 79 12.69 -3.39 -5.62
N LEU A 80 13.23 -3.76 -6.78
CA LEU A 80 13.22 -5.15 -7.24
C LEU A 80 13.96 -6.04 -6.25
N THR A 81 15.12 -5.57 -5.78
CA THR A 81 15.92 -6.33 -4.84
C THR A 81 15.09 -6.79 -3.64
N VAL A 82 14.35 -5.85 -3.05
CA VAL A 82 13.51 -6.16 -1.89
C VAL A 82 12.29 -6.97 -2.31
N HIS A 83 11.60 -6.50 -3.36
CA HIS A 83 10.41 -7.18 -3.86
C HIS A 83 10.64 -8.69 -3.92
N LEU A 84 11.81 -9.10 -4.39
CA LEU A 84 12.14 -10.51 -4.49
C LEU A 84 11.86 -11.24 -3.18
N ARG A 85 12.43 -10.73 -2.09
CA ARG A 85 12.23 -11.33 -0.78
C ARG A 85 10.82 -11.88 -0.63
N SER A 86 9.84 -11.09 -1.07
CA SER A 86 8.44 -11.49 -0.98
C SER A 86 8.26 -12.94 -1.44
N HIS A 87 8.84 -13.27 -2.58
CA HIS A 87 8.74 -14.62 -3.13
C HIS A 87 9.45 -15.62 -2.22
N THR A 88 8.73 -16.11 -1.22
CA THR A 88 9.28 -17.07 -0.28
C THR A 88 8.21 -18.05 0.19
N GLY A 89 8.57 -19.33 0.22
CA GLY A 89 7.63 -20.35 0.66
C GLY A 89 8.10 -21.75 0.32
N ASP A 90 8.78 -22.38 1.27
CA ASP A 90 9.29 -23.74 1.06
C ASP A 90 8.85 -24.65 2.20
N SER A 91 8.03 -25.64 1.87
CA SER A 91 7.53 -26.59 2.86
C SER A 91 8.64 -27.54 3.31
N GLY A 92 8.91 -27.55 4.61
CA GLY A 92 9.95 -28.41 5.13
C GLY A 92 11.25 -27.68 5.39
N PRO A 93 11.75 -27.76 6.63
CA PRO A 93 13.00 -27.11 7.02
C PRO A 93 14.23 -27.76 6.38
N SER A 94 14.01 -28.92 5.77
CA SER A 94 15.10 -29.65 5.13
C SER A 94 15.49 -29.00 3.80
N SER A 95 16.68 -29.32 3.32
CA SER A 95 17.16 -28.77 2.06
C SER A 95 17.31 -29.85 1.00
N GLY A 96 17.89 -30.98 1.40
CA GLY A 96 18.09 -32.09 0.48
C GLY A 96 18.84 -33.24 1.10
N GLY A 1 -19.70 38.58 23.01
CA GLY A 1 -19.04 37.29 23.02
C GLY A 1 -18.98 36.65 21.65
N SER A 2 -18.90 35.32 21.62
CA SER A 2 -18.83 34.58 20.36
C SER A 2 -20.22 34.15 19.91
N SER A 3 -20.88 33.37 20.76
CA SER A 3 -22.23 32.87 20.45
C SER A 3 -22.17 31.79 19.37
N GLY A 4 -21.18 30.92 19.46
CA GLY A 4 -21.03 29.86 18.49
C GLY A 4 -20.46 28.58 19.09
N SER A 5 -21.28 27.85 19.83
CA SER A 5 -20.84 26.62 20.46
C SER A 5 -20.61 25.53 19.43
N SER A 6 -21.62 25.27 18.61
CA SER A 6 -21.52 24.24 17.57
C SER A 6 -22.77 24.24 16.69
N GLY A 7 -22.75 23.41 15.66
CA GLY A 7 -23.89 23.32 14.75
C GLY A 7 -24.32 21.90 14.50
N PRO A 8 -24.99 21.67 13.35
CA PRO A 8 -25.47 20.34 12.97
C PRO A 8 -24.33 19.39 12.60
N HIS A 9 -24.50 18.12 12.91
CA HIS A 9 -23.49 17.12 12.60
C HIS A 9 -24.02 16.08 11.62
N LYS A 10 -23.83 16.35 10.33
CA LYS A 10 -24.29 15.44 9.28
C LYS A 10 -23.12 14.98 8.41
N CYS A 11 -22.76 13.71 8.55
CA CYS A 11 -21.67 13.14 7.77
C CYS A 11 -21.80 13.50 6.30
N GLU A 12 -20.74 13.25 5.54
CA GLU A 12 -20.73 13.55 4.11
C GLU A 12 -20.37 12.32 3.30
N VAL A 13 -19.27 11.67 3.67
CA VAL A 13 -18.82 10.47 2.97
C VAL A 13 -19.97 9.51 2.72
N CYS A 14 -20.80 9.32 3.74
CA CYS A 14 -21.95 8.42 3.63
C CYS A 14 -23.25 9.21 3.57
N GLY A 15 -23.33 10.28 4.36
CA GLY A 15 -24.53 11.10 4.38
C GLY A 15 -25.52 10.66 5.44
N LYS A 16 -25.04 10.56 6.68
CA LYS A 16 -25.88 10.15 7.80
C LYS A 16 -26.20 11.33 8.71
N CYS A 17 -27.09 11.11 9.67
CA CYS A 17 -27.48 12.15 10.61
C CYS A 17 -27.15 11.75 12.04
N PHE A 18 -26.37 12.58 12.73
CA PHE A 18 -25.99 12.30 14.11
C PHE A 18 -26.18 13.54 14.98
N SER A 19 -26.94 13.37 16.06
CA SER A 19 -27.22 14.47 16.98
C SER A 19 -26.31 14.39 18.20
N ARG A 20 -25.07 13.96 17.99
CA ARG A 20 -24.11 13.83 19.08
C ARG A 20 -22.70 13.61 18.54
N LYS A 21 -21.75 14.38 19.05
CA LYS A 21 -20.36 14.26 18.62
C LYS A 21 -19.75 12.93 19.07
N ASP A 22 -20.38 12.31 20.06
CA ASP A 22 -19.91 11.03 20.59
C ASP A 22 -20.05 9.94 19.52
N LYS A 23 -21.13 9.99 18.76
CA LYS A 23 -21.37 9.00 17.72
C LYS A 23 -20.57 9.32 16.47
N LEU A 24 -20.45 10.60 16.14
CA LEU A 24 -19.70 11.03 14.97
C LEU A 24 -18.21 10.76 15.15
N LYS A 25 -17.72 10.96 16.37
CA LYS A 25 -16.30 10.73 16.67
C LYS A 25 -15.84 9.40 16.11
N THR A 26 -16.48 8.32 16.54
CA THR A 26 -16.13 6.98 16.08
C THR A 26 -16.61 6.74 14.65
N HIS A 27 -17.84 7.18 14.38
CA HIS A 27 -18.43 7.03 13.05
C HIS A 27 -17.41 7.33 11.96
N MET A 28 -16.42 8.16 12.30
CA MET A 28 -15.37 8.53 11.35
C MET A 28 -14.33 7.41 11.22
N ARG A 29 -14.03 6.77 12.34
CA ARG A 29 -13.05 5.69 12.35
C ARG A 29 -13.22 4.79 11.13
N CYS A 30 -14.46 4.62 10.69
CA CYS A 30 -14.76 3.78 9.54
C CYS A 30 -14.40 4.49 8.25
N HIS A 31 -14.95 5.68 8.06
CA HIS A 31 -14.68 6.47 6.86
C HIS A 31 -13.22 6.89 6.79
N THR A 32 -12.76 7.61 7.81
CA THR A 32 -11.38 8.07 7.87
C THR A 32 -10.44 7.06 7.23
N GLY A 33 -9.43 7.56 6.52
CA GLY A 33 -8.47 6.69 5.88
C GLY A 33 -8.42 6.90 4.38
N VAL A 34 -8.33 8.16 3.96
CA VAL A 34 -8.26 8.50 2.54
C VAL A 34 -7.05 7.85 1.88
N LYS A 35 -6.83 8.18 0.60
CA LYS A 35 -5.71 7.64 -0.14
C LYS A 35 -4.55 8.62 -0.16
N PRO A 36 -3.53 8.36 0.67
CA PRO A 36 -2.34 9.21 0.77
C PRO A 36 -1.46 9.12 -0.48
N TYR A 37 -1.15 7.89 -0.89
CA TYR A 37 -0.31 7.67 -2.06
C TYR A 37 -0.80 8.52 -3.24
N LYS A 38 -0.09 9.62 -3.50
CA LYS A 38 -0.44 10.51 -4.59
C LYS A 38 0.64 10.50 -5.68
N CYS A 39 0.28 10.02 -6.87
CA CYS A 39 1.21 9.95 -7.98
C CYS A 39 1.87 11.31 -8.23
N LYS A 40 3.17 11.30 -8.49
CA LYS A 40 3.92 12.52 -8.74
C LYS A 40 3.42 13.20 -10.01
N THR A 41 3.62 12.55 -11.15
CA THR A 41 3.19 13.10 -12.43
C THR A 41 1.70 13.37 -12.45
N CYS A 42 0.91 12.34 -12.13
CA CYS A 42 -0.54 12.46 -12.10
C CYS A 42 -1.02 12.98 -10.75
N ASP A 43 -2.34 13.04 -10.59
CA ASP A 43 -2.92 13.52 -9.34
C ASP A 43 -3.76 12.42 -8.68
N TYR A 44 -3.80 11.25 -9.31
CA TYR A 44 -4.56 10.12 -8.79
C TYR A 44 -4.04 9.70 -7.43
N ALA A 45 -4.91 9.08 -6.63
CA ALA A 45 -4.54 8.62 -5.30
C ALA A 45 -4.82 7.13 -5.14
N ALA A 46 -4.02 6.46 -4.31
CA ALA A 46 -4.19 5.04 -4.07
C ALA A 46 -4.35 4.75 -2.59
N ALA A 47 -5.24 3.80 -2.27
CA ALA A 47 -5.49 3.43 -0.89
C ALA A 47 -4.27 2.75 -0.27
N ASP A 48 -3.93 1.57 -0.77
CA ASP A 48 -2.79 0.81 -0.27
C ASP A 48 -1.62 0.90 -1.24
N SER A 49 -0.41 0.67 -0.73
CA SER A 49 0.80 0.72 -1.55
C SER A 49 0.60 -0.06 -2.85
N SER A 50 -0.27 -1.06 -2.81
CA SER A 50 -0.53 -1.89 -3.98
C SER A 50 -1.31 -1.10 -5.03
N SER A 51 -2.35 -0.40 -4.59
CA SER A 51 -3.17 0.39 -5.49
C SER A 51 -2.31 1.26 -6.40
N LEU A 52 -1.28 1.85 -5.82
CA LEU A 52 -0.37 2.71 -6.58
C LEU A 52 0.62 1.87 -7.38
N ASN A 53 1.23 0.89 -6.73
CA ASN A 53 2.20 0.02 -7.38
C ASN A 53 1.69 -0.42 -8.75
N LYS A 54 0.37 -0.48 -8.89
CA LYS A 54 -0.24 -0.89 -10.16
C LYS A 54 -0.35 0.29 -11.12
N HIS A 55 -0.53 1.48 -10.56
CA HIS A 55 -0.65 2.70 -11.37
C HIS A 55 0.67 3.01 -12.08
N LEU A 56 1.72 3.22 -11.28
CA LEU A 56 3.04 3.53 -11.83
C LEU A 56 3.29 2.75 -13.12
N ARG A 57 2.94 1.47 -13.11
CA ARG A 57 3.13 0.62 -14.27
C ARG A 57 2.54 1.26 -15.52
N ILE A 58 1.31 1.75 -15.40
CA ILE A 58 0.63 2.40 -16.52
C ILE A 58 1.59 3.29 -17.31
N HIS A 59 2.48 3.96 -16.59
CA HIS A 59 3.46 4.85 -17.22
C HIS A 59 4.62 4.05 -17.79
N SER A 60 5.11 3.08 -17.02
CA SER A 60 6.22 2.25 -17.45
C SER A 60 5.73 0.89 -17.95
N ASP A 61 4.61 0.90 -18.66
CA ASP A 61 4.04 -0.32 -19.21
C ASP A 61 4.63 -0.66 -20.56
N GLU A 62 5.96 -0.72 -20.62
CA GLU A 62 6.66 -1.02 -21.86
C GLU A 62 7.74 -2.08 -21.64
N ARG A 63 7.43 -3.07 -20.80
CA ARG A 63 8.37 -4.14 -20.49
C ARG A 63 7.71 -5.51 -20.65
N PRO A 64 8.27 -6.33 -21.56
CA PRO A 64 7.75 -7.67 -21.82
C PRO A 64 7.99 -8.63 -20.66
N PHE A 65 9.20 -8.61 -20.12
CA PHE A 65 9.57 -9.47 -19.00
C PHE A 65 9.20 -8.82 -17.68
N LYS A 66 8.76 -9.63 -16.73
CA LYS A 66 8.38 -9.13 -15.40
C LYS A 66 8.82 -10.10 -14.31
N CYS A 67 9.00 -9.59 -13.10
CA CYS A 67 9.41 -10.40 -11.97
C CYS A 67 8.20 -10.89 -11.18
N GLN A 68 8.33 -12.07 -10.60
CA GLN A 68 7.24 -12.65 -9.81
C GLN A 68 7.15 -12.00 -8.43
N ILE A 69 8.20 -12.16 -7.63
CA ILE A 69 8.24 -11.58 -6.30
C ILE A 69 7.81 -10.11 -6.32
N CYS A 70 8.60 -9.28 -6.99
CA CYS A 70 8.31 -7.86 -7.08
C CYS A 70 7.72 -7.52 -8.46
N PRO A 71 6.92 -6.45 -8.50
CA PRO A 71 6.27 -5.99 -9.74
C PRO A 71 7.27 -5.41 -10.73
N TYR A 72 8.55 -5.45 -10.37
CA TYR A 72 9.62 -4.91 -11.21
C TYR A 72 9.44 -5.37 -12.66
N ALA A 73 10.07 -4.66 -13.58
CA ALA A 73 9.99 -5.00 -15.00
C ALA A 73 11.24 -4.56 -15.74
N SER A 74 11.65 -5.34 -16.74
CA SER A 74 12.83 -5.03 -17.53
C SER A 74 12.61 -5.38 -19.00
N ARG A 75 13.42 -4.79 -19.87
CA ARG A 75 13.32 -5.04 -21.30
C ARG A 75 14.21 -6.20 -21.71
N ASN A 76 15.48 -6.13 -21.34
CA ASN A 76 16.44 -7.19 -21.67
C ASN A 76 16.19 -8.43 -20.82
N SER A 77 16.90 -9.50 -21.15
CA SER A 77 16.75 -10.76 -20.41
C SER A 77 17.76 -10.84 -19.27
N SER A 78 19.00 -10.47 -19.55
CA SER A 78 20.06 -10.51 -18.55
C SER A 78 19.70 -9.62 -17.36
N GLN A 79 19.43 -8.35 -17.64
CA GLN A 79 19.08 -7.40 -16.59
C GLN A 79 18.21 -8.06 -15.52
N LEU A 80 17.19 -8.79 -15.97
CA LEU A 80 16.27 -9.47 -15.06
C LEU A 80 17.02 -10.51 -14.22
N THR A 81 17.90 -11.27 -14.88
CA THR A 81 18.68 -12.29 -14.20
C THR A 81 19.43 -11.72 -13.01
N VAL A 82 20.22 -10.67 -13.27
CA VAL A 82 20.99 -10.03 -12.21
C VAL A 82 20.08 -9.46 -11.13
N HIS A 83 18.95 -8.90 -11.54
CA HIS A 83 18.00 -8.32 -10.59
C HIS A 83 17.57 -9.36 -9.56
N LEU A 84 17.06 -10.49 -10.03
CA LEU A 84 16.61 -11.56 -9.15
C LEU A 84 17.53 -11.70 -7.95
N ARG A 85 18.84 -11.61 -8.20
CA ARG A 85 19.83 -11.73 -7.15
C ARG A 85 19.41 -10.96 -5.91
N SER A 86 18.95 -9.72 -6.11
CA SER A 86 18.51 -8.88 -5.01
C SER A 86 17.71 -9.68 -3.99
N HIS A 87 16.76 -10.48 -4.49
CA HIS A 87 15.92 -11.30 -3.62
C HIS A 87 16.74 -12.38 -2.94
N THR A 88 17.45 -12.00 -1.88
CA THR A 88 18.30 -12.93 -1.14
C THR A 88 18.14 -12.73 0.37
N GLY A 89 18.14 -13.84 1.11
CA GLY A 89 18.00 -13.77 2.55
C GLY A 89 16.88 -14.64 3.07
N ASP A 90 17.25 -15.76 3.68
CA ASP A 90 16.26 -16.69 4.22
C ASP A 90 15.32 -15.97 5.20
N SER A 91 15.90 -15.19 6.10
CA SER A 91 15.11 -14.45 7.08
C SER A 91 14.32 -15.42 7.97
N GLY A 92 14.97 -16.50 8.38
CA GLY A 92 14.32 -17.48 9.23
C GLY A 92 14.63 -17.27 10.70
N PRO A 93 13.66 -17.61 11.57
CA PRO A 93 13.81 -17.47 13.02
C PRO A 93 14.81 -18.47 13.60
N SER A 94 16.07 -18.06 13.66
CA SER A 94 17.12 -18.92 14.18
C SER A 94 17.29 -20.17 13.33
N SER A 95 17.24 -19.98 12.01
CA SER A 95 17.38 -21.08 11.07
C SER A 95 18.83 -21.24 10.64
N GLY A 96 19.22 -22.47 10.31
CA GLY A 96 20.58 -22.73 9.87
C GLY A 96 21.30 -23.69 10.79
N GLY A 1 10.97 -7.81 41.11
CA GLY A 1 10.92 -6.63 40.27
C GLY A 1 9.65 -6.56 39.44
N SER A 2 9.54 -5.51 38.63
CA SER A 2 8.37 -5.33 37.78
C SER A 2 8.57 -4.18 36.80
N SER A 3 7.61 -4.00 35.89
CA SER A 3 7.69 -2.95 34.89
C SER A 3 6.33 -2.67 34.29
N GLY A 4 6.27 -1.69 33.38
CA GLY A 4 5.02 -1.34 32.75
C GLY A 4 5.18 -1.04 31.27
N SER A 5 4.06 -1.00 30.55
CA SER A 5 4.09 -0.72 29.11
C SER A 5 2.69 -0.45 28.58
N SER A 6 2.61 -0.03 27.33
CA SER A 6 1.33 0.27 26.70
C SER A 6 1.23 -0.38 25.32
N GLY A 7 0.01 -0.68 24.89
CA GLY A 7 -0.19 -1.30 23.59
C GLY A 7 -1.17 -0.53 22.74
N PRO A 8 -0.66 0.11 21.67
CA PRO A 8 -1.48 0.90 20.75
C PRO A 8 -2.40 0.03 19.90
N HIS A 9 -3.43 0.65 19.32
CA HIS A 9 -4.38 -0.08 18.49
C HIS A 9 -3.95 -0.04 17.01
N LYS A 10 -4.25 -1.12 16.30
CA LYS A 10 -3.91 -1.21 14.88
C LYS A 10 -5.16 -1.35 14.02
N CYS A 11 -5.37 -0.40 13.12
CA CYS A 11 -6.52 -0.43 12.23
C CYS A 11 -6.64 -1.78 11.54
N GLU A 12 -7.77 -1.99 10.86
CA GLU A 12 -8.01 -3.24 10.15
C GLU A 12 -8.44 -2.98 8.72
N VAL A 13 -9.04 -1.81 8.49
CA VAL A 13 -9.50 -1.43 7.17
C VAL A 13 -8.34 -1.07 6.25
N CYS A 14 -7.35 -0.37 6.81
CA CYS A 14 -6.18 0.04 6.05
C CYS A 14 -4.91 -0.53 6.68
N GLY A 15 -4.79 -0.40 7.99
CA GLY A 15 -3.63 -0.91 8.69
C GLY A 15 -2.68 0.21 9.11
N LYS A 16 -3.20 1.15 9.89
CA LYS A 16 -2.40 2.27 10.37
C LYS A 16 -2.08 2.12 11.85
N CYS A 17 -0.97 2.70 12.27
CA CYS A 17 -0.54 2.63 13.67
C CYS A 17 -0.80 3.95 14.39
N PHE A 18 -1.18 3.87 15.65
CA PHE A 18 -1.46 5.07 16.45
C PHE A 18 -0.91 4.92 17.86
N SER A 19 -0.90 6.01 18.61
CA SER A 19 -0.40 6.01 19.98
C SER A 19 -1.51 5.65 20.96
N ARG A 20 -2.66 6.30 20.81
CA ARG A 20 -3.80 6.05 21.69
C ARG A 20 -4.80 5.12 21.02
N LYS A 21 -5.34 4.19 21.81
CA LYS A 21 -6.32 3.24 21.30
C LYS A 21 -7.60 3.94 20.88
N ASP A 22 -7.83 5.14 21.42
CA ASP A 22 -9.02 5.91 21.10
C ASP A 22 -8.93 6.49 19.70
N LYS A 23 -7.80 7.12 19.38
CA LYS A 23 -7.59 7.71 18.07
C LYS A 23 -8.17 6.81 16.97
N LEU A 24 -8.06 5.50 17.15
CA LEU A 24 -8.58 4.54 16.18
C LEU A 24 -10.07 4.77 15.93
N LYS A 25 -10.82 4.97 17.01
CA LYS A 25 -12.26 5.19 16.91
C LYS A 25 -12.56 6.29 15.89
N THR A 26 -12.01 7.47 16.13
CA THR A 26 -12.23 8.60 15.22
C THR A 26 -11.50 8.40 13.90
N HIS A 27 -10.41 7.63 13.93
CA HIS A 27 -9.63 7.36 12.73
C HIS A 27 -10.51 6.75 11.64
N MET A 28 -11.58 6.08 12.06
CA MET A 28 -12.49 5.45 11.12
C MET A 28 -13.36 6.51 10.42
N ARG A 29 -13.45 7.69 11.02
CA ARG A 29 -14.24 8.77 10.45
C ARG A 29 -13.73 9.15 9.07
N CYS A 30 -12.46 8.85 8.81
CA CYS A 30 -11.86 9.15 7.52
C CYS A 30 -11.78 7.92 6.64
N HIS A 31 -12.60 6.92 6.95
CA HIS A 31 -12.63 5.67 6.19
C HIS A 31 -13.98 5.47 5.51
N THR A 32 -14.14 6.05 4.32
CA THR A 32 -15.38 5.93 3.58
C THR A 32 -15.19 6.34 2.12
N GLY A 33 -15.59 5.46 1.21
CA GLY A 33 -15.45 5.75 -0.21
C GLY A 33 -15.52 4.50 -1.07
N VAL A 34 -16.13 4.63 -2.24
CA VAL A 34 -16.27 3.50 -3.15
C VAL A 34 -16.27 3.96 -4.60
N LYS A 35 -15.58 3.21 -5.46
CA LYS A 35 -15.49 3.55 -6.88
C LYS A 35 -15.58 2.28 -7.74
N PRO A 36 -16.30 2.38 -8.86
CA PRO A 36 -16.48 1.27 -9.79
C PRO A 36 -15.18 0.92 -10.53
N TYR A 37 -14.33 1.92 -10.71
CA TYR A 37 -13.06 1.72 -11.41
C TYR A 37 -12.00 1.16 -10.47
N LYS A 38 -11.85 -0.17 -10.48
CA LYS A 38 -10.88 -0.83 -9.62
C LYS A 38 -9.99 -1.77 -10.44
N CYS A 39 -8.70 -1.75 -10.17
CA CYS A 39 -7.75 -2.60 -10.88
C CYS A 39 -8.07 -4.07 -10.64
N LYS A 40 -8.12 -4.84 -11.73
CA LYS A 40 -8.42 -6.27 -11.64
C LYS A 40 -7.41 -6.97 -10.75
N THR A 41 -6.13 -6.64 -10.91
CA THR A 41 -5.07 -7.23 -10.12
C THR A 41 -4.87 -6.49 -8.80
N CYS A 42 -4.60 -5.20 -8.90
CA CYS A 42 -4.38 -4.36 -7.73
C CYS A 42 -5.71 -3.97 -7.09
N ASP A 43 -5.65 -3.27 -5.97
CA ASP A 43 -6.84 -2.83 -5.26
C ASP A 43 -6.92 -1.31 -5.23
N TYR A 44 -6.55 -0.68 -6.34
CA TYR A 44 -6.57 0.78 -6.43
C TYR A 44 -7.91 1.25 -6.99
N ALA A 45 -8.50 2.25 -6.31
CA ALA A 45 -9.78 2.80 -6.74
C ALA A 45 -9.59 4.15 -7.43
N ALA A 46 -10.12 4.27 -8.64
CA ALA A 46 -10.02 5.50 -9.40
C ALA A 46 -11.38 6.16 -9.58
N ALA A 47 -11.42 7.49 -9.47
CA ALA A 47 -12.66 8.23 -9.62
C ALA A 47 -13.09 8.31 -11.09
N ASP A 48 -12.25 8.92 -11.90
CA ASP A 48 -12.53 9.07 -13.33
C ASP A 48 -11.93 7.90 -14.12
N SER A 49 -12.36 7.77 -15.36
CA SER A 49 -11.87 6.69 -16.23
C SER A 49 -10.40 6.89 -16.56
N SER A 50 -10.05 8.10 -17.03
CA SER A 50 -8.69 8.41 -17.39
C SER A 50 -7.72 8.05 -16.27
N SER A 51 -8.02 8.56 -15.07
CA SER A 51 -7.18 8.29 -13.90
C SER A 51 -6.74 6.83 -13.87
N LEU A 52 -7.69 5.93 -14.09
CA LEU A 52 -7.39 4.50 -14.08
C LEU A 52 -6.59 4.11 -15.33
N ASN A 53 -7.01 4.61 -16.48
CA ASN A 53 -6.34 4.32 -17.73
C ASN A 53 -4.82 4.41 -17.57
N LYS A 54 -4.37 5.49 -16.96
CA LYS A 54 -2.94 5.70 -16.73
C LYS A 54 -2.32 4.53 -15.96
N HIS A 55 -3.12 3.94 -15.07
CA HIS A 55 -2.66 2.81 -14.27
C HIS A 55 -2.41 1.59 -15.15
N LEU A 56 -3.46 1.13 -15.84
CA LEU A 56 -3.35 -0.03 -16.71
C LEU A 56 -2.09 0.04 -17.57
N ARG A 57 -1.57 1.25 -17.75
CA ARG A 57 -0.38 1.46 -18.54
C ARG A 57 0.87 0.94 -17.81
N ILE A 58 0.97 1.26 -16.53
CA ILE A 58 2.10 0.83 -15.72
C ILE A 58 2.27 -0.68 -15.79
N HIS A 59 1.16 -1.40 -15.89
CA HIS A 59 1.19 -2.86 -15.98
C HIS A 59 1.83 -3.32 -17.28
N SER A 60 3.15 -3.35 -17.30
CA SER A 60 3.89 -3.77 -18.50
C SER A 60 3.97 -5.30 -18.58
N ASP A 61 4.68 -5.89 -17.63
CA ASP A 61 4.85 -7.34 -17.59
C ASP A 61 4.86 -7.85 -16.15
N GLU A 62 4.67 -9.16 -15.99
CA GLU A 62 4.66 -9.77 -14.67
C GLU A 62 6.07 -10.10 -14.20
N ARG A 63 6.26 -10.19 -12.89
CA ARG A 63 7.56 -10.49 -12.32
C ARG A 63 7.48 -11.74 -11.43
N PRO A 64 8.11 -12.83 -11.91
CA PRO A 64 8.12 -14.11 -11.18
C PRO A 64 8.99 -14.04 -9.93
N PHE A 65 10.10 -13.31 -10.02
CA PHE A 65 11.01 -13.16 -8.89
C PHE A 65 10.44 -12.20 -7.85
N LYS A 66 10.56 -12.57 -6.57
CA LYS A 66 10.06 -11.74 -5.49
C LYS A 66 11.03 -11.76 -4.31
N CYS A 67 11.38 -10.57 -3.82
CA CYS A 67 12.30 -10.45 -2.69
C CYS A 67 11.60 -10.81 -1.38
N GLN A 68 12.27 -11.63 -0.57
CA GLN A 68 11.71 -12.05 0.71
C GLN A 68 11.57 -10.86 1.66
N ILE A 69 12.67 -10.16 1.89
CA ILE A 69 12.66 -9.01 2.78
C ILE A 69 11.60 -8.00 2.36
N CYS A 70 11.79 -7.39 1.20
CA CYS A 70 10.84 -6.41 0.68
C CYS A 70 9.95 -7.02 -0.39
N PRO A 71 8.73 -6.47 -0.53
CA PRO A 71 7.76 -6.96 -1.52
C PRO A 71 8.18 -6.61 -2.95
N TYR A 72 9.39 -6.10 -3.10
CA TYR A 72 9.91 -5.73 -4.41
C TYR A 72 9.67 -6.86 -5.43
N ALA A 73 9.89 -6.56 -6.70
CA ALA A 73 9.70 -7.54 -7.76
C ALA A 73 10.51 -7.17 -9.00
N SER A 74 10.99 -8.18 -9.72
CA SER A 74 11.78 -7.96 -10.92
C SER A 74 11.54 -9.07 -11.93
N ARG A 75 11.69 -8.74 -13.21
CA ARG A 75 11.49 -9.71 -14.29
C ARG A 75 12.76 -10.54 -14.50
N ASN A 76 13.90 -9.86 -14.56
CA ASN A 76 15.17 -10.55 -14.77
C ASN A 76 15.73 -11.07 -13.45
N SER A 77 16.85 -11.78 -13.53
CA SER A 77 17.49 -12.34 -12.33
C SER A 77 18.56 -11.40 -11.80
N SER A 78 19.52 -11.06 -12.66
CA SER A 78 20.60 -10.17 -12.28
C SER A 78 20.08 -8.97 -11.49
N GLN A 79 19.13 -8.25 -12.08
CA GLN A 79 18.55 -7.08 -11.45
C GLN A 79 18.33 -7.33 -9.95
N LEU A 80 17.76 -8.48 -9.63
CA LEU A 80 17.49 -8.84 -8.24
C LEU A 80 18.80 -9.06 -7.48
N THR A 81 19.74 -9.75 -8.12
CA THR A 81 21.02 -10.03 -7.50
C THR A 81 21.63 -8.77 -6.90
N VAL A 82 21.62 -7.68 -7.67
CA VAL A 82 22.18 -6.41 -7.21
C VAL A 82 21.23 -5.75 -6.22
N HIS A 83 19.94 -5.84 -6.46
CA HIS A 83 18.94 -5.25 -5.59
C HIS A 83 19.13 -5.71 -4.15
N LEU A 84 19.46 -6.98 -3.98
CA LEU A 84 19.67 -7.54 -2.65
C LEU A 84 20.78 -6.80 -1.92
N ARG A 85 21.67 -6.17 -2.67
CA ARG A 85 22.77 -5.42 -2.10
C ARG A 85 22.25 -4.28 -1.22
N SER A 86 20.95 -4.02 -1.30
CA SER A 86 20.34 -2.96 -0.52
C SER A 86 20.05 -3.42 0.91
N HIS A 87 19.86 -4.73 1.07
CA HIS A 87 19.59 -5.31 2.38
C HIS A 87 20.83 -5.99 2.95
N THR A 88 22.00 -5.41 2.68
CA THR A 88 23.25 -5.96 3.16
C THR A 88 24.41 -5.01 2.90
N GLY A 89 25.28 -4.85 3.90
CA GLY A 89 26.41 -3.96 3.76
C GLY A 89 26.13 -2.56 4.28
N ASP A 90 25.60 -2.49 5.49
CA ASP A 90 25.29 -1.20 6.11
C ASP A 90 26.08 -1.00 7.40
N SER A 91 27.29 -0.48 7.26
CA SER A 91 28.16 -0.23 8.41
C SER A 91 29.17 0.86 8.12
N GLY A 92 29.18 1.88 8.97
CA GLY A 92 30.10 3.00 8.79
C GLY A 92 30.06 3.98 9.93
N PRO A 93 29.30 5.07 9.76
CA PRO A 93 29.15 6.12 10.77
C PRO A 93 28.36 5.64 11.98
N SER A 94 28.72 6.15 13.16
CA SER A 94 28.05 5.78 14.39
C SER A 94 26.59 6.23 14.37
N SER A 95 25.68 5.25 14.34
CA SER A 95 24.25 5.54 14.32
C SER A 95 23.64 5.39 15.70
N GLY A 96 22.40 5.86 15.85
CA GLY A 96 21.73 5.77 17.13
C GLY A 96 20.24 5.55 16.98
N GLY A 1 19.87 17.76 15.80
CA GLY A 1 18.61 18.48 15.79
C GLY A 1 18.16 18.87 17.18
N SER A 2 17.70 20.10 17.33
CA SER A 2 17.24 20.61 18.62
C SER A 2 16.44 19.54 19.36
N SER A 3 15.43 18.99 18.69
CA SER A 3 14.58 17.97 19.29
C SER A 3 13.98 17.07 18.21
N GLY A 4 14.32 15.78 18.25
CA GLY A 4 13.80 14.85 17.28
C GLY A 4 12.28 14.73 17.32
N SER A 5 11.68 14.45 16.18
CA SER A 5 10.22 14.32 16.09
C SER A 5 9.80 12.87 16.23
N SER A 6 8.61 12.66 16.79
CA SER A 6 8.09 11.31 16.99
C SER A 6 7.33 10.83 15.75
N GLY A 7 6.36 11.63 15.31
CA GLY A 7 5.58 11.28 14.14
C GLY A 7 4.12 11.01 14.47
N PRO A 8 3.34 12.08 14.60
CA PRO A 8 1.91 11.99 14.92
C PRO A 8 1.09 11.41 13.77
N HIS A 9 -0.22 11.34 13.95
CA HIS A 9 -1.11 10.81 12.93
C HIS A 9 -2.18 11.83 12.56
N LYS A 10 -2.23 12.19 11.28
CA LYS A 10 -3.21 13.16 10.79
C LYS A 10 -3.91 12.65 9.54
N CYS A 11 -5.22 12.85 9.47
CA CYS A 11 -6.01 12.40 8.33
C CYS A 11 -5.38 12.89 7.02
N GLU A 12 -5.98 12.48 5.90
CA GLU A 12 -5.49 12.88 4.59
C GLU A 12 -6.63 13.35 3.69
N VAL A 13 -7.77 12.69 3.80
CA VAL A 13 -8.94 13.04 3.01
C VAL A 13 -9.46 14.42 3.37
N CYS A 14 -9.44 14.73 4.67
CA CYS A 14 -9.91 16.02 5.16
C CYS A 14 -8.75 16.86 5.67
N GLY A 15 -7.77 16.20 6.29
CA GLY A 15 -6.62 16.90 6.83
C GLY A 15 -6.84 17.40 8.24
N LYS A 16 -7.45 16.55 9.07
CA LYS A 16 -7.72 16.90 10.46
C LYS A 16 -6.66 16.33 11.39
N CYS A 17 -6.21 17.14 12.34
CA CYS A 17 -5.20 16.71 13.29
C CYS A 17 -5.83 16.08 14.51
N PHE A 18 -5.11 15.17 15.16
CA PHE A 18 -5.60 14.49 16.34
C PHE A 18 -4.49 14.26 17.35
N SER A 19 -4.84 13.75 18.53
CA SER A 19 -3.87 13.48 19.58
C SER A 19 -3.31 12.07 19.47
N ARG A 20 -4.20 11.10 19.29
CA ARG A 20 -3.78 9.71 19.17
C ARG A 20 -4.22 9.13 17.83
N LYS A 21 -3.43 8.18 17.31
CA LYS A 21 -3.73 7.55 16.03
C LYS A 21 -5.08 6.83 16.08
N ASP A 22 -5.54 6.53 17.29
CA ASP A 22 -6.82 5.85 17.46
C ASP A 22 -7.97 6.70 16.94
N LYS A 23 -7.99 7.97 17.36
CA LYS A 23 -9.04 8.90 16.93
C LYS A 23 -9.15 8.92 15.41
N LEU A 24 -8.01 8.81 14.74
CA LEU A 24 -7.98 8.83 13.28
C LEU A 24 -8.72 7.63 12.70
N LYS A 25 -8.44 6.44 13.23
CA LYS A 25 -9.09 5.23 12.77
C LYS A 25 -10.61 5.39 12.74
N THR A 26 -11.19 5.64 13.91
CA THR A 26 -12.63 5.83 14.02
C THR A 26 -13.08 7.12 13.34
N HIS A 27 -12.23 8.15 13.42
CA HIS A 27 -12.54 9.43 12.82
C HIS A 27 -13.05 9.26 11.39
N MET A 28 -12.36 8.42 10.62
CA MET A 28 -12.75 8.17 9.23
C MET A 28 -14.25 7.94 9.12
N ARG A 29 -14.84 7.39 10.18
CA ARG A 29 -16.27 7.12 10.21
C ARG A 29 -17.05 8.24 9.52
N CYS A 30 -16.73 9.48 9.88
CA CYS A 30 -17.40 10.64 9.31
C CYS A 30 -17.38 10.58 7.78
N HIS A 31 -16.22 10.23 7.23
CA HIS A 31 -16.08 10.14 5.78
C HIS A 31 -16.74 8.88 5.24
N THR A 32 -16.86 8.79 3.92
CA THR A 32 -17.48 7.64 3.28
C THR A 32 -16.88 7.38 1.91
N GLY A 33 -16.28 6.20 1.73
CA GLY A 33 -15.68 5.86 0.45
C GLY A 33 -16.69 5.35 -0.54
N VAL A 34 -17.43 6.28 -1.16
CA VAL A 34 -18.44 5.91 -2.14
C VAL A 34 -17.79 5.39 -3.43
N LYS A 35 -16.67 5.98 -3.79
CA LYS A 35 -15.95 5.58 -5.00
C LYS A 35 -15.87 4.06 -5.11
N PRO A 36 -16.62 3.49 -6.06
CA PRO A 36 -16.65 2.04 -6.28
C PRO A 36 -15.34 1.52 -6.86
N TYR A 37 -14.86 2.18 -7.91
CA TYR A 37 -13.61 1.78 -8.55
C TYR A 37 -12.47 1.75 -7.56
N LYS A 38 -12.24 0.58 -6.95
CA LYS A 38 -11.17 0.41 -5.98
C LYS A 38 -10.27 -0.75 -6.36
N CYS A 39 -8.98 -0.60 -6.08
CA CYS A 39 -8.00 -1.64 -6.40
C CYS A 39 -8.27 -2.90 -5.60
N LYS A 40 -7.86 -4.05 -6.14
CA LYS A 40 -8.06 -5.33 -5.46
C LYS A 40 -7.11 -5.46 -4.28
N THR A 41 -5.93 -4.85 -4.40
CA THR A 41 -4.93 -4.91 -3.33
C THR A 41 -4.78 -3.55 -2.65
N CYS A 42 -4.63 -2.51 -3.45
CA CYS A 42 -4.47 -1.16 -2.93
C CYS A 42 -5.81 -0.60 -2.45
N ASP A 43 -5.75 0.46 -1.65
CA ASP A 43 -6.95 1.09 -1.12
C ASP A 43 -7.29 2.36 -1.90
N TYR A 44 -6.89 2.40 -3.17
CA TYR A 44 -7.14 3.55 -4.02
C TYR A 44 -8.63 3.66 -4.36
N ALA A 45 -9.07 4.88 -4.66
CA ALA A 45 -10.47 5.12 -5.00
C ALA A 45 -10.57 5.97 -6.28
N ALA A 46 -11.67 5.78 -7.00
CA ALA A 46 -11.90 6.52 -8.24
C ALA A 46 -13.39 6.66 -8.53
N ALA A 47 -13.79 7.82 -9.04
CA ALA A 47 -15.18 8.07 -9.36
C ALA A 47 -15.55 7.50 -10.73
N ASP A 48 -14.69 7.75 -11.71
CA ASP A 48 -14.92 7.26 -13.07
C ASP A 48 -14.07 6.02 -13.35
N SER A 49 -14.39 5.32 -14.44
CA SER A 49 -13.67 4.12 -14.81
C SER A 49 -12.22 4.45 -15.16
N SER A 50 -12.03 5.25 -16.21
CA SER A 50 -10.71 5.64 -16.65
C SER A 50 -9.83 6.04 -15.47
N SER A 51 -10.38 6.88 -14.59
CA SER A 51 -9.65 7.35 -13.42
C SER A 51 -8.93 6.18 -12.72
N LEU A 52 -9.59 5.02 -12.69
CA LEU A 52 -9.02 3.84 -12.07
C LEU A 52 -8.04 3.14 -13.01
N ASN A 53 -8.45 2.97 -14.26
CA ASN A 53 -7.60 2.33 -15.26
C ASN A 53 -6.18 2.85 -15.19
N LYS A 54 -6.03 4.09 -14.73
CA LYS A 54 -4.71 4.71 -14.61
C LYS A 54 -3.92 4.09 -13.46
N HIS A 55 -4.61 3.84 -12.35
CA HIS A 55 -3.96 3.24 -11.18
C HIS A 55 -3.49 1.83 -11.48
N LEU A 56 -4.34 1.04 -12.13
CA LEU A 56 -4.00 -0.33 -12.49
C LEU A 56 -2.65 -0.41 -13.18
N ARG A 57 -2.45 0.45 -14.17
CA ARG A 57 -1.19 0.49 -14.91
C ARG A 57 0.00 0.46 -13.96
N ILE A 58 -0.07 1.27 -12.91
CA ILE A 58 1.00 1.35 -11.91
C ILE A 58 1.64 -0.03 -11.70
N HIS A 59 0.81 -1.06 -11.64
CA HIS A 59 1.30 -2.42 -11.44
C HIS A 59 1.69 -3.05 -12.77
N SER A 60 2.93 -2.83 -13.19
CA SER A 60 3.42 -3.38 -14.45
C SER A 60 4.03 -4.76 -14.24
N ASP A 61 3.43 -5.77 -14.87
CA ASP A 61 3.91 -7.14 -14.76
C ASP A 61 5.35 -7.25 -15.23
N GLU A 62 5.66 -6.60 -16.36
CA GLU A 62 7.01 -6.63 -16.92
C GLU A 62 8.05 -6.33 -15.83
N ARG A 63 8.98 -7.25 -15.66
CA ARG A 63 10.04 -7.09 -14.66
C ARG A 63 10.45 -5.63 -14.53
N PRO A 64 9.88 -4.95 -13.52
CA PRO A 64 10.18 -3.53 -13.27
C PRO A 64 11.60 -3.32 -12.76
N PHE A 65 12.03 -4.17 -11.85
CA PHE A 65 13.37 -4.07 -11.28
C PHE A 65 14.44 -4.22 -12.37
N LYS A 66 15.26 -3.19 -12.51
CA LYS A 66 16.32 -3.20 -13.52
C LYS A 66 17.67 -2.86 -12.88
N CYS A 67 18.74 -3.41 -13.44
CA CYS A 67 20.09 -3.16 -12.93
C CYS A 67 20.76 -2.04 -13.72
N GLN A 68 21.56 -1.24 -13.01
CA GLN A 68 22.27 -0.13 -13.64
C GLN A 68 23.46 -0.62 -14.45
N ILE A 69 24.37 -1.31 -13.77
CA ILE A 69 25.57 -1.85 -14.42
C ILE A 69 25.20 -2.60 -15.71
N CYS A 70 24.34 -3.59 -15.57
CA CYS A 70 23.90 -4.39 -16.72
C CYS A 70 22.42 -4.16 -17.01
N PRO A 71 22.04 -4.35 -18.28
CA PRO A 71 20.65 -4.17 -18.72
C PRO A 71 19.74 -5.26 -18.18
N TYR A 72 20.29 -6.14 -17.35
CA TYR A 72 19.52 -7.23 -16.76
C TYR A 72 18.20 -6.71 -16.18
N ALA A 73 17.31 -7.64 -15.83
CA ALA A 73 16.03 -7.29 -15.26
C ALA A 73 15.37 -8.48 -14.58
N SER A 74 14.72 -8.23 -13.44
CA SER A 74 14.06 -9.30 -12.68
C SER A 74 12.69 -8.85 -12.20
N ARG A 75 11.88 -9.80 -11.79
CA ARG A 75 10.53 -9.51 -11.30
C ARG A 75 10.52 -9.38 -9.78
N ASN A 76 11.18 -10.32 -9.11
CA ASN A 76 11.24 -10.32 -7.65
C ASN A 76 12.43 -9.50 -7.17
N SER A 77 12.43 -9.18 -5.88
CA SER A 77 13.52 -8.40 -5.29
C SER A 77 14.73 -9.28 -5.00
N SER A 78 14.48 -10.44 -4.40
CA SER A 78 15.55 -11.38 -4.06
C SER A 78 16.39 -11.69 -5.29
N GLN A 79 15.73 -11.90 -6.42
CA GLN A 79 16.41 -12.21 -7.67
C GLN A 79 17.41 -11.12 -8.03
N LEU A 80 17.00 -9.87 -7.88
CA LEU A 80 17.85 -8.73 -8.20
C LEU A 80 18.96 -8.58 -7.15
N THR A 81 18.59 -8.71 -5.88
CA THR A 81 19.54 -8.59 -4.78
C THR A 81 20.67 -9.61 -4.93
N VAL A 82 20.30 -10.86 -5.17
CA VAL A 82 21.28 -11.93 -5.32
C VAL A 82 22.19 -11.66 -6.52
N HIS A 83 21.62 -11.09 -7.58
CA HIS A 83 22.38 -10.78 -8.78
C HIS A 83 23.26 -9.56 -8.57
N LEU A 84 22.82 -8.65 -7.70
CA LEU A 84 23.58 -7.44 -7.41
C LEU A 84 24.92 -7.77 -6.79
N ARG A 85 24.90 -8.36 -5.59
CA ARG A 85 26.12 -8.73 -4.89
C ARG A 85 27.13 -9.35 -5.84
N SER A 86 26.63 -10.06 -6.85
CA SER A 86 27.48 -10.71 -7.83
C SER A 86 28.44 -9.72 -8.46
N HIS A 87 27.92 -8.55 -8.83
CA HIS A 87 28.73 -7.51 -9.45
C HIS A 87 29.87 -7.09 -8.53
N THR A 88 30.91 -7.92 -8.46
CA THR A 88 32.06 -7.62 -7.61
C THR A 88 33.28 -8.42 -8.06
N GLY A 89 34.46 -7.88 -7.78
CA GLY A 89 35.70 -8.54 -8.16
C GLY A 89 36.93 -7.81 -7.69
N ASP A 90 36.95 -6.49 -7.91
CA ASP A 90 38.09 -5.68 -7.51
C ASP A 90 37.64 -4.57 -6.55
N SER A 91 38.48 -4.29 -5.55
CA SER A 91 38.16 -3.27 -4.56
C SER A 91 39.34 -3.04 -3.62
N GLY A 92 39.20 -2.08 -2.71
CA GLY A 92 40.26 -1.78 -1.77
C GLY A 92 40.01 -0.52 -0.98
N PRO A 93 40.44 -0.50 0.28
CA PRO A 93 40.25 0.65 1.17
C PRO A 93 41.12 1.84 0.76
N SER A 94 40.47 2.89 0.26
CA SER A 94 41.19 4.09 -0.16
C SER A 94 40.33 5.33 0.03
N SER A 95 40.92 6.50 -0.21
CA SER A 95 40.20 7.77 -0.06
C SER A 95 39.87 8.02 1.40
N GLY A 96 40.84 7.78 2.28
CA GLY A 96 40.64 8.00 3.70
C GLY A 96 39.92 9.30 3.98
N GLY A 1 -32.99 34.55 15.96
CA GLY A 1 -32.33 33.28 16.19
C GLY A 1 -30.96 33.22 15.53
N SER A 2 -30.86 32.44 14.46
CA SER A 2 -29.61 32.29 13.74
C SER A 2 -28.52 31.75 14.66
N SER A 3 -28.85 30.71 15.42
CA SER A 3 -27.91 30.10 16.34
C SER A 3 -26.57 29.82 15.66
N GLY A 4 -26.59 28.95 14.66
CA GLY A 4 -25.38 28.62 13.93
C GLY A 4 -24.73 27.36 14.46
N SER A 5 -23.67 26.92 13.78
CA SER A 5 -22.96 25.71 14.18
C SER A 5 -21.67 25.54 13.37
N SER A 6 -20.83 24.61 13.79
CA SER A 6 -19.58 24.35 13.10
C SER A 6 -19.71 23.18 12.13
N GLY A 7 -18.65 22.90 11.38
CA GLY A 7 -18.67 21.81 10.43
C GLY A 7 -17.29 21.30 10.10
N PRO A 8 -16.75 20.43 10.97
CA PRO A 8 -15.42 19.85 10.79
C PRO A 8 -15.37 18.87 9.63
N HIS A 9 -14.31 18.05 9.59
CA HIS A 9 -14.16 17.06 8.53
C HIS A 9 -15.18 15.95 8.67
N LYS A 10 -16.25 16.02 7.88
CA LYS A 10 -17.30 15.02 7.91
C LYS A 10 -17.29 14.17 6.65
N CYS A 11 -17.17 12.85 6.81
CA CYS A 11 -17.15 11.94 5.68
C CYS A 11 -18.27 12.25 4.71
N GLU A 12 -18.24 11.60 3.54
CA GLU A 12 -19.26 11.80 2.52
C GLU A 12 -20.00 10.51 2.22
N VAL A 13 -19.24 9.44 2.01
CA VAL A 13 -19.83 8.14 1.70
C VAL A 13 -20.87 7.75 2.74
N CYS A 14 -20.57 8.04 4.01
CA CYS A 14 -21.49 7.72 5.11
C CYS A 14 -21.91 8.99 5.84
N GLY A 15 -20.94 9.85 6.15
CA GLY A 15 -21.23 11.08 6.84
C GLY A 15 -21.02 10.97 8.34
N LYS A 16 -19.80 10.62 8.74
CA LYS A 16 -19.47 10.47 10.15
C LYS A 16 -18.58 11.61 10.63
N CYS A 17 -18.48 11.77 11.94
CA CYS A 17 -17.65 12.83 12.51
C CYS A 17 -16.27 12.31 12.86
N PHE A 18 -15.26 13.14 12.67
CA PHE A 18 -13.88 12.75 12.97
C PHE A 18 -13.07 13.95 13.46
N SER A 19 -12.18 13.70 14.42
CA SER A 19 -11.35 14.77 14.98
C SER A 19 -10.05 14.92 14.19
N ARG A 20 -9.28 13.84 14.10
CA ARG A 20 -8.03 13.86 13.37
C ARG A 20 -8.26 13.66 11.88
N LYS A 21 -7.33 14.17 11.07
CA LYS A 21 -7.43 14.05 9.61
C LYS A 21 -7.00 12.66 9.15
N ASP A 22 -5.82 12.25 9.58
CA ASP A 22 -5.28 10.94 9.21
C ASP A 22 -6.36 9.86 9.33
N LYS A 23 -7.13 9.93 10.40
CA LYS A 23 -8.20 8.96 10.63
C LYS A 23 -8.99 8.70 9.35
N LEU A 24 -9.55 9.77 8.79
CA LEU A 24 -10.33 9.67 7.55
C LEU A 24 -9.66 8.71 6.56
N LYS A 25 -8.38 8.97 6.28
CA LYS A 25 -7.62 8.14 5.35
C LYS A 25 -8.01 6.67 5.50
N THR A 26 -7.70 6.10 6.66
CA THR A 26 -8.02 4.70 6.92
C THR A 26 -9.53 4.48 6.97
N HIS A 27 -10.23 5.36 7.67
CA HIS A 27 -11.68 5.26 7.79
C HIS A 27 -12.30 4.76 6.50
N MET A 28 -11.65 5.08 5.37
CA MET A 28 -12.15 4.66 4.07
C MET A 28 -11.89 3.17 3.83
N ARG A 29 -10.69 2.72 4.21
CA ARG A 29 -10.32 1.33 4.03
C ARG A 29 -11.47 0.40 4.42
N CYS A 30 -12.09 0.68 5.57
CA CYS A 30 -13.20 -0.12 6.04
C CYS A 30 -14.37 -0.08 5.07
N HIS A 31 -14.82 1.13 4.75
CA HIS A 31 -15.94 1.32 3.83
C HIS A 31 -15.90 0.25 2.73
N THR A 32 -17.04 -0.40 2.51
CA THR A 32 -17.14 -1.43 1.48
C THR A 32 -18.60 -1.72 1.13
N GLY A 33 -18.83 -2.22 -0.07
CA GLY A 33 -20.17 -2.54 -0.50
C GLY A 33 -20.30 -2.63 -2.02
N VAL A 34 -21.50 -2.44 -2.53
CA VAL A 34 -21.74 -2.51 -3.96
C VAL A 34 -21.03 -1.38 -4.70
N LYS A 35 -19.71 -1.49 -4.80
CA LYS A 35 -18.90 -0.49 -5.47
C LYS A 35 -18.31 -1.05 -6.77
N PRO A 36 -18.68 -0.41 -7.90
CA PRO A 36 -18.19 -0.82 -9.22
C PRO A 36 -16.70 -0.53 -9.42
N TYR A 37 -16.15 0.29 -8.54
CA TYR A 37 -14.74 0.65 -8.60
C TYR A 37 -13.94 -0.06 -7.53
N LYS A 38 -13.50 -1.28 -7.84
CA LYS A 38 -12.72 -2.08 -6.89
C LYS A 38 -11.45 -2.60 -7.55
N CYS A 39 -10.38 -2.72 -6.76
CA CYS A 39 -9.10 -3.20 -7.26
C CYS A 39 -9.10 -4.73 -7.33
N LYS A 40 -8.73 -5.27 -8.48
CA LYS A 40 -8.67 -6.70 -8.68
C LYS A 40 -7.75 -7.36 -7.66
N THR A 41 -6.68 -6.66 -7.29
CA THR A 41 -5.73 -7.17 -6.32
C THR A 41 -6.15 -6.83 -4.90
N CYS A 42 -6.27 -5.53 -4.62
CA CYS A 42 -6.68 -5.08 -3.30
C CYS A 42 -8.15 -5.39 -3.03
N ASP A 43 -8.63 -5.00 -1.85
CA ASP A 43 -10.02 -5.24 -1.48
C ASP A 43 -10.67 -3.94 -0.99
N TYR A 44 -10.35 -2.84 -1.65
CA TYR A 44 -10.91 -1.54 -1.28
C TYR A 44 -12.10 -1.19 -2.17
N ALA A 45 -13.17 -0.71 -1.53
CA ALA A 45 -14.38 -0.33 -2.26
C ALA A 45 -14.46 1.18 -2.45
N ALA A 46 -14.54 1.63 -3.69
CA ALA A 46 -14.63 3.05 -3.99
C ALA A 46 -16.02 3.42 -4.50
N ALA A 47 -16.65 4.38 -3.84
CA ALA A 47 -17.98 4.83 -4.23
C ALA A 47 -17.91 6.06 -5.12
N ASP A 48 -16.88 6.12 -5.96
CA ASP A 48 -16.70 7.25 -6.87
C ASP A 48 -15.55 6.98 -7.84
N SER A 49 -15.49 7.77 -8.91
CA SER A 49 -14.46 7.62 -9.92
C SER A 49 -13.11 8.14 -9.40
N SER A 50 -13.13 9.35 -8.86
CA SER A 50 -11.92 9.97 -8.33
C SER A 50 -11.35 9.15 -7.17
N SER A 51 -12.22 8.70 -6.29
CA SER A 51 -11.82 7.91 -5.14
C SER A 51 -10.87 6.80 -5.56
N LEU A 52 -11.26 6.04 -6.58
CA LEU A 52 -10.44 4.94 -7.09
C LEU A 52 -9.26 5.47 -7.90
N ASN A 53 -9.53 6.43 -8.76
CA ASN A 53 -8.48 7.02 -9.60
C ASN A 53 -7.25 7.37 -8.77
N LYS A 54 -7.47 8.00 -7.62
CA LYS A 54 -6.37 8.37 -6.73
C LYS A 54 -5.73 7.13 -6.12
N HIS A 55 -6.46 6.04 -6.10
CA HIS A 55 -5.95 4.78 -5.54
C HIS A 55 -5.05 4.07 -6.53
N LEU A 56 -5.57 3.79 -7.72
CA LEU A 56 -4.81 3.12 -8.76
C LEU A 56 -3.42 3.72 -8.89
N ARG A 57 -3.27 4.95 -8.43
CA ARG A 57 -1.97 5.64 -8.49
C ARG A 57 -0.92 4.90 -7.67
N ILE A 58 -1.19 4.74 -6.38
CA ILE A 58 -0.27 4.05 -5.50
C ILE A 58 0.39 2.87 -6.20
N HIS A 59 -0.37 2.20 -7.07
CA HIS A 59 0.14 1.05 -7.82
C HIS A 59 1.21 1.48 -8.81
N SER A 60 1.71 0.52 -9.58
CA SER A 60 2.75 0.80 -10.57
C SER A 60 3.95 1.46 -9.93
N ASP A 61 4.32 0.99 -8.74
CA ASP A 61 5.47 1.53 -8.02
C ASP A 61 6.47 0.43 -7.70
N GLU A 62 6.00 -0.63 -7.07
CA GLU A 62 6.86 -1.76 -6.71
C GLU A 62 7.91 -2.00 -7.78
N ARG A 63 9.04 -2.60 -7.38
CA ARG A 63 10.12 -2.89 -8.31
C ARG A 63 9.63 -3.78 -9.45
N PRO A 64 10.07 -3.47 -10.67
CA PRO A 64 9.69 -4.22 -11.87
C PRO A 64 10.32 -5.61 -11.90
N PHE A 65 11.54 -5.71 -11.38
CA PHE A 65 12.25 -6.98 -11.34
C PHE A 65 12.03 -7.70 -10.02
N LYS A 66 11.68 -8.98 -10.09
CA LYS A 66 11.44 -9.77 -8.89
C LYS A 66 12.18 -11.12 -8.97
N CYS A 67 12.69 -11.56 -7.83
CA CYS A 67 13.41 -12.84 -7.78
C CYS A 67 12.46 -13.99 -7.51
N GLN A 68 12.65 -15.09 -8.24
CA GLN A 68 11.80 -16.26 -8.07
C GLN A 68 12.02 -16.91 -6.71
N ILE A 69 13.25 -17.35 -6.46
CA ILE A 69 13.59 -17.99 -5.19
C ILE A 69 13.10 -17.17 -4.02
N CYS A 70 13.67 -15.98 -3.85
CA CYS A 70 13.28 -15.09 -2.75
C CYS A 70 12.42 -13.93 -3.27
N PRO A 71 11.58 -13.39 -2.39
CA PRO A 71 10.68 -12.28 -2.73
C PRO A 71 11.44 -10.98 -2.95
N TYR A 72 12.76 -11.05 -2.90
CA TYR A 72 13.61 -9.88 -3.09
C TYR A 72 13.10 -9.03 -4.26
N ALA A 73 13.61 -7.81 -4.35
CA ALA A 73 13.21 -6.89 -5.42
C ALA A 73 14.30 -5.85 -5.68
N SER A 74 14.49 -5.50 -6.94
CA SER A 74 15.49 -4.52 -7.33
C SER A 74 15.03 -3.69 -8.52
N ARG A 75 15.40 -2.42 -8.54
CA ARG A 75 15.01 -1.53 -9.63
C ARG A 75 15.90 -1.75 -10.84
N ASN A 76 17.21 -1.76 -10.63
CA ASN A 76 18.17 -1.97 -11.71
C ASN A 76 18.19 -3.43 -12.14
N SER A 77 18.88 -3.69 -13.25
CA SER A 77 18.98 -5.05 -13.78
C SER A 77 20.20 -5.76 -13.21
N SER A 78 21.36 -5.12 -13.33
CA SER A 78 22.60 -5.70 -12.83
C SER A 78 22.45 -6.15 -11.38
N GLN A 79 22.11 -5.22 -10.50
CA GLN A 79 21.94 -5.53 -9.09
C GLN A 79 21.27 -6.89 -8.91
N LEU A 80 20.14 -7.10 -9.59
CA LEU A 80 19.42 -8.36 -9.50
C LEU A 80 20.25 -9.51 -10.09
N THR A 81 20.88 -9.24 -11.23
CA THR A 81 21.70 -10.26 -11.90
C THR A 81 22.70 -10.88 -10.92
N VAL A 82 23.42 -10.03 -10.20
CA VAL A 82 24.41 -10.51 -9.24
C VAL A 82 23.73 -11.11 -8.01
N HIS A 83 22.66 -10.46 -7.55
CA HIS A 83 21.92 -10.94 -6.38
C HIS A 83 21.62 -12.43 -6.51
N LEU A 84 21.20 -12.85 -7.70
CA LEU A 84 20.88 -14.25 -7.95
C LEU A 84 22.04 -15.16 -7.54
N ARG A 85 23.23 -14.85 -8.06
CA ARG A 85 24.42 -15.63 -7.75
C ARG A 85 24.44 -16.02 -6.28
N SER A 86 24.12 -15.07 -5.41
CA SER A 86 24.12 -15.31 -3.97
C SER A 86 23.51 -16.67 -3.66
N HIS A 87 22.42 -17.00 -4.33
CA HIS A 87 21.74 -18.27 -4.11
C HIS A 87 22.59 -19.43 -4.64
N THR A 88 23.49 -19.91 -3.79
CA THR A 88 24.37 -21.02 -4.17
C THR A 88 23.75 -22.37 -3.80
N GLY A 89 23.18 -22.44 -2.60
CA GLY A 89 22.55 -23.67 -2.15
C GLY A 89 21.50 -23.43 -1.09
N ASP A 90 20.36 -24.11 -1.23
CA ASP A 90 19.26 -23.96 -0.28
C ASP A 90 19.79 -23.89 1.15
N SER A 91 19.24 -22.96 1.93
CA SER A 91 19.66 -22.78 3.31
C SER A 91 19.04 -23.84 4.21
N GLY A 92 19.84 -24.84 4.57
CA GLY A 92 19.36 -25.91 5.43
C GLY A 92 19.07 -27.18 4.67
N PRO A 93 19.20 -28.32 5.34
CA PRO A 93 18.97 -29.64 4.73
C PRO A 93 17.49 -29.88 4.44
N SER A 94 16.65 -28.94 4.86
CA SER A 94 15.20 -29.05 4.65
C SER A 94 14.79 -28.32 3.37
N SER A 95 14.60 -29.08 2.29
CA SER A 95 14.21 -28.50 1.01
C SER A 95 12.72 -28.71 0.77
N GLY A 96 12.05 -27.63 0.36
CA GLY A 96 10.63 -27.71 0.09
C GLY A 96 10.32 -28.27 -1.28
N GLY A 1 8.97 -25.16 23.63
CA GLY A 1 9.16 -23.94 22.87
C GLY A 1 7.92 -23.07 22.86
N SER A 2 8.10 -21.79 22.55
CA SER A 2 6.99 -20.84 22.52
C SER A 2 7.35 -19.60 21.70
N SER A 3 6.37 -18.73 21.50
CA SER A 3 6.58 -17.51 20.74
C SER A 3 5.38 -16.58 20.85
N GLY A 4 5.56 -15.33 20.44
CA GLY A 4 4.48 -14.36 20.50
C GLY A 4 4.47 -13.43 19.30
N SER A 5 3.44 -12.59 19.22
CA SER A 5 3.31 -11.65 18.11
C SER A 5 2.33 -10.53 18.46
N SER A 6 2.41 -9.44 17.72
CA SER A 6 1.54 -8.29 17.95
C SER A 6 0.73 -7.96 16.70
N GLY A 7 -0.35 -7.19 16.88
CA GLY A 7 -1.18 -6.82 15.76
C GLY A 7 -1.50 -5.34 15.74
N PRO A 8 -0.58 -4.53 15.20
CA PRO A 8 -0.75 -3.08 15.11
C PRO A 8 -1.83 -2.68 14.11
N HIS A 9 -2.21 -1.41 14.14
CA HIS A 9 -3.24 -0.89 13.23
C HIS A 9 -2.72 0.31 12.45
N LYS A 10 -2.72 0.19 11.13
CA LYS A 10 -2.25 1.28 10.27
C LYS A 10 -3.29 1.62 9.21
N CYS A 11 -3.87 2.81 9.31
CA CYS A 11 -4.87 3.26 8.36
C CYS A 11 -4.35 3.18 6.93
N GLU A 12 -5.01 2.37 6.11
CA GLU A 12 -4.60 2.21 4.72
C GLU A 12 -5.37 3.18 3.82
N VAL A 13 -6.65 3.35 4.10
CA VAL A 13 -7.49 4.24 3.31
C VAL A 13 -6.79 5.56 3.03
N CYS A 14 -6.09 6.08 4.04
CA CYS A 14 -5.37 7.35 3.91
C CYS A 14 -3.86 7.11 3.99
N GLY A 15 -3.46 6.12 4.77
CA GLY A 15 -2.05 5.82 4.92
C GLY A 15 -1.46 6.40 6.19
N LYS A 16 -2.25 6.44 7.25
CA LYS A 16 -1.81 6.98 8.53
C LYS A 16 -1.59 5.86 9.55
N CYS A 17 -0.89 6.19 10.64
CA CYS A 17 -0.62 5.20 11.68
C CYS A 17 -0.95 5.78 13.06
N PHE A 18 -1.39 4.91 13.96
CA PHE A 18 -1.74 5.33 15.32
C PHE A 18 -1.40 4.23 16.33
N SER A 19 -1.19 4.65 17.57
CA SER A 19 -0.85 3.70 18.64
C SER A 19 -2.07 3.37 19.48
N ARG A 20 -2.84 4.40 19.84
CA ARG A 20 -4.04 4.22 20.64
C ARG A 20 -5.12 3.50 19.84
N LYS A 21 -5.93 2.69 20.53
CA LYS A 21 -7.00 1.95 19.88
C LYS A 21 -8.26 2.81 19.74
N ASP A 22 -8.31 3.90 20.51
CA ASP A 22 -9.45 4.80 20.46
C ASP A 22 -9.23 5.88 19.41
N LYS A 23 -8.09 6.55 19.47
CA LYS A 23 -7.77 7.61 18.52
C LYS A 23 -8.07 7.17 17.09
N LEU A 24 -7.89 5.89 16.82
CA LEU A 24 -8.15 5.34 15.49
C LEU A 24 -9.64 5.14 15.27
N LYS A 25 -10.30 4.56 16.26
CA LYS A 25 -11.74 4.32 16.18
C LYS A 25 -12.44 5.43 15.40
N THR A 26 -12.21 6.67 15.82
CA THR A 26 -12.82 7.82 15.17
C THR A 26 -12.08 8.18 13.89
N HIS A 27 -10.75 8.29 13.99
CA HIS A 27 -9.92 8.63 12.83
C HIS A 27 -10.55 8.08 11.54
N MET A 28 -11.13 6.89 11.63
CA MET A 28 -11.75 6.26 10.47
C MET A 28 -12.61 7.27 9.71
N ARG A 29 -13.48 7.97 10.43
CA ARG A 29 -14.36 8.96 9.82
C ARG A 29 -14.86 8.47 8.47
N CYS A 30 -15.31 7.22 8.42
CA CYS A 30 -15.82 6.63 7.18
C CYS A 30 -15.05 7.15 5.98
N HIS A 31 -13.72 7.03 6.03
CA HIS A 31 -12.88 7.49 4.94
C HIS A 31 -13.55 7.27 3.59
N THR A 32 -13.78 8.36 2.86
CA THR A 32 -14.42 8.29 1.56
C THR A 32 -14.41 9.65 0.87
N GLY A 33 -14.16 9.65 -0.44
CA GLY A 33 -14.13 10.89 -1.19
C GLY A 33 -14.08 10.66 -2.68
N VAL A 34 -13.80 11.71 -3.44
CA VAL A 34 -13.71 11.62 -4.90
C VAL A 34 -12.51 10.78 -5.33
N LYS A 35 -12.38 10.58 -6.63
CA LYS A 35 -11.26 9.81 -7.18
C LYS A 35 -10.89 8.67 -6.24
N PRO A 36 -11.89 7.84 -5.88
CA PRO A 36 -11.68 6.69 -5.00
C PRO A 36 -10.86 5.58 -5.65
N TYR A 37 -10.44 5.83 -6.89
CA TYR A 37 -9.65 4.85 -7.63
C TYR A 37 -8.21 5.33 -7.82
N LYS A 38 -7.29 4.72 -7.07
CA LYS A 38 -5.88 5.09 -7.14
C LYS A 38 -5.03 3.89 -7.52
N CYS A 39 -3.89 4.16 -8.16
CA CYS A 39 -2.98 3.09 -8.56
C CYS A 39 -2.43 2.35 -7.36
N LYS A 40 -2.13 1.07 -7.54
CA LYS A 40 -1.60 0.24 -6.46
C LYS A 40 -0.17 0.68 -6.11
N THR A 41 0.66 0.85 -7.13
CA THR A 41 2.04 1.26 -6.92
C THR A 41 2.19 2.77 -6.95
N CYS A 42 1.64 3.39 -7.99
CA CYS A 42 1.69 4.84 -8.15
C CYS A 42 0.73 5.52 -7.18
N ASP A 43 0.74 6.86 -7.20
CA ASP A 43 -0.14 7.62 -6.33
C ASP A 43 -1.02 8.57 -7.15
N TYR A 44 -1.56 8.06 -8.24
CA TYR A 44 -2.42 8.86 -9.11
C TYR A 44 -3.89 8.58 -8.83
N ALA A 45 -4.71 9.62 -8.87
CA ALA A 45 -6.14 9.49 -8.61
C ALA A 45 -6.93 9.51 -9.92
N ALA A 46 -7.89 8.61 -10.03
CA ALA A 46 -8.73 8.52 -11.22
C ALA A 46 -10.17 8.93 -10.93
N ALA A 47 -10.70 9.84 -11.73
CA ALA A 47 -12.08 10.31 -11.55
C ALA A 47 -13.03 9.15 -11.28
N ASP A 48 -13.08 8.21 -12.23
CA ASP A 48 -13.95 7.05 -12.11
C ASP A 48 -13.15 5.75 -12.22
N SER A 49 -13.85 4.62 -12.21
CA SER A 49 -13.19 3.32 -12.31
C SER A 49 -12.43 3.19 -13.62
N SER A 50 -13.11 3.47 -14.73
CA SER A 50 -12.50 3.37 -16.04
C SER A 50 -11.21 4.18 -16.10
N SER A 51 -11.30 5.46 -15.71
CA SER A 51 -10.13 6.34 -15.72
C SER A 51 -8.88 5.60 -15.25
N LEU A 52 -9.04 4.79 -14.22
CA LEU A 52 -7.93 4.02 -13.67
C LEU A 52 -7.53 2.88 -14.60
N ASN A 53 -8.54 2.17 -15.11
CA ASN A 53 -8.30 1.06 -16.01
C ASN A 53 -7.28 1.43 -17.09
N LYS A 54 -7.24 2.71 -17.43
CA LYS A 54 -6.31 3.21 -18.45
C LYS A 54 -4.92 3.39 -17.85
N HIS A 55 -4.86 3.75 -16.58
CA HIS A 55 -3.58 3.96 -15.91
C HIS A 55 -2.95 2.62 -15.52
N LEU A 56 -3.79 1.60 -15.34
CA LEU A 56 -3.31 0.28 -14.98
C LEU A 56 -2.71 -0.44 -16.19
N ARG A 57 -3.30 -0.22 -17.36
CA ARG A 57 -2.82 -0.84 -18.59
C ARG A 57 -1.37 -0.43 -18.88
N ILE A 58 -1.13 0.88 -18.87
CA ILE A 58 0.21 1.39 -19.13
C ILE A 58 1.28 0.49 -18.53
N HIS A 59 1.03 0.03 -17.30
CA HIS A 59 1.98 -0.85 -16.61
C HIS A 59 2.00 -2.23 -17.26
N SER A 60 3.00 -2.45 -18.11
CA SER A 60 3.14 -3.73 -18.80
C SER A 60 4.23 -4.57 -18.15
N ASP A 61 3.88 -5.21 -17.03
CA ASP A 61 4.83 -6.06 -16.32
C ASP A 61 6.25 -5.49 -16.40
N GLU A 62 6.35 -4.16 -16.33
CA GLU A 62 7.64 -3.49 -16.39
C GLU A 62 8.25 -3.36 -15.00
N ARG A 63 9.43 -3.95 -14.82
CA ARG A 63 10.12 -3.90 -13.54
C ARG A 63 9.20 -4.34 -12.40
N PRO A 64 8.59 -5.52 -12.56
CA PRO A 64 7.68 -6.08 -11.56
C PRO A 64 8.41 -6.51 -10.29
N PHE A 65 9.73 -6.41 -10.30
CA PHE A 65 10.55 -6.78 -9.15
C PHE A 65 11.01 -5.54 -8.39
N LYS A 66 10.52 -5.38 -7.16
CA LYS A 66 10.89 -4.25 -6.34
C LYS A 66 11.47 -4.71 -5.00
N CYS A 67 12.48 -4.00 -4.51
CA CYS A 67 13.10 -4.34 -3.24
C CYS A 67 12.36 -3.69 -2.08
N GLN A 68 12.48 -4.29 -0.90
CA GLN A 68 11.83 -3.77 0.29
C GLN A 68 12.73 -2.79 1.03
N ILE A 69 13.98 -3.20 1.28
CA ILE A 69 14.93 -2.35 1.97
C ILE A 69 15.16 -1.04 1.21
N CYS A 70 15.48 -1.16 -0.07
CA CYS A 70 15.72 0.01 -0.91
C CYS A 70 14.68 0.11 -2.02
N PRO A 71 14.44 1.34 -2.49
CA PRO A 71 13.47 1.60 -3.55
C PRO A 71 13.93 1.07 -4.90
N TYR A 72 15.07 0.39 -4.91
CA TYR A 72 15.62 -0.17 -6.14
C TYR A 72 14.60 -1.06 -6.83
N ALA A 73 14.85 -1.35 -8.11
CA ALA A 73 13.96 -2.20 -8.88
C ALA A 73 14.61 -2.64 -10.19
N SER A 74 14.25 -3.83 -10.66
CA SER A 74 14.81 -4.36 -11.90
C SER A 74 13.77 -5.22 -12.63
N ARG A 75 14.00 -5.43 -13.93
CA ARG A 75 13.09 -6.23 -14.74
C ARG A 75 13.35 -7.72 -14.55
N ASN A 76 14.63 -8.10 -14.62
CA ASN A 76 15.01 -9.49 -14.45
C ASN A 76 15.20 -9.84 -12.97
N SER A 77 14.92 -11.09 -12.63
CA SER A 77 15.04 -11.55 -11.26
C SER A 77 16.51 -11.64 -10.84
N SER A 78 17.30 -12.33 -11.66
CA SER A 78 18.72 -12.50 -11.38
C SER A 78 19.30 -11.24 -10.74
N GLN A 79 19.27 -10.15 -11.49
CA GLN A 79 19.80 -8.88 -11.00
C GLN A 79 19.37 -8.63 -9.55
N LEU A 80 18.08 -8.80 -9.28
CA LEU A 80 17.56 -8.59 -7.94
C LEU A 80 18.16 -9.60 -6.95
N THR A 81 18.27 -10.84 -7.39
CA THR A 81 18.83 -11.90 -6.55
C THR A 81 20.19 -11.49 -6.00
N VAL A 82 21.12 -11.18 -6.89
CA VAL A 82 22.47 -10.78 -6.49
C VAL A 82 22.43 -9.47 -5.72
N HIS A 83 21.54 -8.57 -6.12
CA HIS A 83 21.41 -7.27 -5.46
C HIS A 83 21.12 -7.45 -3.98
N LEU A 84 20.16 -8.32 -3.66
CA LEU A 84 19.79 -8.58 -2.28
C LEU A 84 20.91 -9.31 -1.54
N ARG A 85 21.63 -10.16 -2.26
CA ARG A 85 22.73 -10.92 -1.67
C ARG A 85 23.74 -9.99 -1.02
N SER A 86 23.70 -8.72 -1.41
CA SER A 86 24.63 -7.73 -0.86
C SER A 86 24.09 -7.15 0.44
N HIS A 87 22.83 -6.75 0.43
CA HIS A 87 22.20 -6.18 1.62
C HIS A 87 22.69 -6.88 2.88
N THR A 88 22.19 -8.09 3.10
CA THR A 88 22.57 -8.87 4.28
C THR A 88 24.05 -8.71 4.59
N GLY A 89 24.38 -8.61 5.88
CA GLY A 89 25.76 -8.45 6.28
C GLY A 89 25.89 -7.71 7.60
N ASP A 90 25.94 -8.46 8.70
CA ASP A 90 26.07 -7.86 10.02
C ASP A 90 27.39 -7.11 10.16
N SER A 91 27.38 -5.82 9.84
CA SER A 91 28.58 -5.00 9.92
C SER A 91 28.34 -3.77 10.77
N GLY A 92 28.52 -3.92 12.08
CA GLY A 92 28.32 -2.81 12.99
C GLY A 92 28.48 -3.22 14.45
N PRO A 93 28.19 -2.27 15.36
CA PRO A 93 28.30 -2.52 16.80
C PRO A 93 27.22 -3.48 17.30
N SER A 94 26.38 -3.96 16.40
CA SER A 94 25.31 -4.87 16.75
C SER A 94 25.17 -5.97 15.70
N SER A 95 25.12 -7.22 16.16
CA SER A 95 24.99 -8.35 15.26
C SER A 95 23.73 -8.25 14.42
N GLY A 96 22.58 -8.11 15.10
CA GLY A 96 21.32 -8.00 14.39
C GLY A 96 20.33 -7.13 15.14
N GLY A 1 12.11 -9.90 39.70
CA GLY A 1 10.70 -9.99 39.34
C GLY A 1 10.45 -9.64 37.89
N SER A 2 9.35 -8.92 37.64
CA SER A 2 9.00 -8.52 36.28
C SER A 2 8.54 -7.07 36.25
N SER A 3 8.84 -6.39 35.14
CA SER A 3 8.46 -4.99 34.99
C SER A 3 7.14 -4.86 34.21
N GLY A 4 7.02 -5.66 33.15
CA GLY A 4 5.81 -5.62 32.34
C GLY A 4 6.02 -4.96 31.00
N SER A 5 5.05 -5.09 30.11
CA SER A 5 5.15 -4.50 28.78
C SER A 5 3.76 -4.33 28.16
N SER A 6 3.69 -3.55 27.09
CA SER A 6 2.43 -3.29 26.41
C SER A 6 2.66 -2.98 24.93
N GLY A 7 1.59 -3.06 24.14
CA GLY A 7 1.69 -2.79 22.72
C GLY A 7 0.60 -1.87 22.22
N PRO A 8 0.97 -0.62 21.94
CA PRO A 8 0.02 0.39 21.45
C PRO A 8 -0.46 0.10 20.03
N HIS A 9 -1.63 0.63 19.68
CA HIS A 9 -2.19 0.43 18.35
C HIS A 9 -1.83 1.58 17.43
N LYS A 10 -1.06 1.30 16.39
CA LYS A 10 -0.64 2.31 15.44
C LYS A 10 -1.34 2.12 14.09
N CYS A 11 -1.81 3.21 13.50
CA CYS A 11 -2.50 3.16 12.22
C CYS A 11 -1.66 2.41 11.19
N GLU A 12 -2.21 2.27 9.99
CA GLU A 12 -1.51 1.57 8.91
C GLU A 12 -1.59 2.37 7.61
N VAL A 13 -2.70 3.07 7.41
CA VAL A 13 -2.91 3.88 6.21
C VAL A 13 -1.96 5.06 6.19
N CYS A 14 -1.74 5.68 7.34
CA CYS A 14 -0.87 6.83 7.45
C CYS A 14 0.33 6.52 8.36
N GLY A 15 0.05 5.88 9.48
CA GLY A 15 1.10 5.53 10.42
C GLY A 15 1.14 6.47 11.61
N LYS A 16 -0.02 6.75 12.19
CA LYS A 16 -0.11 7.62 13.35
C LYS A 16 -0.09 6.83 14.65
N CYS A 17 0.23 7.50 15.74
CA CYS A 17 0.29 6.85 17.05
C CYS A 17 -0.83 7.36 17.95
N PHE A 18 -1.37 6.48 18.79
CA PHE A 18 -2.44 6.84 19.70
C PHE A 18 -2.32 6.06 21.01
N SER A 19 -2.65 6.73 22.12
CA SER A 19 -2.57 6.09 23.43
C SER A 19 -3.61 4.98 23.56
N ARG A 20 -4.77 5.19 22.95
CA ARG A 20 -5.85 4.20 23.00
C ARG A 20 -6.31 3.84 21.60
N LYS A 21 -6.88 2.64 21.46
CA LYS A 21 -7.37 2.18 20.17
C LYS A 21 -8.73 2.80 19.83
N ASP A 22 -9.40 3.28 20.86
CA ASP A 22 -10.71 3.91 20.69
C ASP A 22 -10.62 5.12 19.77
N LYS A 23 -9.69 6.02 20.06
CA LYS A 23 -9.49 7.22 19.26
C LYS A 23 -9.45 6.89 17.78
N LEU A 24 -8.77 5.79 17.44
CA LEU A 24 -8.65 5.35 16.05
C LEU A 24 -10.02 5.26 15.40
N LYS A 25 -11.03 4.85 16.18
CA LYS A 25 -12.39 4.72 15.68
C LYS A 25 -12.78 5.94 14.83
N THR A 26 -12.37 7.12 15.29
CA THR A 26 -12.69 8.35 14.57
C THR A 26 -11.55 8.73 13.62
N HIS A 27 -10.32 8.44 14.02
CA HIS A 27 -9.16 8.74 13.20
C HIS A 27 -9.41 8.37 11.74
N MET A 28 -10.21 7.33 11.53
CA MET A 28 -10.54 6.87 10.18
C MET A 28 -11.31 7.94 9.41
N ARG A 29 -12.22 8.62 10.11
CA ARG A 29 -13.03 9.66 9.49
C ARG A 29 -12.19 10.53 8.58
N CYS A 30 -11.08 11.05 9.11
CA CYS A 30 -10.19 11.91 8.33
C CYS A 30 -9.82 11.26 7.01
N HIS A 31 -9.26 10.06 7.08
CA HIS A 31 -8.85 9.33 5.89
C HIS A 31 -10.00 9.25 4.89
N THR A 32 -9.66 9.20 3.60
CA THR A 32 -10.66 9.13 2.54
C THR A 32 -10.39 7.96 1.60
N GLY A 33 -11.44 7.44 0.99
CA GLY A 33 -11.29 6.33 0.07
C GLY A 33 -12.46 6.21 -0.88
N VAL A 34 -13.32 5.22 -0.66
CA VAL A 34 -14.48 5.00 -1.50
C VAL A 34 -14.13 5.17 -2.97
N LYS A 35 -12.89 4.82 -3.33
CA LYS A 35 -12.42 4.93 -4.71
C LYS A 35 -13.21 3.99 -5.62
N PRO A 36 -13.99 4.57 -6.55
CA PRO A 36 -14.80 3.80 -7.49
C PRO A 36 -13.95 3.08 -8.53
N TYR A 37 -12.87 3.73 -8.97
CA TYR A 37 -11.97 3.15 -9.96
C TYR A 37 -11.05 2.12 -9.31
N LYS A 38 -11.52 0.88 -9.25
CA LYS A 38 -10.73 -0.20 -8.66
C LYS A 38 -10.67 -1.41 -9.60
N CYS A 39 -9.47 -1.73 -10.06
CA CYS A 39 -9.27 -2.85 -10.96
C CYS A 39 -9.94 -4.11 -10.43
N LYS A 40 -10.15 -5.08 -11.30
CA LYS A 40 -10.79 -6.34 -10.91
C LYS A 40 -9.77 -7.29 -10.30
N THR A 41 -8.88 -7.82 -11.14
CA THR A 41 -7.86 -8.75 -10.68
C THR A 41 -6.99 -8.12 -9.59
N CYS A 42 -6.65 -6.85 -9.77
CA CYS A 42 -5.84 -6.13 -8.80
C CYS A 42 -6.71 -5.48 -7.73
N ASP A 43 -6.08 -4.80 -6.79
CA ASP A 43 -6.79 -4.11 -5.71
C ASP A 43 -6.46 -2.63 -5.69
N TYR A 44 -5.68 -2.18 -6.68
CA TYR A 44 -5.29 -0.78 -6.77
C TYR A 44 -6.50 0.13 -6.72
N ALA A 45 -6.36 1.24 -5.99
CA ALA A 45 -7.45 2.20 -5.85
C ALA A 45 -7.03 3.57 -6.37
N ALA A 46 -7.79 4.09 -7.35
CA ALA A 46 -7.50 5.39 -7.92
C ALA A 46 -8.63 6.38 -7.64
N ALA A 47 -8.28 7.65 -7.54
CA ALA A 47 -9.25 8.70 -7.27
C ALA A 47 -9.57 9.49 -8.53
N ASP A 48 -9.56 8.81 -9.67
CA ASP A 48 -9.84 9.45 -10.95
C ASP A 48 -9.92 8.42 -12.07
N SER A 49 -10.78 8.68 -13.05
CA SER A 49 -10.94 7.77 -14.18
C SER A 49 -9.61 7.53 -14.88
N SER A 50 -8.86 8.60 -15.11
CA SER A 50 -7.57 8.50 -15.78
C SER A 50 -6.55 7.80 -14.89
N SER A 51 -6.60 8.10 -13.59
CA SER A 51 -5.68 7.49 -12.63
C SER A 51 -5.68 5.97 -12.76
N LEU A 52 -6.79 5.42 -13.21
CA LEU A 52 -6.92 3.97 -13.38
C LEU A 52 -6.45 3.56 -14.76
N ASN A 53 -6.83 4.33 -15.77
CA ASN A 53 -6.44 4.03 -17.15
C ASN A 53 -4.93 3.81 -17.26
N LYS A 54 -4.19 4.41 -16.33
CA LYS A 54 -2.73 4.28 -16.32
C LYS A 54 -2.31 2.94 -15.73
N HIS A 55 -3.15 2.40 -14.86
CA HIS A 55 -2.86 1.12 -14.22
C HIS A 55 -3.08 -0.04 -15.19
N LEU A 56 -3.99 0.16 -16.14
CA LEU A 56 -4.29 -0.86 -17.13
C LEU A 56 -3.13 -1.05 -18.10
N ARG A 57 -2.27 -0.04 -18.18
CA ARG A 57 -1.12 -0.09 -19.07
C ARG A 57 -0.04 -1.01 -18.51
N ILE A 58 -0.07 -1.22 -17.20
CA ILE A 58 0.90 -2.09 -16.55
C ILE A 58 0.60 -3.56 -16.81
N HIS A 59 -0.68 -3.86 -17.03
CA HIS A 59 -1.10 -5.24 -17.30
C HIS A 59 -0.43 -5.77 -18.56
N SER A 60 -0.12 -4.87 -19.49
CA SER A 60 0.51 -5.27 -20.75
C SER A 60 2.03 -5.25 -20.61
N ASP A 61 2.52 -5.85 -19.53
CA ASP A 61 3.96 -5.91 -19.27
C ASP A 61 4.25 -6.80 -18.07
N GLU A 62 4.86 -7.95 -18.32
CA GLU A 62 5.20 -8.89 -17.25
C GLU A 62 6.71 -8.90 -17.00
N ARG A 63 7.12 -9.59 -15.95
CA ARG A 63 8.53 -9.69 -15.60
C ARG A 63 8.93 -11.14 -15.35
N PRO A 64 10.02 -11.57 -16.02
CA PRO A 64 10.53 -12.94 -15.89
C PRO A 64 11.14 -13.21 -14.51
N PHE A 65 11.88 -12.24 -14.00
CA PHE A 65 12.52 -12.36 -12.69
C PHE A 65 11.51 -12.10 -11.58
N LYS A 66 11.65 -12.84 -10.49
CA LYS A 66 10.77 -12.69 -9.34
C LYS A 66 11.49 -13.00 -8.04
N CYS A 67 11.05 -12.38 -6.95
CA CYS A 67 11.67 -12.58 -5.64
C CYS A 67 10.85 -13.57 -4.81
N GLN A 68 11.53 -14.29 -3.92
CA GLN A 68 10.86 -15.26 -3.07
C GLN A 68 10.24 -14.59 -1.86
N ILE A 69 11.08 -13.98 -1.03
CA ILE A 69 10.60 -13.29 0.17
C ILE A 69 9.41 -12.39 -0.14
N CYS A 70 9.53 -11.63 -1.23
CA CYS A 70 8.47 -10.73 -1.65
C CYS A 70 8.06 -10.99 -3.09
N PRO A 71 6.80 -10.67 -3.43
CA PRO A 71 6.27 -10.86 -4.77
C PRO A 71 6.88 -9.89 -5.78
N TYR A 72 7.83 -9.09 -5.32
CA TYR A 72 8.49 -8.12 -6.19
C TYR A 72 8.86 -8.74 -7.53
N ALA A 73 9.14 -7.90 -8.52
CA ALA A 73 9.50 -8.36 -9.85
C ALA A 73 10.32 -7.31 -10.60
N SER A 74 11.23 -7.77 -11.43
CA SER A 74 12.09 -6.87 -12.20
C SER A 74 12.23 -7.35 -13.64
N ARG A 75 12.68 -6.47 -14.51
CA ARG A 75 12.86 -6.80 -15.92
C ARG A 75 14.27 -7.31 -16.19
N ASN A 76 15.24 -6.76 -15.47
CA ASN A 76 16.63 -7.16 -15.63
C ASN A 76 17.11 -7.99 -14.44
N SER A 77 18.38 -8.35 -14.44
CA SER A 77 18.95 -9.14 -13.36
C SER A 77 19.44 -8.25 -12.21
N SER A 78 20.39 -7.36 -12.53
CA SER A 78 20.93 -6.45 -11.53
C SER A 78 19.85 -5.98 -10.57
N GLN A 79 18.91 -5.20 -11.08
CA GLN A 79 17.82 -4.68 -10.26
C GLN A 79 17.34 -5.73 -9.26
N LEU A 80 17.27 -6.97 -9.71
CA LEU A 80 16.83 -8.07 -8.85
C LEU A 80 17.92 -8.45 -7.85
N THR A 81 19.16 -8.48 -8.32
CA THR A 81 20.29 -8.82 -7.47
C THR A 81 20.47 -7.80 -6.35
N VAL A 82 20.43 -6.53 -6.71
CA VAL A 82 20.58 -5.45 -5.73
C VAL A 82 19.45 -5.48 -4.70
N HIS A 83 18.23 -5.76 -5.17
CA HIS A 83 17.08 -5.82 -4.30
C HIS A 83 17.18 -6.99 -3.33
N LEU A 84 17.61 -8.14 -3.83
CA LEU A 84 17.75 -9.33 -3.01
C LEU A 84 18.72 -9.08 -1.85
N ARG A 85 19.94 -8.67 -2.18
CA ARG A 85 20.95 -8.39 -1.17
C ARG A 85 20.51 -7.23 -0.27
N SER A 86 19.43 -6.57 -0.64
CA SER A 86 18.91 -5.44 0.12
C SER A 86 18.09 -5.93 1.31
N HIS A 87 17.46 -7.09 1.16
CA HIS A 87 16.65 -7.66 2.22
C HIS A 87 17.47 -7.85 3.49
N THR A 88 18.54 -8.62 3.40
CA THR A 88 19.40 -8.88 4.55
C THR A 88 19.61 -7.62 5.37
N GLY A 89 19.45 -6.46 4.73
CA GLY A 89 19.63 -5.21 5.43
C GLY A 89 18.34 -4.40 5.52
N ASP A 90 17.88 -4.15 6.73
CA ASP A 90 16.64 -3.40 6.95
C ASP A 90 16.92 -2.10 7.69
N SER A 91 17.11 -1.02 6.95
CA SER A 91 17.39 0.28 7.55
C SER A 91 16.21 1.23 7.36
N GLY A 92 15.74 1.34 6.13
CA GLY A 92 14.61 2.22 5.84
C GLY A 92 13.47 1.49 5.18
N PRO A 93 12.69 0.74 5.98
CA PRO A 93 11.55 -0.03 5.47
C PRO A 93 10.40 0.87 5.04
N SER A 94 10.45 2.13 5.45
CA SER A 94 9.40 3.10 5.10
C SER A 94 9.07 3.02 3.62
N SER A 95 7.82 2.67 3.33
CA SER A 95 7.35 2.56 1.94
C SER A 95 7.25 3.93 1.29
N GLY A 96 6.58 4.85 1.98
CA GLY A 96 6.42 6.19 1.45
C GLY A 96 4.96 6.59 1.32
#